data_3GQU
# 
_entry.id   3GQU 
# 
_audit_conform.dict_name       mmcif_pdbx.dic 
_audit_conform.dict_version    5.387 
_audit_conform.dict_location   http://mmcif.pdb.org/dictionaries/ascii/mmcif_pdbx.dic 
# 
loop_
_database_2.database_id 
_database_2.database_code 
_database_2.pdbx_database_accession 
_database_2.pdbx_DOI 
PDB   3GQU         pdb_00003gqu 10.2210/pdb3gqu/pdb 
RCSB  RCSB052199   ?            ?                   
WWPDB D_1000052199 ?            ?                   
# 
loop_
_pdbx_audit_revision_history.ordinal 
_pdbx_audit_revision_history.data_content_type 
_pdbx_audit_revision_history.major_revision 
_pdbx_audit_revision_history.minor_revision 
_pdbx_audit_revision_history.revision_date 
1 'Structure model' 1 0 2009-04-21 
2 'Structure model' 1 1 2011-07-13 
3 'Structure model' 1 2 2017-07-26 
4 'Structure model' 1 3 2024-02-21 
# 
_pdbx_audit_revision_details.ordinal             1 
_pdbx_audit_revision_details.revision_ordinal    1 
_pdbx_audit_revision_details.data_content_type   'Structure model' 
_pdbx_audit_revision_details.provider            repository 
_pdbx_audit_revision_details.type                'Initial release' 
_pdbx_audit_revision_details.description         ? 
_pdbx_audit_revision_details.details             ? 
# 
loop_
_pdbx_audit_revision_group.ordinal 
_pdbx_audit_revision_group.revision_ordinal 
_pdbx_audit_revision_group.data_content_type 
_pdbx_audit_revision_group.group 
1 2 'Structure model' 'Version format compliance' 
2 3 'Structure model' 'Data collection'           
3 3 'Structure model' 'Refinement description'    
4 3 'Structure model' 'Source and taxonomy'       
5 4 'Structure model' 'Data collection'           
6 4 'Structure model' 'Database references'       
7 4 'Structure model' 'Derived calculations'      
# 
loop_
_pdbx_audit_revision_category.ordinal 
_pdbx_audit_revision_category.revision_ordinal 
_pdbx_audit_revision_category.data_content_type 
_pdbx_audit_revision_category.category 
1 3 'Structure model' diffrn_detector    
2 3 'Structure model' entity_src_gen     
3 3 'Structure model' software           
4 4 'Structure model' chem_comp_atom     
5 4 'Structure model' chem_comp_bond     
6 4 'Structure model' database_2         
7 4 'Structure model' struct_ref_seq_dif 
8 4 'Structure model' struct_site        
# 
loop_
_pdbx_audit_revision_item.ordinal 
_pdbx_audit_revision_item.revision_ordinal 
_pdbx_audit_revision_item.data_content_type 
_pdbx_audit_revision_item.item 
1 3 'Structure model' '_diffrn_detector.detector'           
2 4 'Structure model' '_database_2.pdbx_DOI'                
3 4 'Structure model' '_database_2.pdbx_database_accession' 
4 4 'Structure model' '_struct_ref_seq_dif.details'         
5 4 'Structure model' '_struct_site.pdbx_auth_asym_id'      
6 4 'Structure model' '_struct_site.pdbx_auth_comp_id'      
7 4 'Structure model' '_struct_site.pdbx_auth_seq_id'       
# 
_pdbx_database_status.entry_id                        3GQU 
_pdbx_database_status.deposit_site                    RCSB 
_pdbx_database_status.process_site                    RCSB 
_pdbx_database_status.recvd_initial_deposition_date   2009-03-24 
_pdbx_database_status.status_code                     REL 
_pdbx_database_status.status_code_sf                  REL 
_pdbx_database_status.status_code_mr                  ? 
_pdbx_database_status.SG_entry                        ? 
_pdbx_database_status.pdb_format_compatible           Y 
_pdbx_database_status.status_code_cs                  ? 
_pdbx_database_status.methods_development_category    ? 
_pdbx_database_status.status_code_nmr_data            ? 
# 
_pdbx_database_related.db_name        PDB 
_pdbx_database_related.db_id          3GQX 
_pdbx_database_related.details        . 
_pdbx_database_related.content_type   unspecified 
# 
loop_
_audit_author.name 
_audit_author.pdbx_ordinal 
'Reyes, F.E.'  1 
'Hardin, J.W.' 2 
'Batey, R.T.'  3 
# 
_citation.id                        primary 
_citation.title                     
'Analysis of a Critical Interaction within the Archaeal Box C/D Small Ribonucleoprotein Complex' 
_citation.journal_abbrev            J.Biol.Chem. 
_citation.journal_volume            284 
_citation.page_first                15317 
_citation.page_last                 15324 
_citation.year                      2009 
_citation.journal_id_ASTM           JBCHA3 
_citation.country                   US 
_citation.journal_id_ISSN           0021-9258 
_citation.journal_id_CSD            0071 
_citation.book_publisher            ? 
_citation.pdbx_database_id_PubMed   19336398 
_citation.pdbx_database_id_DOI      10.1074/jbc.M901368200 
# 
loop_
_citation_author.citation_id 
_citation_author.name 
_citation_author.ordinal 
_citation_author.identifier_ORCID 
primary 'Hardin, J.W.' 1 ? 
primary 'Reyes, F.E.'  2 ? 
primary 'Batey, R.T.'  3 ? 
# 
loop_
_entity.id 
_entity.type 
_entity.src_method 
_entity.pdbx_description 
_entity.formula_weight 
_entity.pdbx_number_of_molecules 
_entity.pdbx_ec 
_entity.pdbx_mutation 
_entity.pdbx_fragment 
_entity.details 
1 polymer     man 'NOP5P PROTEIN' 18981.275 1  ? ? 'RNA BINDING DOMAIN' ? 
2 non-polymer syn 'IODIDE ION'    126.904   12 ? ? ?                    ? 
3 water       nat water           18.015    58 ? ? ?                    ? 
# 
_entity_poly.entity_id                      1 
_entity_poly.type                           'polypeptide(L)' 
_entity_poly.nstd_linkage                   no 
_entity_poly.nstd_monomer                   no 
_entity_poly.pdbx_seq_one_letter_code       
;GRMRIQEQSGARDKMVIGAGGLEDYIDKAMDDVAPNLKALVGAKLGARLISLAGGLKELAMLPSSTIQVLGAEKALFRHL
RTGAKPPKHGVIYQYPAINRSPWWQRGKIARALAGKLAIAARVDYFSGEYIAEELKKELEARIKEIKEKYPRPPKRRKEE
RKGRKPWKE
;
_entity_poly.pdbx_seq_one_letter_code_can   
;GRMRIQEQSGARDKMVIGAGGLEDYIDKAMDDVAPNLKALVGAKLGARLISLAGGLKELAMLPSSTIQVLGAEKALFRHL
RTGAKPPKHGVIYQYPAINRSPWWQRGKIARALAGKLAIAARVDYFSGEYIAEELKKELEARIKEIKEKYPRPPKRRKEE
RKGRKPWKE
;
_entity_poly.pdbx_strand_id                 A 
_entity_poly.pdbx_target_identifier         ? 
# 
loop_
_pdbx_entity_nonpoly.entity_id 
_pdbx_entity_nonpoly.name 
_pdbx_entity_nonpoly.comp_id 
2 'IODIDE ION' IOD 
3 water        HOH 
# 
loop_
_entity_poly_seq.entity_id 
_entity_poly_seq.num 
_entity_poly_seq.mon_id 
_entity_poly_seq.hetero 
1 1   GLY n 
1 2   ARG n 
1 3   MET n 
1 4   ARG n 
1 5   ILE n 
1 6   GLN n 
1 7   GLU n 
1 8   GLN n 
1 9   SER n 
1 10  GLY n 
1 11  ALA n 
1 12  ARG n 
1 13  ASP n 
1 14  LYS n 
1 15  MET n 
1 16  VAL n 
1 17  ILE n 
1 18  GLY n 
1 19  ALA n 
1 20  GLY n 
1 21  GLY n 
1 22  LEU n 
1 23  GLU n 
1 24  ASP n 
1 25  TYR n 
1 26  ILE n 
1 27  ASP n 
1 28  LYS n 
1 29  ALA n 
1 30  MET n 
1 31  ASP n 
1 32  ASP n 
1 33  VAL n 
1 34  ALA n 
1 35  PRO n 
1 36  ASN n 
1 37  LEU n 
1 38  LYS n 
1 39  ALA n 
1 40  LEU n 
1 41  VAL n 
1 42  GLY n 
1 43  ALA n 
1 44  LYS n 
1 45  LEU n 
1 46  GLY n 
1 47  ALA n 
1 48  ARG n 
1 49  LEU n 
1 50  ILE n 
1 51  SER n 
1 52  LEU n 
1 53  ALA n 
1 54  GLY n 
1 55  GLY n 
1 56  LEU n 
1 57  LYS n 
1 58  GLU n 
1 59  LEU n 
1 60  ALA n 
1 61  MET n 
1 62  LEU n 
1 63  PRO n 
1 64  SER n 
1 65  SER n 
1 66  THR n 
1 67  ILE n 
1 68  GLN n 
1 69  VAL n 
1 70  LEU n 
1 71  GLY n 
1 72  ALA n 
1 73  GLU n 
1 74  LYS n 
1 75  ALA n 
1 76  LEU n 
1 77  PHE n 
1 78  ARG n 
1 79  HIS n 
1 80  LEU n 
1 81  ARG n 
1 82  THR n 
1 83  GLY n 
1 84  ALA n 
1 85  LYS n 
1 86  PRO n 
1 87  PRO n 
1 88  LYS n 
1 89  HIS n 
1 90  GLY n 
1 91  VAL n 
1 92  ILE n 
1 93  TYR n 
1 94  GLN n 
1 95  TYR n 
1 96  PRO n 
1 97  ALA n 
1 98  ILE n 
1 99  ASN n 
1 100 ARG n 
1 101 SER n 
1 102 PRO n 
1 103 TRP n 
1 104 TRP n 
1 105 GLN n 
1 106 ARG n 
1 107 GLY n 
1 108 LYS n 
1 109 ILE n 
1 110 ALA n 
1 111 ARG n 
1 112 ALA n 
1 113 LEU n 
1 114 ALA n 
1 115 GLY n 
1 116 LYS n 
1 117 LEU n 
1 118 ALA n 
1 119 ILE n 
1 120 ALA n 
1 121 ALA n 
1 122 ARG n 
1 123 VAL n 
1 124 ASP n 
1 125 TYR n 
1 126 PHE n 
1 127 SER n 
1 128 GLY n 
1 129 GLU n 
1 130 TYR n 
1 131 ILE n 
1 132 ALA n 
1 133 GLU n 
1 134 GLU n 
1 135 LEU n 
1 136 LYS n 
1 137 LYS n 
1 138 GLU n 
1 139 LEU n 
1 140 GLU n 
1 141 ALA n 
1 142 ARG n 
1 143 ILE n 
1 144 LYS n 
1 145 GLU n 
1 146 ILE n 
1 147 LYS n 
1 148 GLU n 
1 149 LYS n 
1 150 TYR n 
1 151 PRO n 
1 152 ARG n 
1 153 PRO n 
1 154 PRO n 
1 155 LYS n 
1 156 ARG n 
1 157 ARG n 
1 158 LYS n 
1 159 GLU n 
1 160 GLU n 
1 161 ARG n 
1 162 LYS n 
1 163 GLY n 
1 164 ARG n 
1 165 LYS n 
1 166 PRO n 
1 167 TRP n 
1 168 LYS n 
1 169 GLU n 
# 
loop_
_entity_src_gen.entity_id 
_entity_src_gen.pdbx_src_id 
_entity_src_gen.pdbx_alt_source_flag 
_entity_src_gen.pdbx_seq_type 
_entity_src_gen.pdbx_beg_seq_num 
_entity_src_gen.pdbx_end_seq_num 
_entity_src_gen.gene_src_common_name 
_entity_src_gen.gene_src_genus 
_entity_src_gen.pdbx_gene_src_gene 
_entity_src_gen.gene_src_species 
_entity_src_gen.gene_src_strain 
_entity_src_gen.gene_src_tissue 
_entity_src_gen.gene_src_tissue_fraction 
_entity_src_gen.gene_src_details 
_entity_src_gen.pdbx_gene_src_fragment 
_entity_src_gen.pdbx_gene_src_scientific_name 
_entity_src_gen.pdbx_gene_src_ncbi_taxonomy_id 
_entity_src_gen.pdbx_gene_src_variant 
_entity_src_gen.pdbx_gene_src_cell_line 
_entity_src_gen.pdbx_gene_src_atcc 
_entity_src_gen.pdbx_gene_src_organ 
_entity_src_gen.pdbx_gene_src_organelle 
_entity_src_gen.pdbx_gene_src_cell 
_entity_src_gen.pdbx_gene_src_cellular_location 
_entity_src_gen.host_org_common_name 
_entity_src_gen.pdbx_host_org_scientific_name 
_entity_src_gen.pdbx_host_org_ncbi_taxonomy_id 
_entity_src_gen.host_org_genus 
_entity_src_gen.pdbx_host_org_gene 
_entity_src_gen.pdbx_host_org_organ 
_entity_src_gen.host_org_species 
_entity_src_gen.pdbx_host_org_tissue 
_entity_src_gen.pdbx_host_org_tissue_fraction 
_entity_src_gen.pdbx_host_org_strain 
_entity_src_gen.pdbx_host_org_variant 
_entity_src_gen.pdbx_host_org_cell_line 
_entity_src_gen.pdbx_host_org_atcc 
_entity_src_gen.pdbx_host_org_culture_collection 
_entity_src_gen.pdbx_host_org_cell 
_entity_src_gen.pdbx_host_org_organelle 
_entity_src_gen.pdbx_host_org_cellular_location 
_entity_src_gen.pdbx_host_org_vector_type 
_entity_src_gen.pdbx_host_org_vector 
_entity_src_gen.host_org_details 
_entity_src_gen.expression_system_id 
_entity_src_gen.plasmid_name 
_entity_src_gen.plasmid_details 
_entity_src_gen.pdbx_description 
1 1 sample ? 2  17  ? ? 'NOP5P, PH0053' ? ? ? ? ? ? 'Pyrococcus horikoshii' 53953 ? ? ? ? ? ? ? ? 'ESCHERICHIA COLI' 562 ? ? ? ? ? 
? 'ROSETTA BL21 (DE3) PLYSS' ? ? ? ? ? ? ? PLASMID ? ? ? PET41B ? ? 
1 2 sample ? 22 156 ? ? 'NOP5P, PH0053' ? ? ? ? ? ? 'Pyrococcus horikoshii' 53953 ? ? ? ? ? ? ? ? 'ESCHERICHIA COLI' 562 ? ? ? ? ? 
? 'ROSETTA BL21 (DE3) PLYSS' ? ? ? ? ? ? ? PLASMID ? ? ? PET41B ? ? 
# 
loop_
_chem_comp.id 
_chem_comp.type 
_chem_comp.mon_nstd_flag 
_chem_comp.name 
_chem_comp.pdbx_synonyms 
_chem_comp.formula 
_chem_comp.formula_weight 
ALA 'L-peptide linking' y ALANINE         ? 'C3 H7 N O2'     89.093  
ARG 'L-peptide linking' y ARGININE        ? 'C6 H15 N4 O2 1' 175.209 
ASN 'L-peptide linking' y ASPARAGINE      ? 'C4 H8 N2 O3'    132.118 
ASP 'L-peptide linking' y 'ASPARTIC ACID' ? 'C4 H7 N O4'     133.103 
GLN 'L-peptide linking' y GLUTAMINE       ? 'C5 H10 N2 O3'   146.144 
GLU 'L-peptide linking' y 'GLUTAMIC ACID' ? 'C5 H9 N O4'     147.129 
GLY 'peptide linking'   y GLYCINE         ? 'C2 H5 N O2'     75.067  
HIS 'L-peptide linking' y HISTIDINE       ? 'C6 H10 N3 O2 1' 156.162 
HOH non-polymer         . WATER           ? 'H2 O'           18.015  
ILE 'L-peptide linking' y ISOLEUCINE      ? 'C6 H13 N O2'    131.173 
IOD non-polymer         . 'IODIDE ION'    ? 'I -1'           126.904 
LEU 'L-peptide linking' y LEUCINE         ? 'C6 H13 N O2'    131.173 
LYS 'L-peptide linking' y LYSINE          ? 'C6 H15 N2 O2 1' 147.195 
MET 'L-peptide linking' y METHIONINE      ? 'C5 H11 N O2 S'  149.211 
PHE 'L-peptide linking' y PHENYLALANINE   ? 'C9 H11 N O2'    165.189 
PRO 'L-peptide linking' y PROLINE         ? 'C5 H9 N O2'     115.130 
SER 'L-peptide linking' y SERINE          ? 'C3 H7 N O3'     105.093 
THR 'L-peptide linking' y THREONINE       ? 'C4 H9 N O3'     119.119 
TRP 'L-peptide linking' y TRYPTOPHAN      ? 'C11 H12 N2 O2'  204.225 
TYR 'L-peptide linking' y TYROSINE        ? 'C9 H11 N O3'    181.189 
VAL 'L-peptide linking' y VALINE          ? 'C5 H11 N O2'    117.146 
# 
loop_
_pdbx_poly_seq_scheme.asym_id 
_pdbx_poly_seq_scheme.entity_id 
_pdbx_poly_seq_scheme.seq_id 
_pdbx_poly_seq_scheme.mon_id 
_pdbx_poly_seq_scheme.ndb_seq_num 
_pdbx_poly_seq_scheme.pdb_seq_num 
_pdbx_poly_seq_scheme.auth_seq_num 
_pdbx_poly_seq_scheme.pdb_mon_id 
_pdbx_poly_seq_scheme.auth_mon_id 
_pdbx_poly_seq_scheme.pdb_strand_id 
_pdbx_poly_seq_scheme.pdb_ins_code 
_pdbx_poly_seq_scheme.hetero 
A 1 1   GLY 1   222 ?   ?   ?   A . n 
A 1 2   ARG 2   223 ?   ?   ?   A . n 
A 1 3   MET 3   224 ?   ?   ?   A . n 
A 1 4   ARG 4   225 ?   ?   ?   A . n 
A 1 5   ILE 5   226 ?   ?   ?   A . n 
A 1 6   GLN 6   227 ?   ?   ?   A . n 
A 1 7   GLU 7   228 ?   ?   ?   A . n 
A 1 8   GLN 8   229 ?   ?   ?   A . n 
A 1 9   SER 9   230 ?   ?   ?   A . n 
A 1 10  GLY 10  231 ?   ?   ?   A . n 
A 1 11  ALA 11  232 ?   ?   ?   A . n 
A 1 12  ARG 12  233 ?   ?   ?   A . n 
A 1 13  ASP 13  234 ?   ?   ?   A . n 
A 1 14  LYS 14  235 ?   ?   ?   A . n 
A 1 15  MET 15  236 ?   ?   ?   A . n 
A 1 16  VAL 16  237 ?   ?   ?   A . n 
A 1 17  ILE 17  238 ?   ?   ?   A . n 
A 1 18  GLY 18  239 ?   ?   ?   A . n 
A 1 19  ALA 19  240 ?   ?   ?   A . n 
A 1 20  GLY 20  241 241 GLY GLY A . n 
A 1 21  GLY 21  242 242 GLY GLY A . n 
A 1 22  LEU 22  243 243 LEU LEU A . n 
A 1 23  GLU 23  244 244 GLU GLU A . n 
A 1 24  ASP 24  245 245 ASP ASP A . n 
A 1 25  TYR 25  246 246 TYR TYR A . n 
A 1 26  ILE 26  247 247 ILE ILE A . n 
A 1 27  ASP 27  248 248 ASP ASP A . n 
A 1 28  LYS 28  249 249 LYS LYS A . n 
A 1 29  ALA 29  250 250 ALA ALA A . n 
A 1 30  MET 30  251 251 MET MET A . n 
A 1 31  ASP 31  252 252 ASP ASP A . n 
A 1 32  ASP 32  253 253 ASP ASP A . n 
A 1 33  VAL 33  254 254 VAL VAL A . n 
A 1 34  ALA 34  255 255 ALA ALA A . n 
A 1 35  PRO 35  256 256 PRO PRO A . n 
A 1 36  ASN 36  257 257 ASN ASN A . n 
A 1 37  LEU 37  258 258 LEU LEU A . n 
A 1 38  LYS 38  259 259 LYS LYS A . n 
A 1 39  ALA 39  260 260 ALA ALA A . n 
A 1 40  LEU 40  261 261 LEU LEU A . n 
A 1 41  VAL 41  262 262 VAL VAL A . n 
A 1 42  GLY 42  263 263 GLY GLY A . n 
A 1 43  ALA 43  264 264 ALA ALA A . n 
A 1 44  LYS 44  265 265 LYS LYS A . n 
A 1 45  LEU 45  266 266 LEU LEU A . n 
A 1 46  GLY 46  267 267 GLY GLY A . n 
A 1 47  ALA 47  268 268 ALA ALA A . n 
A 1 48  ARG 48  269 269 ARG ARG A . n 
A 1 49  LEU 49  270 270 LEU LEU A . n 
A 1 50  ILE 50  271 271 ILE ILE A . n 
A 1 51  SER 51  272 272 SER SER A . n 
A 1 52  LEU 52  273 273 LEU LEU A . n 
A 1 53  ALA 53  274 274 ALA ALA A . n 
A 1 54  GLY 54  275 275 GLY GLY A . n 
A 1 55  GLY 55  276 276 GLY GLY A . n 
A 1 56  LEU 56  277 277 LEU LEU A . n 
A 1 57  LYS 57  278 278 LYS LYS A . n 
A 1 58  GLU 58  279 279 GLU GLU A . n 
A 1 59  LEU 59  280 280 LEU LEU A . n 
A 1 60  ALA 60  281 281 ALA ALA A . n 
A 1 61  MET 61  282 282 MET MET A . n 
A 1 62  LEU 62  283 283 LEU LEU A . n 
A 1 63  PRO 63  284 284 PRO PRO A . n 
A 1 64  SER 64  285 285 SER SER A . n 
A 1 65  SER 65  286 286 SER SER A . n 
A 1 66  THR 66  287 287 THR THR A . n 
A 1 67  ILE 67  288 288 ILE ILE A . n 
A 1 68  GLN 68  289 289 GLN GLN A . n 
A 1 69  VAL 69  290 290 VAL VAL A . n 
A 1 70  LEU 70  291 291 LEU LEU A . n 
A 1 71  GLY 71  292 292 GLY GLY A . n 
A 1 72  ALA 72  293 293 ALA ALA A . n 
A 1 73  GLU 73  294 ?   ?   ?   A . n 
A 1 74  LYS 74  295 ?   ?   ?   A . n 
A 1 75  ALA 75  296 ?   ?   ?   A . n 
A 1 76  LEU 76  297 ?   ?   ?   A . n 
A 1 77  PHE 77  298 ?   ?   ?   A . n 
A 1 78  ARG 78  299 ?   ?   ?   A . n 
A 1 79  HIS 79  300 ?   ?   ?   A . n 
A 1 80  LEU 80  301 ?   ?   ?   A . n 
A 1 81  ARG 81  302 ?   ?   ?   A . n 
A 1 82  THR 82  303 ?   ?   ?   A . n 
A 1 83  GLY 83  304 ?   ?   ?   A . n 
A 1 84  ALA 84  305 ?   ?   ?   A . n 
A 1 85  LYS 85  306 ?   ?   ?   A . n 
A 1 86  PRO 86  307 ?   ?   ?   A . n 
A 1 87  PRO 87  308 ?   ?   ?   A . n 
A 1 88  LYS 88  309 ?   ?   ?   A . n 
A 1 89  HIS 89  310 310 HIS HIS A . n 
A 1 90  GLY 90  311 311 GLY GLY A . n 
A 1 91  VAL 91  312 312 VAL VAL A . n 
A 1 92  ILE 92  313 313 ILE ILE A . n 
A 1 93  TYR 93  314 314 TYR TYR A . n 
A 1 94  GLN 94  315 315 GLN GLN A . n 
A 1 95  TYR 95  316 316 TYR TYR A . n 
A 1 96  PRO 96  317 317 PRO PRO A . n 
A 1 97  ALA 97  318 318 ALA ALA A . n 
A 1 98  ILE 98  319 319 ILE ILE A . n 
A 1 99  ASN 99  320 320 ASN ASN A . n 
A 1 100 ARG 100 321 321 ARG ARG A . n 
A 1 101 SER 101 322 322 SER SER A . n 
A 1 102 PRO 102 323 323 PRO PRO A . n 
A 1 103 TRP 103 324 324 TRP TRP A . n 
A 1 104 TRP 104 325 325 TRP TRP A . n 
A 1 105 GLN 105 326 326 GLN GLN A . n 
A 1 106 ARG 106 327 327 ARG ARG A . n 
A 1 107 GLY 107 328 328 GLY GLY A . n 
A 1 108 LYS 108 329 329 LYS LYS A . n 
A 1 109 ILE 109 330 330 ILE ILE A . n 
A 1 110 ALA 110 331 331 ALA ALA A . n 
A 1 111 ARG 111 332 332 ARG ARG A . n 
A 1 112 ALA 112 333 333 ALA ALA A . n 
A 1 113 LEU 113 334 334 LEU LEU A . n 
A 1 114 ALA 114 335 335 ALA ALA A . n 
A 1 115 GLY 115 336 336 GLY GLY A . n 
A 1 116 LYS 116 337 337 LYS LYS A . n 
A 1 117 LEU 117 338 338 LEU LEU A . n 
A 1 118 ALA 118 339 339 ALA ALA A . n 
A 1 119 ILE 119 340 340 ILE ILE A . n 
A 1 120 ALA 120 341 341 ALA ALA A . n 
A 1 121 ALA 121 342 342 ALA ALA A . n 
A 1 122 ARG 122 343 343 ARG ARG A . n 
A 1 123 VAL 123 344 344 VAL VAL A . n 
A 1 124 ASP 124 345 345 ASP ASP A . n 
A 1 125 TYR 125 346 346 TYR TYR A . n 
A 1 126 PHE 126 347 347 PHE PHE A . n 
A 1 127 SER 127 348 348 SER SER A . n 
A 1 128 GLY 128 349 349 GLY GLY A . n 
A 1 129 GLU 129 350 350 GLU GLU A . n 
A 1 130 TYR 130 351 351 TYR TYR A . n 
A 1 131 ILE 131 352 352 ILE ILE A . n 
A 1 132 ALA 132 353 353 ALA ALA A . n 
A 1 133 GLU 133 354 354 GLU GLU A . n 
A 1 134 GLU 134 355 355 GLU GLU A . n 
A 1 135 LEU 135 356 356 LEU LEU A . n 
A 1 136 LYS 136 357 357 LYS LYS A . n 
A 1 137 LYS 137 358 358 LYS LYS A . n 
A 1 138 GLU 138 359 359 GLU GLU A . n 
A 1 139 LEU 139 360 360 LEU LEU A . n 
A 1 140 GLU 140 361 361 GLU GLU A . n 
A 1 141 ALA 141 362 362 ALA ALA A . n 
A 1 142 ARG 142 363 363 ARG ARG A . n 
A 1 143 ILE 143 364 364 ILE ILE A . n 
A 1 144 LYS 144 365 365 LYS LYS A . n 
A 1 145 GLU 145 366 366 GLU GLU A . n 
A 1 146 ILE 146 367 367 ILE ILE A . n 
A 1 147 LYS 147 368 368 LYS LYS A . n 
A 1 148 GLU 148 369 369 GLU GLU A . n 
A 1 149 LYS 149 370 370 LYS LYS A . n 
A 1 150 TYR 150 371 371 TYR TYR A . n 
A 1 151 PRO 151 372 372 PRO PRO A . n 
A 1 152 ARG 152 373 373 ARG ARG A . n 
A 1 153 PRO 153 374 ?   ?   ?   A . n 
A 1 154 PRO 154 375 ?   ?   ?   A . n 
A 1 155 LYS 155 376 ?   ?   ?   A . n 
A 1 156 ARG 156 377 ?   ?   ?   A . n 
A 1 157 ARG 157 378 ?   ?   ?   A . n 
A 1 158 LYS 158 379 ?   ?   ?   A . n 
A 1 159 GLU 159 380 ?   ?   ?   A . n 
A 1 160 GLU 160 381 ?   ?   ?   A . n 
A 1 161 ARG 161 382 ?   ?   ?   A . n 
A 1 162 LYS 162 383 ?   ?   ?   A . n 
A 1 163 GLY 163 384 ?   ?   ?   A . n 
A 1 164 ARG 164 385 ?   ?   ?   A . n 
A 1 165 LYS 165 386 ?   ?   ?   A . n 
A 1 166 PRO 166 387 ?   ?   ?   A . n 
A 1 167 TRP 167 388 ?   ?   ?   A . n 
A 1 168 LYS 168 389 ?   ?   ?   A . n 
A 1 169 GLU 169 390 ?   ?   ?   A . n 
# 
loop_
_pdbx_nonpoly_scheme.asym_id 
_pdbx_nonpoly_scheme.entity_id 
_pdbx_nonpoly_scheme.mon_id 
_pdbx_nonpoly_scheme.ndb_seq_num 
_pdbx_nonpoly_scheme.pdb_seq_num 
_pdbx_nonpoly_scheme.auth_seq_num 
_pdbx_nonpoly_scheme.pdb_mon_id 
_pdbx_nonpoly_scheme.auth_mon_id 
_pdbx_nonpoly_scheme.pdb_strand_id 
_pdbx_nonpoly_scheme.pdb_ins_code 
B 2 IOD 1  1   1   IOD IOD A . 
C 2 IOD 1  2   2   IOD IOD A . 
D 2 IOD 1  3   3   IOD IOD A . 
E 2 IOD 1  4   4   IOD IOD A . 
F 2 IOD 1  5   5   IOD IOD A . 
G 2 IOD 1  6   6   IOD IOD A . 
H 2 IOD 1  7   7   IOD IOD A . 
I 2 IOD 1  8   8   IOD IOD A . 
J 2 IOD 1  9   9   IOD IOD A . 
K 2 IOD 1  10  10  IOD IOD A . 
L 2 IOD 1  11  11  IOD IOD A . 
M 2 IOD 1  12  12  IOD IOD A . 
N 3 HOH 1  13  13  HOH HOH A . 
N 3 HOH 2  14  14  HOH HOH A . 
N 3 HOH 3  15  15  HOH HOH A . 
N 3 HOH 4  16  16  HOH HOH A . 
N 3 HOH 5  17  17  HOH HOH A . 
N 3 HOH 6  18  18  HOH HOH A . 
N 3 HOH 7  19  19  HOH HOH A . 
N 3 HOH 8  20  20  HOH HOH A . 
N 3 HOH 9  21  21  HOH HOH A . 
N 3 HOH 10 22  22  HOH HOH A . 
N 3 HOH 11 23  23  HOH HOH A . 
N 3 HOH 12 24  24  HOH HOH A . 
N 3 HOH 13 25  25  HOH HOH A . 
N 3 HOH 14 26  26  HOH HOH A . 
N 3 HOH 15 27  27  HOH HOH A . 
N 3 HOH 16 28  28  HOH HOH A . 
N 3 HOH 17 29  29  HOH HOH A . 
N 3 HOH 18 30  30  HOH HOH A . 
N 3 HOH 19 31  31  HOH HOH A . 
N 3 HOH 20 32  32  HOH HOH A . 
N 3 HOH 21 33  33  HOH HOH A . 
N 3 HOH 22 34  34  HOH HOH A . 
N 3 HOH 23 35  35  HOH HOH A . 
N 3 HOH 24 36  36  HOH HOH A . 
N 3 HOH 25 37  37  HOH HOH A . 
N 3 HOH 26 38  38  HOH HOH A . 
N 3 HOH 27 39  39  HOH HOH A . 
N 3 HOH 28 40  40  HOH HOH A . 
N 3 HOH 29 41  41  HOH HOH A . 
N 3 HOH 30 42  42  HOH HOH A . 
N 3 HOH 31 43  43  HOH HOH A . 
N 3 HOH 32 44  44  HOH HOH A . 
N 3 HOH 33 45  45  HOH HOH A . 
N 3 HOH 34 46  46  HOH HOH A . 
N 3 HOH 35 47  47  HOH HOH A . 
N 3 HOH 36 48  48  HOH HOH A . 
N 3 HOH 37 49  49  HOH HOH A . 
N 3 HOH 38 50  50  HOH HOH A . 
N 3 HOH 39 51  51  HOH HOH A . 
N 3 HOH 40 52  52  HOH HOH A . 
N 3 HOH 41 53  53  HOH HOH A . 
N 3 HOH 42 54  54  HOH HOH A . 
N 3 HOH 43 55  55  HOH HOH A . 
N 3 HOH 44 56  56  HOH HOH A . 
N 3 HOH 45 57  57  HOH HOH A . 
N 3 HOH 46 58  58  HOH HOH A . 
N 3 HOH 47 391 391 HOH HOH A . 
N 3 HOH 48 392 392 HOH HOH A . 
N 3 HOH 49 393 393 HOH HOH A . 
N 3 HOH 50 394 394 HOH HOH A . 
N 3 HOH 51 395 395 HOH HOH A . 
N 3 HOH 52 396 396 HOH HOH A . 
N 3 HOH 53 397 397 HOH HOH A . 
N 3 HOH 54 398 398 HOH HOH A . 
N 3 HOH 55 399 399 HOH HOH A . 
N 3 HOH 56 400 400 HOH HOH A . 
N 3 HOH 57 401 401 HOH HOH A . 
N 3 HOH 58 402 402 HOH HOH A . 
# 
loop_
_pdbx_unobs_or_zero_occ_atoms.id 
_pdbx_unobs_or_zero_occ_atoms.PDB_model_num 
_pdbx_unobs_or_zero_occ_atoms.polymer_flag 
_pdbx_unobs_or_zero_occ_atoms.occupancy_flag 
_pdbx_unobs_or_zero_occ_atoms.auth_asym_id 
_pdbx_unobs_or_zero_occ_atoms.auth_comp_id 
_pdbx_unobs_or_zero_occ_atoms.auth_seq_id 
_pdbx_unobs_or_zero_occ_atoms.PDB_ins_code 
_pdbx_unobs_or_zero_occ_atoms.auth_atom_id 
_pdbx_unobs_or_zero_occ_atoms.label_alt_id 
_pdbx_unobs_or_zero_occ_atoms.label_asym_id 
_pdbx_unobs_or_zero_occ_atoms.label_comp_id 
_pdbx_unobs_or_zero_occ_atoms.label_seq_id 
_pdbx_unobs_or_zero_occ_atoms.label_atom_id 
1  1 Y 1 A ASP 245 ? CG  ? A ASP 24  CG  
2  1 Y 1 A ASP 245 ? OD1 ? A ASP 24  OD1 
3  1 Y 1 A ASP 245 ? OD2 ? A ASP 24  OD2 
4  1 Y 1 A LYS 249 ? CG  ? A LYS 28  CG  
5  1 Y 1 A LYS 249 ? CD  ? A LYS 28  CD  
6  1 Y 1 A LYS 249 ? CE  ? A LYS 28  CE  
7  1 Y 1 A LYS 249 ? NZ  ? A LYS 28  NZ  
8  1 Y 1 A LYS 265 ? CG  ? A LYS 44  CG  
9  1 Y 1 A LYS 265 ? CD  ? A LYS 44  CD  
10 1 Y 1 A LYS 265 ? CE  ? A LYS 44  CE  
11 1 Y 1 A LYS 265 ? NZ  ? A LYS 44  NZ  
12 1 Y 1 A LYS 278 ? CG  ? A LYS 57  CG  
13 1 Y 1 A LYS 278 ? CD  ? A LYS 57  CD  
14 1 Y 1 A LYS 278 ? CE  ? A LYS 57  CE  
15 1 Y 1 A LYS 278 ? NZ  ? A LYS 57  NZ  
16 1 Y 1 A ARG 321 ? CG  ? A ARG 100 CG  
17 1 Y 1 A ARG 321 ? CD  ? A ARG 100 CD  
18 1 Y 1 A ARG 321 ? NE  ? A ARG 100 NE  
19 1 Y 1 A ARG 321 ? CZ  ? A ARG 100 CZ  
20 1 Y 1 A ARG 321 ? NH1 ? A ARG 100 NH1 
21 1 Y 1 A ARG 321 ? NH2 ? A ARG 100 NH2 
22 1 Y 1 A LYS 329 ? CG  ? A LYS 108 CG  
23 1 Y 1 A LYS 329 ? CD  ? A LYS 108 CD  
24 1 Y 1 A LYS 329 ? CE  ? A LYS 108 CE  
25 1 Y 1 A LYS 329 ? NZ  ? A LYS 108 NZ  
26 1 Y 1 A ARG 332 ? CG  ? A ARG 111 CG  
27 1 Y 1 A ARG 332 ? CD  ? A ARG 111 CD  
28 1 Y 1 A ARG 332 ? NE  ? A ARG 111 NE  
29 1 Y 1 A ARG 332 ? CZ  ? A ARG 111 CZ  
30 1 Y 1 A ARG 332 ? NH1 ? A ARG 111 NH1 
31 1 Y 1 A ARG 332 ? NH2 ? A ARG 111 NH2 
32 1 Y 1 A GLU 354 ? CG  ? A GLU 133 CG  
33 1 Y 1 A GLU 354 ? CD  ? A GLU 133 CD  
34 1 Y 1 A GLU 354 ? OE1 ? A GLU 133 OE1 
35 1 Y 1 A GLU 354 ? OE2 ? A GLU 133 OE2 
36 1 Y 1 A LEU 356 ? CG  ? A LEU 135 CG  
37 1 Y 1 A LEU 356 ? CD1 ? A LEU 135 CD1 
38 1 Y 1 A LEU 356 ? CD2 ? A LEU 135 CD2 
39 1 Y 1 A LYS 357 ? CG  ? A LYS 136 CG  
40 1 Y 1 A LYS 357 ? CD  ? A LYS 136 CD  
41 1 Y 1 A LYS 357 ? CE  ? A LYS 136 CE  
42 1 Y 1 A LYS 357 ? NZ  ? A LYS 136 NZ  
43 1 Y 1 A LEU 360 ? CG  ? A LEU 139 CG  
44 1 Y 1 A LEU 360 ? CD1 ? A LEU 139 CD1 
45 1 Y 1 A LEU 360 ? CD2 ? A LEU 139 CD2 
46 1 Y 1 A GLU 361 ? CG  ? A GLU 140 CG  
47 1 Y 1 A GLU 361 ? CD  ? A GLU 140 CD  
48 1 Y 1 A GLU 361 ? OE1 ? A GLU 140 OE1 
49 1 Y 1 A GLU 361 ? OE2 ? A GLU 140 OE2 
50 1 Y 1 A ARG 363 ? CG  ? A ARG 142 CG  
51 1 Y 1 A ARG 363 ? CD  ? A ARG 142 CD  
52 1 Y 1 A ARG 363 ? NE  ? A ARG 142 NE  
53 1 Y 1 A ARG 363 ? CZ  ? A ARG 142 CZ  
54 1 Y 1 A ARG 363 ? NH1 ? A ARG 142 NH1 
55 1 Y 1 A ARG 363 ? NH2 ? A ARG 142 NH2 
56 1 Y 1 A ILE 364 ? CG1 ? A ILE 143 CG1 
57 1 Y 1 A ILE 364 ? CG2 ? A ILE 143 CG2 
58 1 Y 1 A ILE 364 ? CD1 ? A ILE 143 CD1 
59 1 Y 1 A LYS 365 ? CG  ? A LYS 144 CG  
60 1 Y 1 A LYS 365 ? CD  ? A LYS 144 CD  
61 1 Y 1 A LYS 365 ? CE  ? A LYS 144 CE  
62 1 Y 1 A LYS 365 ? NZ  ? A LYS 144 NZ  
63 1 Y 1 A GLU 366 ? CG  ? A GLU 145 CG  
64 1 Y 1 A GLU 366 ? CD  ? A GLU 145 CD  
65 1 Y 1 A GLU 366 ? OE1 ? A GLU 145 OE1 
66 1 Y 1 A GLU 366 ? OE2 ? A GLU 145 OE2 
67 1 Y 1 A ILE 367 ? CG1 ? A ILE 146 CG1 
68 1 Y 1 A ILE 367 ? CG2 ? A ILE 146 CG2 
69 1 Y 1 A ILE 367 ? CD1 ? A ILE 146 CD1 
70 1 Y 1 A LYS 368 ? CG  ? A LYS 147 CG  
71 1 Y 1 A LYS 368 ? CD  ? A LYS 147 CD  
72 1 Y 1 A LYS 368 ? CE  ? A LYS 147 CE  
73 1 Y 1 A LYS 368 ? NZ  ? A LYS 147 NZ  
74 1 Y 1 A GLU 369 ? CG  ? A GLU 148 CG  
75 1 Y 1 A GLU 369 ? CD  ? A GLU 148 CD  
76 1 Y 1 A GLU 369 ? OE1 ? A GLU 148 OE1 
77 1 Y 1 A GLU 369 ? OE2 ? A GLU 148 OE2 
78 1 Y 1 A LYS 370 ? CG  ? A LYS 149 CG  
79 1 Y 1 A LYS 370 ? CD  ? A LYS 149 CD  
80 1 Y 1 A LYS 370 ? CE  ? A LYS 149 CE  
81 1 Y 1 A LYS 370 ? NZ  ? A LYS 149 NZ  
82 1 Y 1 A TYR 371 ? CG  ? A TYR 150 CG  
83 1 Y 1 A TYR 371 ? CD1 ? A TYR 150 CD1 
84 1 Y 1 A TYR 371 ? CD2 ? A TYR 150 CD2 
85 1 Y 1 A TYR 371 ? CE1 ? A TYR 150 CE1 
86 1 Y 1 A TYR 371 ? CE2 ? A TYR 150 CE2 
87 1 Y 1 A TYR 371 ? CZ  ? A TYR 150 CZ  
88 1 Y 1 A TYR 371 ? OH  ? A TYR 150 OH  
89 1 Y 1 A ARG 373 ? CG  ? A ARG 152 CG  
90 1 Y 1 A ARG 373 ? CD  ? A ARG 152 CD  
91 1 Y 1 A ARG 373 ? NE  ? A ARG 152 NE  
92 1 Y 1 A ARG 373 ? CZ  ? A ARG 152 CZ  
93 1 Y 1 A ARG 373 ? NH1 ? A ARG 152 NH1 
94 1 Y 1 A ARG 373 ? NH2 ? A ARG 152 NH2 
# 
loop_
_software.name 
_software.version 
_software.date 
_software.type 
_software.contact_author 
_software.contact_author_email 
_software.classification 
_software.location 
_software.language 
_software.citation_id 
_software.pdbx_ordinal 
MOSFLM      .     ?               package 'Andrew G.W. Leslie'    andrew@mrc-lmb.cam.ac.uk    'data reduction'  
http://www.mrc-lmb.cam.ac.uk/harry/mosflm/  ?          ? 1 
SCALA       3.3.6 2008/04/29      other   'Phil R. Evans'         pre@mrc-lmb.cam.ac.uk       'data scaling'    
http://www.ccp4.ac.uk/dist/html/scala.html  Fortran_77 ? 2 
PHASER      .     ?               program 'Randy J. Read'         cimr-phaser@lists.cam.ac.uk phasing           
http://www-structmed.cimr.cam.ac.uk/phaser/ ?          ? 3 
RESOLVE     2.13  1-Jun-2008      program 'Thomas C. Terwilliger' terwilliger@lanl.gov        phasing           
http://www.solve.lanl.gov/                  ?          ? 4 
PHENIX      .     ?               package 'Paul D. Adams'         PDAdams@lbl.gov             refinement        
http://www.phenix-online.org/               C++        ? 5 
PDB_EXTRACT 3.006 'June 11, 2008' package PDB                     help@deposit.rcsb.org       'data extraction' 
http://sw-tools.pdb.org/apps/PDB_EXTRACT/   C++        ? 6 
# 
_cell.entry_id           3GQU 
_cell.length_a           73.604 
_cell.length_b           73.604 
_cell.length_c           114.279 
_cell.angle_alpha        90.00 
_cell.angle_beta         90.00 
_cell.angle_gamma        90.00 
_cell.Z_PDB              8 
_cell.pdbx_unique_axis   ? 
_cell.length_a_esd       ? 
_cell.length_b_esd       ? 
_cell.length_c_esd       ? 
_cell.angle_alpha_esd    ? 
_cell.angle_beta_esd     ? 
_cell.angle_gamma_esd    ? 
# 
_symmetry.entry_id                         3GQU 
_symmetry.space_group_name_H-M             'P 41 21 2' 
_symmetry.pdbx_full_space_group_name_H-M   ? 
_symmetry.cell_setting                     ? 
_symmetry.Int_Tables_number                92 
_symmetry.space_group_name_Hall            ? 
# 
_exptl.crystals_number   1 
_exptl.entry_id          3GQU 
_exptl.method            'X-RAY DIFFRACTION' 
# 
_exptl_crystal.id                    1 
_exptl_crystal.density_percent_sol   69.87 
_exptl_crystal.density_Matthews      4.55 
_exptl_crystal.density_meas          ? 
_exptl_crystal.description           ? 
_exptl_crystal.F_000                 ? 
_exptl_crystal.preparation           ? 
# 
_exptl_crystal_grow.crystal_id      1 
_exptl_crystal_grow.method          'VAPOR DIFFUSION, HANGING DROP' 
_exptl_crystal_grow.pH              6.8 
_exptl_crystal_grow.temp            290 
_exptl_crystal_grow.pdbx_details    '500MM POTASSIUM IODIDE, 2% PEG 3350, pH 6.8, VAPOR DIFFUSION, HANGING DROP, temperature 290K' 
_exptl_crystal_grow.temp_details    ? 
_exptl_crystal_grow.pdbx_pH_range   ? 
# 
_diffrn.id                     1 
_diffrn.ambient_temp           93.15 
_diffrn.ambient_temp_details   ? 
_diffrn.crystal_id             1 
# 
_diffrn_detector.diffrn_id              1 
_diffrn_detector.detector               'IMAGE PLATE' 
_diffrn_detector.type                   'RIGAKU RAXIS IV' 
_diffrn_detector.pdbx_collection_date   2006-11-08 
_diffrn_detector.details                ? 
# 
_diffrn_radiation.diffrn_id                        1 
_diffrn_radiation.pdbx_diffrn_protocol             'SINGLE WAVELENGTH' 
_diffrn_radiation.monochromator                    'Ni FILTER' 
_diffrn_radiation.wavelength_id                    1 
_diffrn_radiation.pdbx_monochromatic_or_laue_m_l   M 
_diffrn_radiation.pdbx_scattering_type             x-ray 
# 
_diffrn_radiation_wavelength.id           1 
_diffrn_radiation_wavelength.wavelength   1.502 
_diffrn_radiation_wavelength.wt           1.0 
# 
_diffrn_source.diffrn_id                   1 
_diffrn_source.source                      'ROTATING ANODE' 
_diffrn_source.type                        RIGAKU 
_diffrn_source.pdbx_wavelength_list        1.502 
_diffrn_source.pdbx_wavelength             ? 
_diffrn_source.pdbx_synchrotron_site       ? 
_diffrn_source.pdbx_synchrotron_beamline   ? 
# 
_reflns.entry_id                     3GQU 
_reflns.d_resolution_high            1.957 
_reflns.d_resolution_low             23.682 
_reflns.number_all                   ? 
_reflns.number_obs                   13956 
_reflns.pdbx_netI_over_sigmaI        4.944 
_reflns.pdbx_Rsym_value              0.149 
_reflns.pdbx_redundancy              21.800 
_reflns.percent_possible_obs         84.700 
_reflns.observed_criterion_sigma_F   2 
_reflns.observed_criterion_sigma_I   2 
_reflns.pdbx_Rmerge_I_obs            ? 
_reflns.B_iso_Wilson_estimate        ? 
_reflns.R_free_details               ? 
_reflns.limit_h_max                  ? 
_reflns.limit_h_min                  ? 
_reflns.limit_k_max                  ? 
_reflns.limit_k_min                  ? 
_reflns.limit_l_max                  ? 
_reflns.limit_l_min                  ? 
_reflns.observed_criterion_F_max     ? 
_reflns.observed_criterion_F_min     ? 
_reflns.pdbx_chi_squared             ? 
_reflns.pdbx_scaling_rejects         ? 
_reflns.pdbx_diffrn_id               1 
_reflns.pdbx_ordinal                 1 
# 
_reflns_shell.d_res_high             1.95 
_reflns_shell.d_res_low              2.06 
_reflns_shell.number_measured_obs    ? 
_reflns_shell.number_measured_all    5530 
_reflns_shell.number_unique_obs      ? 
_reflns_shell.Rmerge_I_obs           0.040 
_reflns_shell.meanI_over_sigI_obs    0.2 
_reflns_shell.pdbx_Rsym_value        0.03971 
_reflns_shell.pdbx_chi_squared       ? 
_reflns_shell.pdbx_redundancy        6.20 
_reflns_shell.percent_possible_obs   ? 
_reflns_shell.number_unique_all      888 
_reflns_shell.percent_possible_all   27.00 
_reflns_shell.pdbx_diffrn_id         ? 
_reflns_shell.pdbx_ordinal           1 
# 
_refine.entry_id                                 3GQU 
_refine.ls_d_res_high                            2.500 
_refine.ls_d_res_low                             23.683 
_refine.pdbx_ls_sigma_F                          1.58 
_refine.ls_percent_reflns_obs                    100.000 
_refine.ls_number_reflns_obs                     11411 
_refine.ls_R_factor_obs                          0.302 
_refine.ls_R_factor_R_work                       0.299 
_refine.ls_R_factor_R_free                       0.334 
_refine.ls_percent_reflns_R_free                 10.010 
_refine.ls_number_reflns_R_free                  1142 
_refine.B_iso_mean                               50.012 
_refine.solvent_model_param_bsol                 92.238 
_refine.solvent_model_param_ksol                 0.363 
_refine.aniso_B[1][1]                            -5.998 
_refine.aniso_B[2][2]                            -5.998 
_refine.aniso_B[3][3]                            11.996 
_refine.aniso_B[1][2]                            0.000 
_refine.aniso_B[1][3]                            0.000 
_refine.aniso_B[2][3]                            0.000 
_refine.overall_SU_ML                            0.550 
_refine.solvent_model_details                    'FLAT BULK SOLVENT MODEL' 
_refine.pdbx_solvent_vdw_probe_radii             1.110 
_refine.pdbx_solvent_shrinkage_radii             0.900 
_refine.pdbx_method_to_determine_struct          SAD 
_refine.pdbx_stereochemistry_target_values       MLHL 
_refine.B_iso_max                                169.84 
_refine.B_iso_min                                25.12 
_refine.occupancy_max                            1.00 
_refine.occupancy_min                            1.00 
_refine.pdbx_ls_sigma_I                          ? 
_refine.ls_number_reflns_all                     11411 
_refine.ls_R_factor_all                          ? 
_refine.ls_redundancy_reflns_obs                 ? 
_refine.pdbx_data_cutoff_high_absF               ? 
_refine.pdbx_data_cutoff_low_absF                ? 
_refine.ls_number_parameters                     ? 
_refine.ls_number_restraints                     ? 
_refine.ls_R_factor_R_free_error                 ? 
_refine.ls_R_factor_R_free_error_details         ? 
_refine.pdbx_starting_model                      ? 
_refine.pdbx_ls_cross_valid_method               ? 
_refine.pdbx_R_Free_selection_details            RANDOM 
_refine.pdbx_stereochem_target_val_spec_case     ? 
_refine.pdbx_isotropic_thermal_model             ? 
_refine.details                                  ? 
_refine.correlation_coeff_Fo_to_Fc               ? 
_refine.correlation_coeff_Fo_to_Fc_free          ? 
_refine.pdbx_solvent_ion_probe_radii             ? 
_refine.overall_SU_R_Cruickshank_DPI             ? 
_refine.overall_SU_R_free                        ? 
_refine.overall_SU_B                             ? 
_refine.pdbx_overall_ESU_R_Free                  ? 
_refine.pdbx_data_cutoff_high_rms_absF           ? 
_refine.pdbx_overall_ESU_R                       ? 
_refine.ls_wR_factor_R_free                      ? 
_refine.ls_wR_factor_R_work                      ? 
_refine.overall_FOM_free_R_set                   ? 
_refine.overall_FOM_work_R_set                   ? 
_refine.pdbx_overall_phase_error                 ? 
_refine.pdbx_refine_id                           'X-RAY DIFFRACTION' 
_refine.pdbx_diffrn_id                           1 
_refine.pdbx_TLS_residual_ADP_flag               ? 
_refine.pdbx_overall_SU_R_free_Cruickshank_DPI   ? 
_refine.pdbx_overall_SU_R_Blow_DPI               ? 
_refine.pdbx_overall_SU_R_free_Blow_DPI          ? 
# 
_refine_hist.pdbx_refine_id                   'X-RAY DIFFRACTION' 
_refine_hist.cycle_id                         LAST 
_refine_hist.pdbx_number_atoms_protein        811 
_refine_hist.pdbx_number_atoms_nucleic_acid   0 
_refine_hist.pdbx_number_atoms_ligand         12 
_refine_hist.number_atoms_solvent             58 
_refine_hist.number_atoms_total               881 
_refine_hist.d_res_high                       2.500 
_refine_hist.d_res_low                        23.683 
# 
loop_
_refine_ls_restr.type 
_refine_ls_restr.number 
_refine_ls_restr.dev_ideal 
_refine_ls_restr.dev_ideal_target 
_refine_ls_restr.weight 
_refine_ls_restr.pdbx_refine_id 
_refine_ls_restr.pdbx_restraint_function 
f_bond_d           825  0.011  ? ? 'X-RAY DIFFRACTION' ? 
f_angle_d          1126 1.597  ? ? 'X-RAY DIFFRACTION' ? 
f_chiral_restr     132  0.102  ? ? 'X-RAY DIFFRACTION' ? 
f_plane_restr      146  0.005  ? ? 'X-RAY DIFFRACTION' ? 
f_dihedral_angle_d 268  19.647 ? ? 'X-RAY DIFFRACTION' ? 
# 
loop_
_refine_ls_shell.d_res_high 
_refine_ls_shell.d_res_low 
_refine_ls_shell.pdbx_total_number_of_bins_used 
_refine_ls_shell.percent_reflns_obs 
_refine_ls_shell.number_reflns_R_work 
_refine_ls_shell.R_factor_all 
_refine_ls_shell.R_factor_R_work 
_refine_ls_shell.R_factor_R_free 
_refine_ls_shell.percent_reflns_R_free 
_refine_ls_shell.number_reflns_R_free 
_refine_ls_shell.R_factor_R_free_error 
_refine_ls_shell.number_reflns_all 
_refine_ls_shell.number_reflns_obs 
_refine_ls_shell.redundancy_reflns_obs 
_refine_ls_shell.pdbx_refine_id 
2.500 2.614  8 100.000 1258 . 0.301 0.393 . 140 . 1398 . . 'X-RAY DIFFRACTION' 
2.614 2.751  8 100.000 1244 . 0.291 0.356 . 139 . 1383 . . 'X-RAY DIFFRACTION' 
2.751 2.923  8 100.000 1258 . 0.283 0.353 . 140 . 1398 . . 'X-RAY DIFFRACTION' 
2.923 3.149  8 100.000 1259 . 0.281 0.370 . 140 . 1399 . . 'X-RAY DIFFRACTION' 
3.149 3.465  8 100.000 1273 . 0.277 0.358 . 141 . 1414 . . 'X-RAY DIFFRACTION' 
3.465 3.964  8 100.000 1280 . 0.247 0.269 . 142 . 1422 . . 'X-RAY DIFFRACTION' 
3.964 4.986  8 100.000 1312 . 0.236 0.252 . 146 . 1458 . . 'X-RAY DIFFRACTION' 
4.986 23.684 8 100.000 1385 . 0.313 0.339 . 154 . 1539 . . 'X-RAY DIFFRACTION' 
# 
_struct.entry_id                  3GQU 
_struct.title                     'Pyrococcus Horikoshii NOP5 RNA Binding Domain' 
_struct.pdbx_model_details        ? 
_struct.pdbx_CASP_flag            ? 
_struct.pdbx_model_type_details   ? 
# 
_struct_keywords.entry_id        3GQU 
_struct_keywords.text            'RNA BINDING DOMAIN, RNA BINDING PROTEIN' 
_struct_keywords.pdbx_keywords   'RNA BINDING PROTEIN' 
# 
loop_
_struct_asym.id 
_struct_asym.pdbx_blank_PDB_chainid_flag 
_struct_asym.pdbx_modified 
_struct_asym.entity_id 
_struct_asym.details 
A N N 1 ? 
B N N 2 ? 
C N N 2 ? 
D N N 2 ? 
E N N 2 ? 
F N N 2 ? 
G N N 2 ? 
H N N 2 ? 
I N N 2 ? 
J N N 2 ? 
K N N 2 ? 
L N N 2 ? 
M N N 2 ? 
N N N 3 ? 
# 
loop_
_struct_ref.id 
_struct_ref.db_name 
_struct_ref.db_code 
_struct_ref.pdbx_db_accession 
_struct_ref.entity_id 
_struct_ref.pdbx_seq_one_letter_code 
_struct_ref.pdbx_align_begin 
_struct_ref.pdbx_db_isoform 
1 UNP O57810_PYRHO O57810 1 RMRIQEQSGARDKMVI 120 ? 
2 UNP O57810_PYRHO O57810 1 
;LEDYIDKAMDDVAPNLKALVGAKLGARLISLAGGLKELAMLPSSTIQVLGAEKALFRHLRTGAKPPKHGVIYQYPAINRS
PWWQRGKIARALAGKLAIAARVDYFSGEYIAEELKKELEARIKEIKEKYPRPPKRRKEERKGRKPWKE
;
244 ? 
# 
loop_
_struct_ref_seq.align_id 
_struct_ref_seq.ref_id 
_struct_ref_seq.pdbx_PDB_id_code 
_struct_ref_seq.pdbx_strand_id 
_struct_ref_seq.seq_align_beg 
_struct_ref_seq.pdbx_seq_align_beg_ins_code 
_struct_ref_seq.seq_align_end 
_struct_ref_seq.pdbx_seq_align_end_ins_code 
_struct_ref_seq.pdbx_db_accession 
_struct_ref_seq.db_align_beg 
_struct_ref_seq.pdbx_db_align_beg_ins_code 
_struct_ref_seq.db_align_end 
_struct_ref_seq.pdbx_db_align_end_ins_code 
_struct_ref_seq.pdbx_auth_seq_align_beg 
_struct_ref_seq.pdbx_auth_seq_align_end 
1 1 3GQU A 2  ? 17  ? O57810 120 ? 135 ? 223 238 
2 2 3GQU A 22 ? 156 ? O57810 244 ? 378 ? 243 377 
# 
loop_
_struct_ref_seq_dif.align_id 
_struct_ref_seq_dif.pdbx_pdb_id_code 
_struct_ref_seq_dif.mon_id 
_struct_ref_seq_dif.pdbx_pdb_strand_id 
_struct_ref_seq_dif.seq_num 
_struct_ref_seq_dif.pdbx_pdb_ins_code 
_struct_ref_seq_dif.pdbx_seq_db_name 
_struct_ref_seq_dif.pdbx_seq_db_accession_code 
_struct_ref_seq_dif.db_mon_id 
_struct_ref_seq_dif.pdbx_seq_db_seq_num 
_struct_ref_seq_dif.details 
_struct_ref_seq_dif.pdbx_auth_seq_num 
_struct_ref_seq_dif.pdbx_ordinal 
1 3GQU GLY A 1  ? UNP O57810 ? ? 'expression tag' 222 1 
1 3GQU GLY A 18 ? UNP O57810 ? ? linker           239 2 
1 3GQU ALA A 19 ? UNP O57810 ? ? linker           240 3 
1 3GQU GLY A 20 ? UNP O57810 ? ? linker           241 4 
1 3GQU GLY A 21 ? UNP O57810 ? ? linker           242 5 
# 
_pdbx_struct_assembly.id                   1 
_pdbx_struct_assembly.details              author_and_software_defined_assembly 
_pdbx_struct_assembly.method_details       PISA 
_pdbx_struct_assembly.oligomeric_details   monomeric 
_pdbx_struct_assembly.oligomeric_count     1 
# 
_pdbx_struct_assembly_gen.assembly_id       1 
_pdbx_struct_assembly_gen.oper_expression   1 
_pdbx_struct_assembly_gen.asym_id_list      A,B,C,D,E,F,G,H,I,J,K,L,M,N 
# 
_pdbx_struct_oper_list.id                   1 
_pdbx_struct_oper_list.type                 'identity operation' 
_pdbx_struct_oper_list.name                 1_555 
_pdbx_struct_oper_list.symmetry_operation   x,y,z 
_pdbx_struct_oper_list.matrix[1][1]         1.0000000000 
_pdbx_struct_oper_list.matrix[1][2]         0.0000000000 
_pdbx_struct_oper_list.matrix[1][3]         0.0000000000 
_pdbx_struct_oper_list.vector[1]            0.0000000000 
_pdbx_struct_oper_list.matrix[2][1]         0.0000000000 
_pdbx_struct_oper_list.matrix[2][2]         1.0000000000 
_pdbx_struct_oper_list.matrix[2][3]         0.0000000000 
_pdbx_struct_oper_list.vector[2]            0.0000000000 
_pdbx_struct_oper_list.matrix[3][1]         0.0000000000 
_pdbx_struct_oper_list.matrix[3][2]         0.0000000000 
_pdbx_struct_oper_list.matrix[3][3]         1.0000000000 
_pdbx_struct_oper_list.vector[3]            0.0000000000 
# 
_struct_biol.id        1 
_struct_biol.details   ? 
# 
loop_
_struct_conf.conf_type_id 
_struct_conf.id 
_struct_conf.pdbx_PDB_helix_id 
_struct_conf.beg_label_comp_id 
_struct_conf.beg_label_asym_id 
_struct_conf.beg_label_seq_id 
_struct_conf.pdbx_beg_PDB_ins_code 
_struct_conf.end_label_comp_id 
_struct_conf.end_label_asym_id 
_struct_conf.end_label_seq_id 
_struct_conf.pdbx_end_PDB_ins_code 
_struct_conf.beg_auth_comp_id 
_struct_conf.beg_auth_asym_id 
_struct_conf.beg_auth_seq_id 
_struct_conf.end_auth_comp_id 
_struct_conf.end_auth_asym_id 
_struct_conf.end_auth_seq_id 
_struct_conf.pdbx_PDB_helix_class 
_struct_conf.details 
_struct_conf.pdbx_PDB_helix_length 
HELX_P HELX_P1 1 GLY A 21  ? ALA A 34  ? GLY A 242 ALA A 255 1 ? 14 
HELX_P HELX_P2 2 ALA A 34  ? GLY A 42  ? ALA A 255 GLY A 263 1 ? 9  
HELX_P HELX_P3 3 GLY A 42  ? GLY A 54  ? GLY A 263 GLY A 275 1 ? 13 
HELX_P HELX_P4 4 GLY A 55  ? MET A 61  ? GLY A 276 MET A 282 1 ? 7  
HELX_P HELX_P5 5 SER A 64  ? VAL A 69  ? SER A 285 VAL A 290 1 ? 6  
HELX_P HELX_P6 6 GLY A 90  ? GLN A 94  ? GLY A 311 GLN A 315 5 ? 5  
HELX_P HELX_P7 7 TYR A 95  ? ARG A 100 ? TYR A 316 ARG A 321 1 ? 6  
HELX_P HELX_P8 8 GLN A 105 ? SER A 127 ? GLN A 326 SER A 348 1 ? 23 
HELX_P HELX_P9 9 GLU A 134 ? ILE A 146 ? GLU A 355 ILE A 367 1 ? 13 
# 
_struct_conf_type.id          HELX_P 
_struct_conf_type.criteria    ? 
_struct_conf_type.reference   ? 
# 
loop_
_struct_site.id 
_struct_site.pdbx_evidence_code 
_struct_site.pdbx_auth_asym_id 
_struct_site.pdbx_auth_comp_id 
_struct_site.pdbx_auth_seq_id 
_struct_site.pdbx_auth_ins_code 
_struct_site.pdbx_num_residues 
_struct_site.details 
AC1 Software A IOD 1  ? 2 'BINDING SITE FOR RESIDUE IOD A 1'  
AC2 Software A IOD 2  ? 2 'BINDING SITE FOR RESIDUE IOD A 2'  
AC3 Software A IOD 3  ? 1 'BINDING SITE FOR RESIDUE IOD A 3'  
AC4 Software A IOD 4  ? 1 'BINDING SITE FOR RESIDUE IOD A 4'  
AC5 Software A IOD 5  ? 1 'BINDING SITE FOR RESIDUE IOD A 5'  
AC6 Software A IOD 6  ? 3 'BINDING SITE FOR RESIDUE IOD A 6'  
AC7 Software A IOD 7  ? 1 'BINDING SITE FOR RESIDUE IOD A 7'  
AC8 Software A IOD 9  ? 1 'BINDING SITE FOR RESIDUE IOD A 9'  
AC9 Software A IOD 11 ? 1 'BINDING SITE FOR RESIDUE IOD A 11' 
# 
loop_
_struct_site_gen.id 
_struct_site_gen.site_id 
_struct_site_gen.pdbx_num_res 
_struct_site_gen.label_comp_id 
_struct_site_gen.label_asym_id 
_struct_site_gen.label_seq_id 
_struct_site_gen.pdbx_auth_ins_code 
_struct_site_gen.auth_comp_id 
_struct_site_gen.auth_asym_id 
_struct_site_gen.auth_seq_id 
_struct_site_gen.label_atom_id 
_struct_site_gen.label_alt_id 
_struct_site_gen.symmetry 
_struct_site_gen.details 
1  AC1 2 IOD C .   ? IOD A 2   . ? 1_555 ? 
2  AC1 2 HOH N .   ? HOH A 36  . ? 1_555 ? 
3  AC2 2 IOD B .   ? IOD A 1   . ? 1_555 ? 
4  AC2 2 GLN A 94  ? GLN A 315 . ? 1_555 ? 
5  AC3 1 HOH N .   ? HOH A 27  . ? 1_555 ? 
6  AC4 1 HOH N .   ? HOH A 26  . ? 1_555 ? 
7  AC5 1 ASN A 99  ? ASN A 320 . ? 1_555 ? 
8  AC6 3 IOD H .   ? IOD A 7   . ? 1_555 ? 
9  AC6 3 LEU A 22  ? LEU A 243 . ? 7_555 ? 
10 AC6 3 LEU A 56  ? LEU A 277 . ? 1_555 ? 
11 AC7 1 IOD G .   ? IOD A 6   . ? 1_555 ? 
12 AC8 1 LYS A 116 ? LYS A 337 . ? 1_555 ? 
13 AC9 1 ALA A 97  ? ALA A 318 . ? 1_555 ? 
# 
_pdbx_validate_rmsd_angle.id                         1 
_pdbx_validate_rmsd_angle.PDB_model_num              1 
_pdbx_validate_rmsd_angle.auth_atom_id_1             CB 
_pdbx_validate_rmsd_angle.auth_asym_id_1             A 
_pdbx_validate_rmsd_angle.auth_comp_id_1             ILE 
_pdbx_validate_rmsd_angle.auth_seq_id_1              352 
_pdbx_validate_rmsd_angle.PDB_ins_code_1             ? 
_pdbx_validate_rmsd_angle.label_alt_id_1             ? 
_pdbx_validate_rmsd_angle.auth_atom_id_2             CA 
_pdbx_validate_rmsd_angle.auth_asym_id_2             A 
_pdbx_validate_rmsd_angle.auth_comp_id_2             ILE 
_pdbx_validate_rmsd_angle.auth_seq_id_2              352 
_pdbx_validate_rmsd_angle.PDB_ins_code_2             ? 
_pdbx_validate_rmsd_angle.label_alt_id_2             ? 
_pdbx_validate_rmsd_angle.auth_atom_id_3             C 
_pdbx_validate_rmsd_angle.auth_asym_id_3             A 
_pdbx_validate_rmsd_angle.auth_comp_id_3             ILE 
_pdbx_validate_rmsd_angle.auth_seq_id_3              352 
_pdbx_validate_rmsd_angle.PDB_ins_code_3             ? 
_pdbx_validate_rmsd_angle.label_alt_id_3             ? 
_pdbx_validate_rmsd_angle.angle_value                98.30 
_pdbx_validate_rmsd_angle.angle_target_value         111.60 
_pdbx_validate_rmsd_angle.angle_deviation            -13.30 
_pdbx_validate_rmsd_angle.angle_standard_deviation   2.00 
_pdbx_validate_rmsd_angle.linker_flag                N 
# 
loop_
_pdbx_validate_torsion.id 
_pdbx_validate_torsion.PDB_model_num 
_pdbx_validate_torsion.auth_comp_id 
_pdbx_validate_torsion.auth_asym_id 
_pdbx_validate_torsion.auth_seq_id 
_pdbx_validate_torsion.PDB_ins_code 
_pdbx_validate_torsion.label_alt_id 
_pdbx_validate_torsion.phi 
_pdbx_validate_torsion.psi 
1 1 ALA A 255 ? ? -171.76 63.84  
2 1 SER A 285 ? ? 136.44  -43.26 
3 1 TRP A 325 ? ? 79.18   -30.08 
4 1 ALA A 353 ? ? -4.73   -46.13 
5 1 GLU A 354 ? ? -54.26  36.84  
6 1 ILE A 367 ? ? -67.95  26.78  
7 1 LYS A 370 ? ? -150.35 -7.14  
8 1 TYR A 371 ? ? 117.96  111.27 
# 
_pdbx_phasing_dm.entry_id          3GQU 
_pdbx_phasing_dm.fom_acentric      0.470 
_pdbx_phasing_dm.fom_centric       0.510 
_pdbx_phasing_dm.fom               0.480 
_pdbx_phasing_dm.reflns_acentric   16781 
_pdbx_phasing_dm.reflns_centric    2923 
_pdbx_phasing_dm.reflns            19704 
# 
loop_
_pdbx_phasing_dm_shell.d_res_high 
_pdbx_phasing_dm_shell.d_res_low 
_pdbx_phasing_dm_shell.delta_phi_final 
_pdbx_phasing_dm_shell.delta_phi_initial 
_pdbx_phasing_dm_shell.fom_acentric 
_pdbx_phasing_dm_shell.fom_centric 
_pdbx_phasing_dm_shell.fom 
_pdbx_phasing_dm_shell.reflns_acentric 
_pdbx_phasing_dm_shell.reflns_centric 
_pdbx_phasing_dm_shell.reflns 
5.600 23.683 ? ? 0.940 0.890 0.920 719  390 1109 
3.500 5.600  ? ? 0.920 0.800 0.900 2526 645 3171 
2.800 3.500  ? ? 0.640 0.520 0.620 3312 614 3926 
2.500 2.800  ? ? 0.360 0.280 0.350 3361 516 3877 
2.100 2.500  ? ? 0.250 0.230 0.250 5496 658 6154 
2.000 2.100  ? ? 0.130 0.100 0.130 1367 100 1467 
# 
_phasing.method   SAD 
# 
_phasing_MAD.entry_id               3GQU 
_phasing_MAD.pdbx_d_res_high        1.96 
_phasing_MAD.pdbx_d_res_low         23.68 
_phasing_MAD.pdbx_reflns_acentric   16159 
_phasing_MAD.pdbx_fom_acentric      0.307 
_phasing_MAD.pdbx_reflns_centric    2922 
_phasing_MAD.pdbx_fom_centric       0.179 
_phasing_MAD.pdbx_reflns            19657 
_phasing_MAD.pdbx_fom               0.284 
# 
loop_
_pdbx_unobs_or_zero_occ_residues.id 
_pdbx_unobs_or_zero_occ_residues.PDB_model_num 
_pdbx_unobs_or_zero_occ_residues.polymer_flag 
_pdbx_unobs_or_zero_occ_residues.occupancy_flag 
_pdbx_unobs_or_zero_occ_residues.auth_asym_id 
_pdbx_unobs_or_zero_occ_residues.auth_comp_id 
_pdbx_unobs_or_zero_occ_residues.auth_seq_id 
_pdbx_unobs_or_zero_occ_residues.PDB_ins_code 
_pdbx_unobs_or_zero_occ_residues.label_asym_id 
_pdbx_unobs_or_zero_occ_residues.label_comp_id 
_pdbx_unobs_or_zero_occ_residues.label_seq_id 
1  1 Y 1 A GLY 222 ? A GLY 1   
2  1 Y 1 A ARG 223 ? A ARG 2   
3  1 Y 1 A MET 224 ? A MET 3   
4  1 Y 1 A ARG 225 ? A ARG 4   
5  1 Y 1 A ILE 226 ? A ILE 5   
6  1 Y 1 A GLN 227 ? A GLN 6   
7  1 Y 1 A GLU 228 ? A GLU 7   
8  1 Y 1 A GLN 229 ? A GLN 8   
9  1 Y 1 A SER 230 ? A SER 9   
10 1 Y 1 A GLY 231 ? A GLY 10  
11 1 Y 1 A ALA 232 ? A ALA 11  
12 1 Y 1 A ARG 233 ? A ARG 12  
13 1 Y 1 A ASP 234 ? A ASP 13  
14 1 Y 1 A LYS 235 ? A LYS 14  
15 1 Y 1 A MET 236 ? A MET 15  
16 1 Y 1 A VAL 237 ? A VAL 16  
17 1 Y 1 A ILE 238 ? A ILE 17  
18 1 Y 1 A GLY 239 ? A GLY 18  
19 1 Y 1 A ALA 240 ? A ALA 19  
20 1 Y 1 A GLU 294 ? A GLU 73  
21 1 Y 1 A LYS 295 ? A LYS 74  
22 1 Y 1 A ALA 296 ? A ALA 75  
23 1 Y 1 A LEU 297 ? A LEU 76  
24 1 Y 1 A PHE 298 ? A PHE 77  
25 1 Y 1 A ARG 299 ? A ARG 78  
26 1 Y 1 A HIS 300 ? A HIS 79  
27 1 Y 1 A LEU 301 ? A LEU 80  
28 1 Y 1 A ARG 302 ? A ARG 81  
29 1 Y 1 A THR 303 ? A THR 82  
30 1 Y 1 A GLY 304 ? A GLY 83  
31 1 Y 1 A ALA 305 ? A ALA 84  
32 1 Y 1 A LYS 306 ? A LYS 85  
33 1 Y 1 A PRO 307 ? A PRO 86  
34 1 Y 1 A PRO 308 ? A PRO 87  
35 1 Y 1 A LYS 309 ? A LYS 88  
36 1 Y 1 A PRO 374 ? A PRO 153 
37 1 Y 1 A PRO 375 ? A PRO 154 
38 1 Y 1 A LYS 376 ? A LYS 155 
39 1 Y 1 A ARG 377 ? A ARG 156 
40 1 Y 1 A ARG 378 ? A ARG 157 
41 1 Y 1 A LYS 379 ? A LYS 158 
42 1 Y 1 A GLU 380 ? A GLU 159 
43 1 Y 1 A GLU 381 ? A GLU 160 
44 1 Y 1 A ARG 382 ? A ARG 161 
45 1 Y 1 A LYS 383 ? A LYS 162 
46 1 Y 1 A GLY 384 ? A GLY 163 
47 1 Y 1 A ARG 385 ? A ARG 164 
48 1 Y 1 A LYS 386 ? A LYS 165 
49 1 Y 1 A PRO 387 ? A PRO 166 
50 1 Y 1 A TRP 388 ? A TRP 167 
51 1 Y 1 A LYS 389 ? A LYS 168 
52 1 Y 1 A GLU 390 ? A GLU 169 
# 
loop_
_chem_comp_atom.comp_id 
_chem_comp_atom.atom_id 
_chem_comp_atom.type_symbol 
_chem_comp_atom.pdbx_aromatic_flag 
_chem_comp_atom.pdbx_stereo_config 
_chem_comp_atom.pdbx_ordinal 
ALA N    N N N 1   
ALA CA   C N S 2   
ALA C    C N N 3   
ALA O    O N N 4   
ALA CB   C N N 5   
ALA OXT  O N N 6   
ALA H    H N N 7   
ALA H2   H N N 8   
ALA HA   H N N 9   
ALA HB1  H N N 10  
ALA HB2  H N N 11  
ALA HB3  H N N 12  
ALA HXT  H N N 13  
ARG N    N N N 14  
ARG CA   C N S 15  
ARG C    C N N 16  
ARG O    O N N 17  
ARG CB   C N N 18  
ARG CG   C N N 19  
ARG CD   C N N 20  
ARG NE   N N N 21  
ARG CZ   C N N 22  
ARG NH1  N N N 23  
ARG NH2  N N N 24  
ARG OXT  O N N 25  
ARG H    H N N 26  
ARG H2   H N N 27  
ARG HA   H N N 28  
ARG HB2  H N N 29  
ARG HB3  H N N 30  
ARG HG2  H N N 31  
ARG HG3  H N N 32  
ARG HD2  H N N 33  
ARG HD3  H N N 34  
ARG HE   H N N 35  
ARG HH11 H N N 36  
ARG HH12 H N N 37  
ARG HH21 H N N 38  
ARG HH22 H N N 39  
ARG HXT  H N N 40  
ASN N    N N N 41  
ASN CA   C N S 42  
ASN C    C N N 43  
ASN O    O N N 44  
ASN CB   C N N 45  
ASN CG   C N N 46  
ASN OD1  O N N 47  
ASN ND2  N N N 48  
ASN OXT  O N N 49  
ASN H    H N N 50  
ASN H2   H N N 51  
ASN HA   H N N 52  
ASN HB2  H N N 53  
ASN HB3  H N N 54  
ASN HD21 H N N 55  
ASN HD22 H N N 56  
ASN HXT  H N N 57  
ASP N    N N N 58  
ASP CA   C N S 59  
ASP C    C N N 60  
ASP O    O N N 61  
ASP CB   C N N 62  
ASP CG   C N N 63  
ASP OD1  O N N 64  
ASP OD2  O N N 65  
ASP OXT  O N N 66  
ASP H    H N N 67  
ASP H2   H N N 68  
ASP HA   H N N 69  
ASP HB2  H N N 70  
ASP HB3  H N N 71  
ASP HD2  H N N 72  
ASP HXT  H N N 73  
GLN N    N N N 74  
GLN CA   C N S 75  
GLN C    C N N 76  
GLN O    O N N 77  
GLN CB   C N N 78  
GLN CG   C N N 79  
GLN CD   C N N 80  
GLN OE1  O N N 81  
GLN NE2  N N N 82  
GLN OXT  O N N 83  
GLN H    H N N 84  
GLN H2   H N N 85  
GLN HA   H N N 86  
GLN HB2  H N N 87  
GLN HB3  H N N 88  
GLN HG2  H N N 89  
GLN HG3  H N N 90  
GLN HE21 H N N 91  
GLN HE22 H N N 92  
GLN HXT  H N N 93  
GLU N    N N N 94  
GLU CA   C N S 95  
GLU C    C N N 96  
GLU O    O N N 97  
GLU CB   C N N 98  
GLU CG   C N N 99  
GLU CD   C N N 100 
GLU OE1  O N N 101 
GLU OE2  O N N 102 
GLU OXT  O N N 103 
GLU H    H N N 104 
GLU H2   H N N 105 
GLU HA   H N N 106 
GLU HB2  H N N 107 
GLU HB3  H N N 108 
GLU HG2  H N N 109 
GLU HG3  H N N 110 
GLU HE2  H N N 111 
GLU HXT  H N N 112 
GLY N    N N N 113 
GLY CA   C N N 114 
GLY C    C N N 115 
GLY O    O N N 116 
GLY OXT  O N N 117 
GLY H    H N N 118 
GLY H2   H N N 119 
GLY HA2  H N N 120 
GLY HA3  H N N 121 
GLY HXT  H N N 122 
HIS N    N N N 123 
HIS CA   C N S 124 
HIS C    C N N 125 
HIS O    O N N 126 
HIS CB   C N N 127 
HIS CG   C Y N 128 
HIS ND1  N Y N 129 
HIS CD2  C Y N 130 
HIS CE1  C Y N 131 
HIS NE2  N Y N 132 
HIS OXT  O N N 133 
HIS H    H N N 134 
HIS H2   H N N 135 
HIS HA   H N N 136 
HIS HB2  H N N 137 
HIS HB3  H N N 138 
HIS HD1  H N N 139 
HIS HD2  H N N 140 
HIS HE1  H N N 141 
HIS HE2  H N N 142 
HIS HXT  H N N 143 
HOH O    O N N 144 
HOH H1   H N N 145 
HOH H2   H N N 146 
ILE N    N N N 147 
ILE CA   C N S 148 
ILE C    C N N 149 
ILE O    O N N 150 
ILE CB   C N S 151 
ILE CG1  C N N 152 
ILE CG2  C N N 153 
ILE CD1  C N N 154 
ILE OXT  O N N 155 
ILE H    H N N 156 
ILE H2   H N N 157 
ILE HA   H N N 158 
ILE HB   H N N 159 
ILE HG12 H N N 160 
ILE HG13 H N N 161 
ILE HG21 H N N 162 
ILE HG22 H N N 163 
ILE HG23 H N N 164 
ILE HD11 H N N 165 
ILE HD12 H N N 166 
ILE HD13 H N N 167 
ILE HXT  H N N 168 
IOD I    I N N 169 
LEU N    N N N 170 
LEU CA   C N S 171 
LEU C    C N N 172 
LEU O    O N N 173 
LEU CB   C N N 174 
LEU CG   C N N 175 
LEU CD1  C N N 176 
LEU CD2  C N N 177 
LEU OXT  O N N 178 
LEU H    H N N 179 
LEU H2   H N N 180 
LEU HA   H N N 181 
LEU HB2  H N N 182 
LEU HB3  H N N 183 
LEU HG   H N N 184 
LEU HD11 H N N 185 
LEU HD12 H N N 186 
LEU HD13 H N N 187 
LEU HD21 H N N 188 
LEU HD22 H N N 189 
LEU HD23 H N N 190 
LEU HXT  H N N 191 
LYS N    N N N 192 
LYS CA   C N S 193 
LYS C    C N N 194 
LYS O    O N N 195 
LYS CB   C N N 196 
LYS CG   C N N 197 
LYS CD   C N N 198 
LYS CE   C N N 199 
LYS NZ   N N N 200 
LYS OXT  O N N 201 
LYS H    H N N 202 
LYS H2   H N N 203 
LYS HA   H N N 204 
LYS HB2  H N N 205 
LYS HB3  H N N 206 
LYS HG2  H N N 207 
LYS HG3  H N N 208 
LYS HD2  H N N 209 
LYS HD3  H N N 210 
LYS HE2  H N N 211 
LYS HE3  H N N 212 
LYS HZ1  H N N 213 
LYS HZ2  H N N 214 
LYS HZ3  H N N 215 
LYS HXT  H N N 216 
MET N    N N N 217 
MET CA   C N S 218 
MET C    C N N 219 
MET O    O N N 220 
MET CB   C N N 221 
MET CG   C N N 222 
MET SD   S N N 223 
MET CE   C N N 224 
MET OXT  O N N 225 
MET H    H N N 226 
MET H2   H N N 227 
MET HA   H N N 228 
MET HB2  H N N 229 
MET HB3  H N N 230 
MET HG2  H N N 231 
MET HG3  H N N 232 
MET HE1  H N N 233 
MET HE2  H N N 234 
MET HE3  H N N 235 
MET HXT  H N N 236 
PHE N    N N N 237 
PHE CA   C N S 238 
PHE C    C N N 239 
PHE O    O N N 240 
PHE CB   C N N 241 
PHE CG   C Y N 242 
PHE CD1  C Y N 243 
PHE CD2  C Y N 244 
PHE CE1  C Y N 245 
PHE CE2  C Y N 246 
PHE CZ   C Y N 247 
PHE OXT  O N N 248 
PHE H    H N N 249 
PHE H2   H N N 250 
PHE HA   H N N 251 
PHE HB2  H N N 252 
PHE HB3  H N N 253 
PHE HD1  H N N 254 
PHE HD2  H N N 255 
PHE HE1  H N N 256 
PHE HE2  H N N 257 
PHE HZ   H N N 258 
PHE HXT  H N N 259 
PRO N    N N N 260 
PRO CA   C N S 261 
PRO C    C N N 262 
PRO O    O N N 263 
PRO CB   C N N 264 
PRO CG   C N N 265 
PRO CD   C N N 266 
PRO OXT  O N N 267 
PRO H    H N N 268 
PRO HA   H N N 269 
PRO HB2  H N N 270 
PRO HB3  H N N 271 
PRO HG2  H N N 272 
PRO HG3  H N N 273 
PRO HD2  H N N 274 
PRO HD3  H N N 275 
PRO HXT  H N N 276 
SER N    N N N 277 
SER CA   C N S 278 
SER C    C N N 279 
SER O    O N N 280 
SER CB   C N N 281 
SER OG   O N N 282 
SER OXT  O N N 283 
SER H    H N N 284 
SER H2   H N N 285 
SER HA   H N N 286 
SER HB2  H N N 287 
SER HB3  H N N 288 
SER HG   H N N 289 
SER HXT  H N N 290 
THR N    N N N 291 
THR CA   C N S 292 
THR C    C N N 293 
THR O    O N N 294 
THR CB   C N R 295 
THR OG1  O N N 296 
THR CG2  C N N 297 
THR OXT  O N N 298 
THR H    H N N 299 
THR H2   H N N 300 
THR HA   H N N 301 
THR HB   H N N 302 
THR HG1  H N N 303 
THR HG21 H N N 304 
THR HG22 H N N 305 
THR HG23 H N N 306 
THR HXT  H N N 307 
TRP N    N N N 308 
TRP CA   C N S 309 
TRP C    C N N 310 
TRP O    O N N 311 
TRP CB   C N N 312 
TRP CG   C Y N 313 
TRP CD1  C Y N 314 
TRP CD2  C Y N 315 
TRP NE1  N Y N 316 
TRP CE2  C Y N 317 
TRP CE3  C Y N 318 
TRP CZ2  C Y N 319 
TRP CZ3  C Y N 320 
TRP CH2  C Y N 321 
TRP OXT  O N N 322 
TRP H    H N N 323 
TRP H2   H N N 324 
TRP HA   H N N 325 
TRP HB2  H N N 326 
TRP HB3  H N N 327 
TRP HD1  H N N 328 
TRP HE1  H N N 329 
TRP HE3  H N N 330 
TRP HZ2  H N N 331 
TRP HZ3  H N N 332 
TRP HH2  H N N 333 
TRP HXT  H N N 334 
TYR N    N N N 335 
TYR CA   C N S 336 
TYR C    C N N 337 
TYR O    O N N 338 
TYR CB   C N N 339 
TYR CG   C Y N 340 
TYR CD1  C Y N 341 
TYR CD2  C Y N 342 
TYR CE1  C Y N 343 
TYR CE2  C Y N 344 
TYR CZ   C Y N 345 
TYR OH   O N N 346 
TYR OXT  O N N 347 
TYR H    H N N 348 
TYR H2   H N N 349 
TYR HA   H N N 350 
TYR HB2  H N N 351 
TYR HB3  H N N 352 
TYR HD1  H N N 353 
TYR HD2  H N N 354 
TYR HE1  H N N 355 
TYR HE2  H N N 356 
TYR HH   H N N 357 
TYR HXT  H N N 358 
VAL N    N N N 359 
VAL CA   C N S 360 
VAL C    C N N 361 
VAL O    O N N 362 
VAL CB   C N N 363 
VAL CG1  C N N 364 
VAL CG2  C N N 365 
VAL OXT  O N N 366 
VAL H    H N N 367 
VAL H2   H N N 368 
VAL HA   H N N 369 
VAL HB   H N N 370 
VAL HG11 H N N 371 
VAL HG12 H N N 372 
VAL HG13 H N N 373 
VAL HG21 H N N 374 
VAL HG22 H N N 375 
VAL HG23 H N N 376 
VAL HXT  H N N 377 
# 
loop_
_chem_comp_bond.comp_id 
_chem_comp_bond.atom_id_1 
_chem_comp_bond.atom_id_2 
_chem_comp_bond.value_order 
_chem_comp_bond.pdbx_aromatic_flag 
_chem_comp_bond.pdbx_stereo_config 
_chem_comp_bond.pdbx_ordinal 
ALA N   CA   sing N N 1   
ALA N   H    sing N N 2   
ALA N   H2   sing N N 3   
ALA CA  C    sing N N 4   
ALA CA  CB   sing N N 5   
ALA CA  HA   sing N N 6   
ALA C   O    doub N N 7   
ALA C   OXT  sing N N 8   
ALA CB  HB1  sing N N 9   
ALA CB  HB2  sing N N 10  
ALA CB  HB3  sing N N 11  
ALA OXT HXT  sing N N 12  
ARG N   CA   sing N N 13  
ARG N   H    sing N N 14  
ARG N   H2   sing N N 15  
ARG CA  C    sing N N 16  
ARG CA  CB   sing N N 17  
ARG CA  HA   sing N N 18  
ARG C   O    doub N N 19  
ARG C   OXT  sing N N 20  
ARG CB  CG   sing N N 21  
ARG CB  HB2  sing N N 22  
ARG CB  HB3  sing N N 23  
ARG CG  CD   sing N N 24  
ARG CG  HG2  sing N N 25  
ARG CG  HG3  sing N N 26  
ARG CD  NE   sing N N 27  
ARG CD  HD2  sing N N 28  
ARG CD  HD3  sing N N 29  
ARG NE  CZ   sing N N 30  
ARG NE  HE   sing N N 31  
ARG CZ  NH1  sing N N 32  
ARG CZ  NH2  doub N N 33  
ARG NH1 HH11 sing N N 34  
ARG NH1 HH12 sing N N 35  
ARG NH2 HH21 sing N N 36  
ARG NH2 HH22 sing N N 37  
ARG OXT HXT  sing N N 38  
ASN N   CA   sing N N 39  
ASN N   H    sing N N 40  
ASN N   H2   sing N N 41  
ASN CA  C    sing N N 42  
ASN CA  CB   sing N N 43  
ASN CA  HA   sing N N 44  
ASN C   O    doub N N 45  
ASN C   OXT  sing N N 46  
ASN CB  CG   sing N N 47  
ASN CB  HB2  sing N N 48  
ASN CB  HB3  sing N N 49  
ASN CG  OD1  doub N N 50  
ASN CG  ND2  sing N N 51  
ASN ND2 HD21 sing N N 52  
ASN ND2 HD22 sing N N 53  
ASN OXT HXT  sing N N 54  
ASP N   CA   sing N N 55  
ASP N   H    sing N N 56  
ASP N   H2   sing N N 57  
ASP CA  C    sing N N 58  
ASP CA  CB   sing N N 59  
ASP CA  HA   sing N N 60  
ASP C   O    doub N N 61  
ASP C   OXT  sing N N 62  
ASP CB  CG   sing N N 63  
ASP CB  HB2  sing N N 64  
ASP CB  HB3  sing N N 65  
ASP CG  OD1  doub N N 66  
ASP CG  OD2  sing N N 67  
ASP OD2 HD2  sing N N 68  
ASP OXT HXT  sing N N 69  
GLN N   CA   sing N N 70  
GLN N   H    sing N N 71  
GLN N   H2   sing N N 72  
GLN CA  C    sing N N 73  
GLN CA  CB   sing N N 74  
GLN CA  HA   sing N N 75  
GLN C   O    doub N N 76  
GLN C   OXT  sing N N 77  
GLN CB  CG   sing N N 78  
GLN CB  HB2  sing N N 79  
GLN CB  HB3  sing N N 80  
GLN CG  CD   sing N N 81  
GLN CG  HG2  sing N N 82  
GLN CG  HG3  sing N N 83  
GLN CD  OE1  doub N N 84  
GLN CD  NE2  sing N N 85  
GLN NE2 HE21 sing N N 86  
GLN NE2 HE22 sing N N 87  
GLN OXT HXT  sing N N 88  
GLU N   CA   sing N N 89  
GLU N   H    sing N N 90  
GLU N   H2   sing N N 91  
GLU CA  C    sing N N 92  
GLU CA  CB   sing N N 93  
GLU CA  HA   sing N N 94  
GLU C   O    doub N N 95  
GLU C   OXT  sing N N 96  
GLU CB  CG   sing N N 97  
GLU CB  HB2  sing N N 98  
GLU CB  HB3  sing N N 99  
GLU CG  CD   sing N N 100 
GLU CG  HG2  sing N N 101 
GLU CG  HG3  sing N N 102 
GLU CD  OE1  doub N N 103 
GLU CD  OE2  sing N N 104 
GLU OE2 HE2  sing N N 105 
GLU OXT HXT  sing N N 106 
GLY N   CA   sing N N 107 
GLY N   H    sing N N 108 
GLY N   H2   sing N N 109 
GLY CA  C    sing N N 110 
GLY CA  HA2  sing N N 111 
GLY CA  HA3  sing N N 112 
GLY C   O    doub N N 113 
GLY C   OXT  sing N N 114 
GLY OXT HXT  sing N N 115 
HIS N   CA   sing N N 116 
HIS N   H    sing N N 117 
HIS N   H2   sing N N 118 
HIS CA  C    sing N N 119 
HIS CA  CB   sing N N 120 
HIS CA  HA   sing N N 121 
HIS C   O    doub N N 122 
HIS C   OXT  sing N N 123 
HIS CB  CG   sing N N 124 
HIS CB  HB2  sing N N 125 
HIS CB  HB3  sing N N 126 
HIS CG  ND1  sing Y N 127 
HIS CG  CD2  doub Y N 128 
HIS ND1 CE1  doub Y N 129 
HIS ND1 HD1  sing N N 130 
HIS CD2 NE2  sing Y N 131 
HIS CD2 HD2  sing N N 132 
HIS CE1 NE2  sing Y N 133 
HIS CE1 HE1  sing N N 134 
HIS NE2 HE2  sing N N 135 
HIS OXT HXT  sing N N 136 
HOH O   H1   sing N N 137 
HOH O   H2   sing N N 138 
ILE N   CA   sing N N 139 
ILE N   H    sing N N 140 
ILE N   H2   sing N N 141 
ILE CA  C    sing N N 142 
ILE CA  CB   sing N N 143 
ILE CA  HA   sing N N 144 
ILE C   O    doub N N 145 
ILE C   OXT  sing N N 146 
ILE CB  CG1  sing N N 147 
ILE CB  CG2  sing N N 148 
ILE CB  HB   sing N N 149 
ILE CG1 CD1  sing N N 150 
ILE CG1 HG12 sing N N 151 
ILE CG1 HG13 sing N N 152 
ILE CG2 HG21 sing N N 153 
ILE CG2 HG22 sing N N 154 
ILE CG2 HG23 sing N N 155 
ILE CD1 HD11 sing N N 156 
ILE CD1 HD12 sing N N 157 
ILE CD1 HD13 sing N N 158 
ILE OXT HXT  sing N N 159 
LEU N   CA   sing N N 160 
LEU N   H    sing N N 161 
LEU N   H2   sing N N 162 
LEU CA  C    sing N N 163 
LEU CA  CB   sing N N 164 
LEU CA  HA   sing N N 165 
LEU C   O    doub N N 166 
LEU C   OXT  sing N N 167 
LEU CB  CG   sing N N 168 
LEU CB  HB2  sing N N 169 
LEU CB  HB3  sing N N 170 
LEU CG  CD1  sing N N 171 
LEU CG  CD2  sing N N 172 
LEU CG  HG   sing N N 173 
LEU CD1 HD11 sing N N 174 
LEU CD1 HD12 sing N N 175 
LEU CD1 HD13 sing N N 176 
LEU CD2 HD21 sing N N 177 
LEU CD2 HD22 sing N N 178 
LEU CD2 HD23 sing N N 179 
LEU OXT HXT  sing N N 180 
LYS N   CA   sing N N 181 
LYS N   H    sing N N 182 
LYS N   H2   sing N N 183 
LYS CA  C    sing N N 184 
LYS CA  CB   sing N N 185 
LYS CA  HA   sing N N 186 
LYS C   O    doub N N 187 
LYS C   OXT  sing N N 188 
LYS CB  CG   sing N N 189 
LYS CB  HB2  sing N N 190 
LYS CB  HB3  sing N N 191 
LYS CG  CD   sing N N 192 
LYS CG  HG2  sing N N 193 
LYS CG  HG3  sing N N 194 
LYS CD  CE   sing N N 195 
LYS CD  HD2  sing N N 196 
LYS CD  HD3  sing N N 197 
LYS CE  NZ   sing N N 198 
LYS CE  HE2  sing N N 199 
LYS CE  HE3  sing N N 200 
LYS NZ  HZ1  sing N N 201 
LYS NZ  HZ2  sing N N 202 
LYS NZ  HZ3  sing N N 203 
LYS OXT HXT  sing N N 204 
MET N   CA   sing N N 205 
MET N   H    sing N N 206 
MET N   H2   sing N N 207 
MET CA  C    sing N N 208 
MET CA  CB   sing N N 209 
MET CA  HA   sing N N 210 
MET C   O    doub N N 211 
MET C   OXT  sing N N 212 
MET CB  CG   sing N N 213 
MET CB  HB2  sing N N 214 
MET CB  HB3  sing N N 215 
MET CG  SD   sing N N 216 
MET CG  HG2  sing N N 217 
MET CG  HG3  sing N N 218 
MET SD  CE   sing N N 219 
MET CE  HE1  sing N N 220 
MET CE  HE2  sing N N 221 
MET CE  HE3  sing N N 222 
MET OXT HXT  sing N N 223 
PHE N   CA   sing N N 224 
PHE N   H    sing N N 225 
PHE N   H2   sing N N 226 
PHE CA  C    sing N N 227 
PHE CA  CB   sing N N 228 
PHE CA  HA   sing N N 229 
PHE C   O    doub N N 230 
PHE C   OXT  sing N N 231 
PHE CB  CG   sing N N 232 
PHE CB  HB2  sing N N 233 
PHE CB  HB3  sing N N 234 
PHE CG  CD1  doub Y N 235 
PHE CG  CD2  sing Y N 236 
PHE CD1 CE1  sing Y N 237 
PHE CD1 HD1  sing N N 238 
PHE CD2 CE2  doub Y N 239 
PHE CD2 HD2  sing N N 240 
PHE CE1 CZ   doub Y N 241 
PHE CE1 HE1  sing N N 242 
PHE CE2 CZ   sing Y N 243 
PHE CE2 HE2  sing N N 244 
PHE CZ  HZ   sing N N 245 
PHE OXT HXT  sing N N 246 
PRO N   CA   sing N N 247 
PRO N   CD   sing N N 248 
PRO N   H    sing N N 249 
PRO CA  C    sing N N 250 
PRO CA  CB   sing N N 251 
PRO CA  HA   sing N N 252 
PRO C   O    doub N N 253 
PRO C   OXT  sing N N 254 
PRO CB  CG   sing N N 255 
PRO CB  HB2  sing N N 256 
PRO CB  HB3  sing N N 257 
PRO CG  CD   sing N N 258 
PRO CG  HG2  sing N N 259 
PRO CG  HG3  sing N N 260 
PRO CD  HD2  sing N N 261 
PRO CD  HD3  sing N N 262 
PRO OXT HXT  sing N N 263 
SER N   CA   sing N N 264 
SER N   H    sing N N 265 
SER N   H2   sing N N 266 
SER CA  C    sing N N 267 
SER CA  CB   sing N N 268 
SER CA  HA   sing N N 269 
SER C   O    doub N N 270 
SER C   OXT  sing N N 271 
SER CB  OG   sing N N 272 
SER CB  HB2  sing N N 273 
SER CB  HB3  sing N N 274 
SER OG  HG   sing N N 275 
SER OXT HXT  sing N N 276 
THR N   CA   sing N N 277 
THR N   H    sing N N 278 
THR N   H2   sing N N 279 
THR CA  C    sing N N 280 
THR CA  CB   sing N N 281 
THR CA  HA   sing N N 282 
THR C   O    doub N N 283 
THR C   OXT  sing N N 284 
THR CB  OG1  sing N N 285 
THR CB  CG2  sing N N 286 
THR CB  HB   sing N N 287 
THR OG1 HG1  sing N N 288 
THR CG2 HG21 sing N N 289 
THR CG2 HG22 sing N N 290 
THR CG2 HG23 sing N N 291 
THR OXT HXT  sing N N 292 
TRP N   CA   sing N N 293 
TRP N   H    sing N N 294 
TRP N   H2   sing N N 295 
TRP CA  C    sing N N 296 
TRP CA  CB   sing N N 297 
TRP CA  HA   sing N N 298 
TRP C   O    doub N N 299 
TRP C   OXT  sing N N 300 
TRP CB  CG   sing N N 301 
TRP CB  HB2  sing N N 302 
TRP CB  HB3  sing N N 303 
TRP CG  CD1  doub Y N 304 
TRP CG  CD2  sing Y N 305 
TRP CD1 NE1  sing Y N 306 
TRP CD1 HD1  sing N N 307 
TRP CD2 CE2  doub Y N 308 
TRP CD2 CE3  sing Y N 309 
TRP NE1 CE2  sing Y N 310 
TRP NE1 HE1  sing N N 311 
TRP CE2 CZ2  sing Y N 312 
TRP CE3 CZ3  doub Y N 313 
TRP CE3 HE3  sing N N 314 
TRP CZ2 CH2  doub Y N 315 
TRP CZ2 HZ2  sing N N 316 
TRP CZ3 CH2  sing Y N 317 
TRP CZ3 HZ3  sing N N 318 
TRP CH2 HH2  sing N N 319 
TRP OXT HXT  sing N N 320 
TYR N   CA   sing N N 321 
TYR N   H    sing N N 322 
TYR N   H2   sing N N 323 
TYR CA  C    sing N N 324 
TYR CA  CB   sing N N 325 
TYR CA  HA   sing N N 326 
TYR C   O    doub N N 327 
TYR C   OXT  sing N N 328 
TYR CB  CG   sing N N 329 
TYR CB  HB2  sing N N 330 
TYR CB  HB3  sing N N 331 
TYR CG  CD1  doub Y N 332 
TYR CG  CD2  sing Y N 333 
TYR CD1 CE1  sing Y N 334 
TYR CD1 HD1  sing N N 335 
TYR CD2 CE2  doub Y N 336 
TYR CD2 HD2  sing N N 337 
TYR CE1 CZ   doub Y N 338 
TYR CE1 HE1  sing N N 339 
TYR CE2 CZ   sing Y N 340 
TYR CE2 HE2  sing N N 341 
TYR CZ  OH   sing N N 342 
TYR OH  HH   sing N N 343 
TYR OXT HXT  sing N N 344 
VAL N   CA   sing N N 345 
VAL N   H    sing N N 346 
VAL N   H2   sing N N 347 
VAL CA  C    sing N N 348 
VAL CA  CB   sing N N 349 
VAL CA  HA   sing N N 350 
VAL C   O    doub N N 351 
VAL C   OXT  sing N N 352 
VAL CB  CG1  sing N N 353 
VAL CB  CG2  sing N N 354 
VAL CB  HB   sing N N 355 
VAL CG1 HG11 sing N N 356 
VAL CG1 HG12 sing N N 357 
VAL CG1 HG13 sing N N 358 
VAL CG2 HG21 sing N N 359 
VAL CG2 HG22 sing N N 360 
VAL CG2 HG23 sing N N 361 
VAL OXT HXT  sing N N 362 
# 
_atom_sites.entry_id                    3GQU 
_atom_sites.fract_transf_matrix[1][1]   0.00291332 
_atom_sites.fract_transf_matrix[1][2]   0.00531445 
_atom_sites.fract_transf_matrix[1][3]   0.01215930 
_atom_sites.fract_transf_matrix[2][1]   0.00589923 
_atom_sites.fract_transf_matrix[2][2]   0.01063242 
_atom_sites.fract_transf_matrix[2][3]   -0.00606053 
_atom_sites.fract_transf_matrix[3][1]   -0.00765638 
_atom_sites.fract_transf_matrix[3][2]   0.00423787 
_atom_sites.fract_transf_matrix[3][3]   -0.00001780 
_atom_sites.fract_transf_vector[1]      0.216844 
_atom_sites.fract_transf_vector[2]      0.118989 
_atom_sites.fract_transf_vector[3]      0.118824 
# 
loop_
_atom_type.symbol 
C 
I 
N 
O 
S 
# 
loop_
_atom_site.group_PDB 
_atom_site.id 
_atom_site.type_symbol 
_atom_site.label_atom_id 
_atom_site.label_alt_id 
_atom_site.label_comp_id 
_atom_site.label_asym_id 
_atom_site.label_entity_id 
_atom_site.label_seq_id 
_atom_site.pdbx_PDB_ins_code 
_atom_site.Cartn_x 
_atom_site.Cartn_y 
_atom_site.Cartn_z 
_atom_site.occupancy 
_atom_site.B_iso_or_equiv 
_atom_site.pdbx_formal_charge 
_atom_site.auth_seq_id 
_atom_site.auth_comp_id 
_atom_site.auth_asym_id 
_atom_site.auth_atom_id 
_atom_site.pdbx_PDB_model_num 
ATOM   1   N N   . GLY A 1 20  ? 6.419   -17.227 -20.241 1.00 51.60  ? 241 GLY A N   1 
ATOM   2   C CA  . GLY A 1 20  ? 6.357   -16.935 -18.820 1.00 62.73  ? 241 GLY A CA  1 
ATOM   3   C C   . GLY A 1 20  ? 7.561   -16.178 -18.274 1.00 56.86  ? 241 GLY A C   1 
ATOM   4   O O   . GLY A 1 20  ? 8.561   -16.782 -17.885 1.00 45.09  ? 241 GLY A O   1 
ATOM   5   N N   . GLY A 1 21  ? 7.465   -14.847 -18.253 1.00 44.34  ? 242 GLY A N   1 
ATOM   6   C CA  . GLY A 1 21  ? 8.480   -14.002 -17.624 1.00 54.47  ? 242 GLY A CA  1 
ATOM   7   C C   . GLY A 1 21  ? 8.392   -13.876 -16.095 1.00 53.46  ? 242 GLY A C   1 
ATOM   8   O O   . GLY A 1 21  ? 7.353   -14.171 -15.492 1.00 49.94  ? 242 GLY A O   1 
ATOM   9   N N   . LEU A 1 22  ? 9.496   -13.455 -15.476 1.00 45.75  ? 243 LEU A N   1 
ATOM   10  C CA  . LEU A 1 22  ? 9.585   -13.214 -14.020 1.00 52.48  ? 243 LEU A CA  1 
ATOM   11  C C   . LEU A 1 22  ? 8.361   -12.498 -13.468 1.00 48.34  ? 243 LEU A C   1 
ATOM   12  O O   . LEU A 1 22  ? 7.676   -12.978 -12.572 1.00 55.37  ? 243 LEU A O   1 
ATOM   13  C CB  . LEU A 1 22  ? 10.793  -12.326 -13.707 1.00 48.30  ? 243 LEU A CB  1 
ATOM   14  C CG  . LEU A 1 22  ? 11.568  -12.551 -12.404 1.00 54.48  ? 243 LEU A CG  1 
ATOM   15  C CD1 . LEU A 1 22  ? 12.152  -11.230 -11.875 1.00 43.89  ? 243 LEU A CD1 1 
ATOM   16  C CD2 . LEU A 1 22  ? 10.723  -13.235 -11.326 1.00 41.86  ? 243 LEU A CD2 1 
ATOM   17  N N   . GLU A 1 23  ? 8.124   -11.317 -14.008 1.00 41.95  ? 244 GLU A N   1 
ATOM   18  C CA  . GLU A 1 23  ? 6.987   -10.482 -13.681 1.00 40.90  ? 244 GLU A CA  1 
ATOM   19  C C   . GLU A 1 23  ? 5.606   -11.146 -13.793 1.00 54.21  ? 244 GLU A C   1 
ATOM   20  O O   . GLU A 1 23  ? 4.702   -10.857 -13.010 1.00 51.06  ? 244 GLU A O   1 
ATOM   21  C CB  . GLU A 1 23  ? 7.032   -9.319  -14.638 1.00 39.82  ? 244 GLU A CB  1 
ATOM   22  C CG  . GLU A 1 23  ? 6.022   -8.274  -14.410 1.00 56.57  ? 244 GLU A CG  1 
ATOM   23  C CD  . GLU A 1 23  ? 5.907   -7.365  -15.603 1.00 70.15  ? 244 GLU A CD  1 
ATOM   24  O OE1 . GLU A 1 23  ? 6.278   -7.805  -16.718 1.00 80.58  ? 244 GLU A OE1 1 
ATOM   25  O OE2 . GLU A 1 23  ? 5.447   -6.218  -15.428 1.00 76.14  ? 244 GLU A OE2 1 
ATOM   26  N N   . ASP A 1 24  ? 5.434   -12.003 -14.790 1.00 52.65  ? 245 ASP A N   1 
ATOM   27  C CA  . ASP A 1 24  ? 4.162   -12.686 -14.998 1.00 54.12  ? 245 ASP A CA  1 
ATOM   28  C C   . ASP A 1 24  ? 3.952   -13.672 -13.854 1.00 44.63  ? 245 ASP A C   1 
ATOM   29  O O   . ASP A 1 24  ? 2.847   -13.824 -13.339 1.00 43.90  ? 245 ASP A O   1 
ATOM   30  C CB  . ASP A 1 24  ? 4.146   -13.395 -16.368 1.00 44.94  ? 245 ASP A CB  1 
ATOM   31  N N   . TYR A 1 25  ? 5.031   -14.326 -13.450 1.00 40.15  ? 246 TYR A N   1 
ATOM   32  C CA  . TYR A 1 25  ? 5.015   -15.231 -12.312 1.00 44.22  ? 246 TYR A CA  1 
ATOM   33  C C   . TYR A 1 25  ? 4.541   -14.544 -11.036 1.00 51.94  ? 246 TYR A C   1 
ATOM   34  O O   . TYR A 1 25  ? 3.779   -15.096 -10.240 1.00 46.67  ? 246 TYR A O   1 
ATOM   35  C CB  . TYR A 1 25  ? 6.411   -15.790 -12.061 1.00 38.71  ? 246 TYR A CB  1 
ATOM   36  C CG  . TYR A 1 25  ? 6.801   -16.905 -12.981 1.00 57.87  ? 246 TYR A CG  1 
ATOM   37  C CD1 . TYR A 1 25  ? 7.879   -16.769 -13.869 1.00 58.71  ? 246 TYR A CD1 1 
ATOM   38  C CD2 . TYR A 1 25  ? 6.090   -18.103 -12.983 1.00 61.73  ? 246 TYR A CD2 1 
ATOM   39  C CE1 . TYR A 1 25  ? 8.245   -17.812 -14.721 1.00 48.36  ? 246 TYR A CE1 1 
ATOM   40  C CE2 . TYR A 1 25  ? 6.442   -19.134 -13.832 1.00 61.24  ? 246 TYR A CE2 1 
ATOM   41  C CZ  . TYR A 1 25  ? 7.519   -18.991 -14.695 1.00 57.44  ? 246 TYR A CZ  1 
ATOM   42  O OH  . TYR A 1 25  ? 7.852   -20.038 -15.529 1.00 58.10  ? 246 TYR A OH  1 
ATOM   43  N N   . ILE A 1 26  ? 5.030   -13.337 -10.834 1.00 48.43  ? 247 ILE A N   1 
ATOM   44  C CA  . ILE A 1 26  ? 4.795   -12.653 -9.584  1.00 47.97  ? 247 ILE A CA  1 
ATOM   45  C C   . ILE A 1 26  ? 3.390   -12.089 -9.602  1.00 47.91  ? 247 ILE A C   1 
ATOM   46  O O   . ILE A 1 26  ? 2.674   -12.116 -8.597  1.00 46.94  ? 247 ILE A O   1 
ATOM   47  C CB  . ILE A 1 26  ? 5.868   -11.577 -9.374  1.00 54.05  ? 247 ILE A CB  1 
ATOM   48  C CG1 . ILE A 1 26  ? 7.216   -12.265 -9.138  1.00 51.10  ? 247 ILE A CG1 1 
ATOM   49  C CG2 . ILE A 1 26  ? 5.492   -10.617 -8.248  1.00 54.57  ? 247 ILE A CG2 1 
ATOM   50  C CD1 . ILE A 1 26  ? 8.317   -11.328 -8.801  1.00 63.52  ? 247 ILE A CD1 1 
ATOM   51  N N   . ASP A 1 27  ? 2.985   -11.621 -10.774 1.00 37.97  ? 248 ASP A N   1 
ATOM   52  C CA  . ASP A 1 27  ? 1.646   -11.106 -10.954 1.00 46.69  ? 248 ASP A CA  1 
ATOM   53  C C   . ASP A 1 27  ? 0.650   -12.209 -10.616 1.00 51.38  ? 248 ASP A C   1 
ATOM   54  O O   . ASP A 1 27  ? -0.308  -12.005 -9.870  1.00 47.53  ? 248 ASP A O   1 
ATOM   55  C CB  . ASP A 1 27  ? 1.475   -10.633 -12.385 1.00 50.74  ? 248 ASP A CB  1 
ATOM   56  C CG  . ASP A 1 27  ? 0.127   -10.040 -12.636 1.00 61.92  ? 248 ASP A CG  1 
ATOM   57  O OD1 . ASP A 1 27  ? 0.002   -8.792  -12.541 1.00 61.41  ? 248 ASP A OD1 1 
ATOM   58  O OD2 . ASP A 1 27  ? -0.802  -10.827 -12.921 1.00 57.15  ? 248 ASP A OD2 1 
ATOM   59  N N   . LYS A 1 28  ? 0.907   -13.390 -11.156 1.00 55.44  ? 249 LYS A N   1 
ATOM   60  C CA  . LYS A 1 28  ? 0.085   -14.554 -10.868 1.00 55.60  ? 249 LYS A CA  1 
ATOM   61  C C   . LYS A 1 28  ? 0.145   -14.929 -9.379  1.00 47.80  ? 249 LYS A C   1 
ATOM   62  O O   . LYS A 1 28  ? -0.886  -15.116 -8.743  1.00 51.06  ? 249 LYS A O   1 
ATOM   63  C CB  . LYS A 1 28  ? 0.498   -15.730 -11.763 1.00 54.37  ? 249 LYS A CB  1 
ATOM   64  N N   . ALA A 1 29  ? 1.351   -15.028 -8.830  1.00 38.74  ? 250 ALA A N   1 
ATOM   65  C CA  . ALA A 1 29  ? 1.537   -15.337 -7.405  1.00 49.20  ? 250 ALA A CA  1 
ATOM   66  C C   . ALA A 1 29  ? 0.744   -14.406 -6.479  1.00 54.06  ? 250 ALA A C   1 
ATOM   67  O O   . ALA A 1 29  ? 0.128   -14.853 -5.510  1.00 52.47  ? 250 ALA A O   1 
ATOM   68  C CB  . ALA A 1 29  ? 3.021   -15.296 -7.024  1.00 36.16  ? 250 ALA A CB  1 
ATOM   69  N N   . MET A 1 30  ? 0.772   -13.112 -6.769  1.00 48.81  ? 251 MET A N   1 
ATOM   70  C CA  . MET A 1 30  ? 0.049   -12.156 -5.956  1.00 45.31  ? 251 MET A CA  1 
ATOM   71  C C   . MET A 1 30  ? -1.444  -12.406 -5.994  1.00 43.31  ? 251 MET A C   1 
ATOM   72  O O   . MET A 1 30  ? -2.149  -12.115 -5.027  1.00 43.76  ? 251 MET A O   1 
ATOM   73  C CB  . MET A 1 30  ? 0.379   -10.743 -6.401  1.00 38.96  ? 251 MET A CB  1 
ATOM   74  C CG  . MET A 1 30  ? 1.711   -10.324 -5.903  1.00 37.61  ? 251 MET A CG  1 
ATOM   75  S SD  . MET A 1 30  ? 1.751   -9.859  -4.170  1.00 39.99  ? 251 MET A SD  1 
ATOM   76  C CE  . MET A 1 30  ? 3.052   -10.975 -3.769  1.00 36.61  ? 251 MET A CE  1 
ATOM   77  N N   . ASP A 1 31  ? -1.920  -12.929 -7.119  1.00 42.92  ? 252 ASP A N   1 
ATOM   78  C CA  . ASP A 1 31  ? -3.290  -13.420 -7.232  1.00 47.15  ? 252 ASP A CA  1 
ATOM   79  C C   . ASP A 1 31  ? -3.593  -14.509 -6.177  1.00 45.23  ? 252 ASP A C   1 
ATOM   80  O O   . ASP A 1 31  ? -4.714  -14.642 -5.707  1.00 43.34  ? 252 ASP A O   1 
ATOM   81  C CB  . ASP A 1 31  ? -3.532  -13.977 -8.639  1.00 42.78  ? 252 ASP A CB  1 
ATOM   82  C CG  . ASP A 1 31  ? -3.830  -12.903 -9.654  1.00 40.94  ? 252 ASP A CG  1 
ATOM   83  O OD1 . ASP A 1 31  ? -4.231  -11.801 -9.263  1.00 44.83  ? 252 ASP A OD1 1 
ATOM   84  O OD2 . ASP A 1 31  ? -3.688  -13.166 -10.859 1.00 52.76  ? 252 ASP A OD2 1 
ATOM   85  N N   . ASP A 1 32  ? -2.580  -15.267 -5.788  1.00 41.72  ? 253 ASP A N   1 
ATOM   86  C CA  . ASP A 1 32  ? -2.774  -16.316 -4.809  1.00 48.41  ? 253 ASP A CA  1 
ATOM   87  C C   . ASP A 1 32  ? -2.436  -15.857 -3.403  1.00 46.59  ? 253 ASP A C   1 
ATOM   88  O O   . ASP A 1 32  ? -3.133  -16.184 -2.450  1.00 49.86  ? 253 ASP A O   1 
ATOM   89  C CB  . ASP A 1 32  ? -1.963  -17.552 -5.196  1.00 55.56  ? 253 ASP A CB  1 
ATOM   90  C CG  . ASP A 1 32  ? -2.547  -18.257 -6.404  1.00 62.58  ? 253 ASP A CG  1 
ATOM   91  O OD1 . ASP A 1 32  ? -1.789  -18.895 -7.173  1.00 64.66  ? 253 ASP A OD1 1 
ATOM   92  O OD2 . ASP A 1 32  ? -3.783  -18.145 -6.583  1.00 62.86  ? 253 ASP A OD2 1 
ATOM   93  N N   . VAL A 1 33  ? -1.389  -15.059 -3.280  1.00 47.81  ? 254 VAL A N   1 
ATOM   94  C CA  . VAL A 1 33  ? -0.873  -14.716 -1.969  1.00 45.96  ? 254 VAL A CA  1 
ATOM   95  C C   . VAL A 1 33  ? -1.599  -13.527 -1.344  1.00 41.35  ? 254 VAL A C   1 
ATOM   96  O O   . VAL A 1 33  ? -1.779  -13.491 -0.143  1.00 39.16  ? 254 VAL A O   1 
ATOM   97  C CB  . VAL A 1 33  ? 0.648   -14.474 -2.044  1.00 47.22  ? 254 VAL A CB  1 
ATOM   98  C CG1 . VAL A 1 33  ? 1.270   -14.300 -0.658  1.00 49.23  ? 254 VAL A CG1 1 
ATOM   99  C CG2 . VAL A 1 33  ? 1.285   -15.638 -2.766  1.00 42.01  ? 254 VAL A CG2 1 
ATOM   100 N N   . ALA A 1 34  ? -2.059  -12.584 -2.152  1.00 38.56  ? 255 ALA A N   1 
ATOM   101 C CA  . ALA A 1 34  ? -2.369  -11.263 -1.608  1.00 38.95  ? 255 ALA A CA  1 
ATOM   102 C C   . ALA A 1 34  ? -3.069  -10.333 -2.580  1.00 34.37  ? 255 ALA A C   1 
ATOM   103 O O   . ALA A 1 34  ? -2.544  -9.288  -2.923  1.00 45.98  ? 255 ALA A O   1 
ATOM   104 C CB  . ALA A 1 34  ? -1.078  -10.604 -1.099  1.00 25.12  ? 255 ALA A CB  1 
ATOM   105 N N   . PRO A 1 35  ? -4.275  -10.695 -2.995  1.00 43.31  ? 256 PRO A N   1 
ATOM   106 C CA  . PRO A 1 35  ? -5.015  -9.995  -4.054  1.00 31.50  ? 256 PRO A CA  1 
ATOM   107 C C   . PRO A 1 35  ? -5.499  -8.608  -3.653  1.00 42.30  ? 256 PRO A C   1 
ATOM   108 O O   . PRO A 1 35  ? -5.861  -7.812  -4.525  1.00 41.43  ? 256 PRO A O   1 
ATOM   109 C CB  . PRO A 1 35  ? -6.247  -10.894 -4.301  1.00 45.85  ? 256 PRO A CB  1 
ATOM   110 C CG  . PRO A 1 35  ? -6.068  -12.139 -3.420  1.00 35.73  ? 256 PRO A CG  1 
ATOM   111 C CD  . PRO A 1 35  ? -5.049  -11.794 -2.375  1.00 40.61  ? 256 PRO A CD  1 
ATOM   112 N N   . ASN A 1 36  ? -5.542  -8.318  -2.359  1.00 39.27  ? 257 ASN A N   1 
ATOM   113 C CA  . ASN A 1 36  ? -6.047  -7.021  -1.936  1.00 38.78  ? 257 ASN A CA  1 
ATOM   114 C C   . ASN A 1 36  ? -4.913  -6.017  -2.079  1.00 44.07  ? 257 ASN A C   1 
ATOM   115 O O   . ASN A 1 36  ? -5.093  -4.903  -2.567  1.00 33.32  ? 257 ASN A O   1 
ATOM   116 C CB  . ASN A 1 36  ? -6.587  -7.079  -0.495  1.00 37.73  ? 257 ASN A CB  1 
ATOM   117 C CG  . ASN A 1 36  ? -7.912  -7.870  -0.381  1.00 44.03  ? 257 ASN A CG  1 
ATOM   118 O OD1 . ASN A 1 36  ? -8.965  -7.451  -0.871  1.00 42.11  ? 257 ASN A OD1 1 
ATOM   119 N ND2 . ASN A 1 36  ? -7.844  -9.014  0.273   1.00 38.48  ? 257 ASN A ND2 1 
ATOM   120 N N   . LEU A 1 37  ? -3.733  -6.454  -1.659  1.00 36.30  ? 258 LEU A N   1 
ATOM   121 C CA  . LEU A 1 37  ? -2.532  -5.675  -1.786  1.00 38.21  ? 258 LEU A CA  1 
ATOM   122 C C   . LEU A 1 37  ? -2.350  -5.355  -3.247  1.00 41.56  ? 258 LEU A C   1 
ATOM   123 O O   . LEU A 1 37  ? -2.267  -4.198  -3.655  1.00 38.04  ? 258 LEU A O   1 
ATOM   124 C CB  . LEU A 1 37  ? -1.362  -6.507  -1.311  1.00 33.08  ? 258 LEU A CB  1 
ATOM   125 C CG  . LEU A 1 37  ? -1.206  -6.628  0.189   1.00 37.39  ? 258 LEU A CG  1 
ATOM   126 C CD1 . LEU A 1 37  ? 0.175   -7.174  0.451   1.00 46.78  ? 258 LEU A CD1 1 
ATOM   127 C CD2 . LEU A 1 37  ? -1.410  -5.294  0.890   1.00 32.46  ? 258 LEU A CD2 1 
ATOM   128 N N   . LYS A 1 38  ? -2.308  -6.426  -4.027  1.00 48.13  ? 259 LYS A N   1 
ATOM   129 C CA  . LYS A 1 38  ? -2.161  -6.336  -5.457  1.00 44.82  ? 259 LYS A CA  1 
ATOM   130 C C   . LYS A 1 38  ? -3.126  -5.299  -6.008  1.00 39.91  ? 259 LYS A C   1 
ATOM   131 O O   . LYS A 1 38  ? -2.737  -4.427  -6.775  1.00 49.19  ? 259 LYS A O   1 
ATOM   132 C CB  . LYS A 1 38  ? -2.387  -7.707  -6.113  1.00 41.43  ? 259 LYS A CB  1 
ATOM   133 C CG  . LYS A 1 38  ? -2.388  -7.619  -7.641  1.00 44.79  ? 259 LYS A CG  1 
ATOM   134 C CD  . LYS A 1 38  ? -2.187  -8.953  -8.339  1.00 43.56  ? 259 LYS A CD  1 
ATOM   135 C CE  . LYS A 1 38  ? -2.683  -8.857  -9.786  1.00 48.59  ? 259 LYS A CE  1 
ATOM   136 N NZ  . LYS A 1 38  ? -2.322  -10.027 -10.634 1.00 45.43  ? 259 LYS A NZ  1 
ATOM   137 N N   . ALA A 1 39  ? -4.384  -5.375  -5.604  1.00 39.44  ? 260 ALA A N   1 
ATOM   138 C CA  . ALA A 1 39  ? -5.362  -4.405  -6.081  1.00 38.06  ? 260 ALA A CA  1 
ATOM   139 C C   . ALA A 1 39  ? -5.049  -2.974  -5.635  1.00 43.17  ? 260 ALA A C   1 
ATOM   140 O O   . ALA A 1 39  ? -5.208  -2.012  -6.395  1.00 47.59  ? 260 ALA A O   1 
ATOM   141 C CB  . ALA A 1 39  ? -6.738  -4.797  -5.659  1.00 40.28  ? 260 ALA A CB  1 
ATOM   142 N N   . LEU A 1 40  ? -4.598  -2.837  -4.401  1.00 36.88  ? 261 LEU A N   1 
ATOM   143 C CA  . LEU A 1 40  ? -4.334  -1.530  -3.839  1.00 39.09  ? 261 LEU A CA  1 
ATOM   144 C C   . LEU A 1 40  ? -3.174  -0.781  -4.540  1.00 52.50  ? 261 LEU A C   1 
ATOM   145 O O   . LEU A 1 40  ? -3.326  0.365   -4.980  1.00 48.58  ? 261 LEU A O   1 
ATOM   146 C CB  . LEU A 1 40  ? -4.035  -1.686  -2.349  1.00 38.69  ? 261 LEU A CB  1 
ATOM   147 C CG  . LEU A 1 40  ? -4.374  -0.482  -1.491  1.00 30.68  ? 261 LEU A CG  1 
ATOM   148 C CD1 . LEU A 1 40  ? -5.747  0.020   -1.896  1.00 42.11  ? 261 LEU A CD1 1 
ATOM   149 C CD2 . LEU A 1 40  ? -4.303  -0.820  -0.020  1.00 35.68  ? 261 LEU A CD2 1 
ATOM   150 N N   . VAL A 1 41  ? -2.012  -1.420  -4.619  1.00 40.72  ? 262 VAL A N   1 
ATOM   151 C CA  . VAL A 1 41  ? -0.802  -0.730  -5.056  1.00 40.45  ? 262 VAL A CA  1 
ATOM   152 C C   . VAL A 1 41  ? -0.179  -1.427  -6.276  1.00 48.98  ? 262 VAL A C   1 
ATOM   153 O O   . VAL A 1 41  ? 0.795   -0.948  -6.863  1.00 46.56  ? 262 VAL A O   1 
ATOM   154 C CB  . VAL A 1 41  ? 0.248   -0.619  -3.911  1.00 34.70  ? 262 VAL A CB  1 
ATOM   155 C CG1 . VAL A 1 41  ? -0.225  0.339   -2.841  1.00 34.23  ? 262 VAL A CG1 1 
ATOM   156 C CG2 . VAL A 1 41  ? 0.582   -1.998  -3.313  1.00 33.44  ? 262 VAL A CG2 1 
ATOM   157 N N   . GLY A 1 42  ? -0.750  -2.560  -6.662  1.00 41.52  ? 263 GLY A N   1 
ATOM   158 C CA  . GLY A 1 42  ? -0.235  -3.288  -7.802  1.00 35.51  ? 263 GLY A CA  1 
ATOM   159 C C   . GLY A 1 42  ? 0.717   -4.372  -7.356  1.00 39.89  ? 263 GLY A C   1 
ATOM   160 O O   . GLY A 1 42  ? 1.255   -4.347  -6.246  1.00 35.14  ? 263 GLY A O   1 
ATOM   161 N N   . ALA A 1 43  ? 0.938   -5.323  -8.250  1.00 38.51  ? 264 ALA A N   1 
ATOM   162 C CA  . ALA A 1 43  ? 1.587   -6.571  -7.896  1.00 40.36  ? 264 ALA A CA  1 
ATOM   163 C C   . ALA A 1 43  ? 3.037   -6.397  -7.504  1.00 43.81  ? 264 ALA A C   1 
ATOM   164 O O   . ALA A 1 43  ? 3.530   -7.122  -6.637  1.00 46.89  ? 264 ALA A O   1 
ATOM   165 C CB  . ALA A 1 43  ? 1.485   -7.536  -9.041  1.00 42.81  ? 264 ALA A CB  1 
ATOM   166 N N   . LYS A 1 44  ? 3.720   -5.463  -8.172  1.00 43.99  ? 265 LYS A N   1 
ATOM   167 C CA  . LYS A 1 44  ? 5.162   -5.264  -8.004  1.00 43.13  ? 265 LYS A CA  1 
ATOM   168 C C   . LYS A 1 44  ? 5.505   -4.538  -6.698  1.00 39.01  ? 265 LYS A C   1 
ATOM   169 O O   . LYS A 1 44  ? 6.365   -4.962  -5.939  1.00 38.70  ? 265 LYS A O   1 
ATOM   170 C CB  . LYS A 1 44  ? 5.737   -4.518  -9.217  1.00 43.33  ? 265 LYS A CB  1 
ATOM   171 N N   . LEU A 1 45  ? 4.827   -3.428  -6.453  1.00 32.94  ? 266 LEU A N   1 
ATOM   172 C CA  . LEU A 1 45  ? 4.869   -2.783  -5.156  1.00 37.22  ? 266 LEU A CA  1 
ATOM   173 C C   . LEU A 1 45  ? 4.316   -3.709  -4.011  1.00 36.07  ? 266 LEU A C   1 
ATOM   174 O O   . LEU A 1 45  ? 4.948   -3.864  -2.957  1.00 38.24  ? 266 LEU A O   1 
ATOM   175 C CB  . LEU A 1 45  ? 4.128   -1.449  -5.249  1.00 28.07  ? 266 LEU A CB  1 
ATOM   176 C CG  . LEU A 1 45  ? 4.136   -0.677  -3.942  1.00 34.67  ? 266 LEU A CG  1 
ATOM   177 C CD1 . LEU A 1 45  ? 5.546   -0.558  -3.385  1.00 25.90  ? 266 LEU A CD1 1 
ATOM   178 C CD2 . LEU A 1 45  ? 3.485   0.660   -4.146  1.00 36.48  ? 266 LEU A CD2 1 
ATOM   179 N N   . GLY A 1 46  ? 3.156   -4.324  -4.229  1.00 35.46  ? 267 GLY A N   1 
ATOM   180 C CA  . GLY A 1 46  ? 2.622   -5.330  -3.310  1.00 38.65  ? 267 GLY A CA  1 
ATOM   181 C C   . GLY A 1 46  ? 3.620   -6.431  -2.955  1.00 35.88  ? 267 GLY A C   1 
ATOM   182 O O   . GLY A 1 46  ? 3.807   -6.799  -1.796  1.00 34.68  ? 267 GLY A O   1 
ATOM   183 N N   . ALA A 1 47  ? 4.313   -6.931  -3.966  1.00 41.64  ? 268 ALA A N   1 
ATOM   184 C CA  . ALA A 1 47  ? 5.234   -8.016  -3.755  1.00 33.14  ? 268 ALA A CA  1 
ATOM   185 C C   . ALA A 1 47  ? 6.490   -7.503  -3.093  1.00 40.05  ? 268 ALA A C   1 
ATOM   186 O O   . ALA A 1 47  ? 7.119   -8.213  -2.326  1.00 51.23  ? 268 ALA A O   1 
ATOM   187 C CB  . ALA A 1 47  ? 5.539   -8.681  -5.047  1.00 37.39  ? 268 ALA A CB  1 
ATOM   188 N N   . ARG A 1 48  ? 6.849   -6.255  -3.365  1.00 45.29  ? 269 ARG A N   1 
ATOM   189 C CA  . ARG A 1 48  ? 8.050   -5.687  -2.766  1.00 38.42  ? 269 ARG A CA  1 
ATOM   190 C C   . ARG A 1 48  ? 7.850   -5.523  -1.263  1.00 37.39  ? 269 ARG A C   1 
ATOM   191 O O   . ARG A 1 48  ? 8.755   -5.792  -0.471  1.00 37.34  ? 269 ARG A O   1 
ATOM   192 C CB  . ARG A 1 48  ? 8.428   -4.345  -3.429  1.00 44.63  ? 269 ARG A CB  1 
ATOM   193 C CG  . ARG A 1 48  ? 9.680   -3.649  -2.830  1.00 44.48  ? 269 ARG A CG  1 
ATOM   194 C CD  . ARG A 1 48  ? 11.027  -4.071  -3.496  1.00 44.76  ? 269 ARG A CD  1 
ATOM   195 N NE  . ARG A 1 48  ? 12.189  -3.892  -2.611  1.00 54.94  ? 269 ARG A NE  1 
ATOM   196 C CZ  . ARG A 1 48  ? 12.859  -2.742  -2.451  1.00 66.87  ? 269 ARG A CZ  1 
ATOM   197 N NH1 . ARG A 1 48  ? 12.506  -1.645  -3.123  1.00 42.03  ? 269 ARG A NH1 1 
ATOM   198 N NH2 . ARG A 1 48  ? 13.895  -2.686  -1.614  1.00 55.14  ? 269 ARG A NH2 1 
ATOM   199 N N   . LEU A 1 49  ? 6.655   -5.077  -0.882  1.00 39.59  ? 270 LEU A N   1 
ATOM   200 C CA  . LEU A 1 49  ? 6.326   -4.849  0.529   1.00 41.31  ? 270 LEU A CA  1 
ATOM   201 C C   . LEU A 1 49  ? 6.296   -6.161  1.288   1.00 49.47  ? 270 LEU A C   1 
ATOM   202 O O   . LEU A 1 49  ? 6.728   -6.226  2.455   1.00 34.86  ? 270 LEU A O   1 
ATOM   203 C CB  . LEU A 1 49  ? 4.965   -4.175  0.673   1.00 41.04  ? 270 LEU A CB  1 
ATOM   204 C CG  . LEU A 1 49  ? 4.800   -2.712  0.275   1.00 37.05  ? 270 LEU A CG  1 
ATOM   205 C CD1 . LEU A 1 49  ? 3.320   -2.391  0.204   1.00 31.20  ? 270 LEU A CD1 1 
ATOM   206 C CD2 . LEU A 1 49  ? 5.485   -1.821  1.285   1.00 32.89  ? 270 LEU A CD2 1 
ATOM   207 N N   . ILE A 1 50  ? 5.791   -7.210  0.626   1.00 38.65  ? 271 ILE A N   1 
ATOM   208 C CA  . ILE A 1 50  ? 5.750   -8.508  1.287   1.00 41.07  ? 271 ILE A CA  1 
ATOM   209 C C   . ILE A 1 50  ? 7.175   -8.974  1.543   1.00 45.41  ? 271 ILE A C   1 
ATOM   210 O O   . ILE A 1 50  ? 7.490   -9.391  2.663   1.00 42.51  ? 271 ILE A O   1 
ATOM   211 C CB  . ILE A 1 50  ? 4.918   -9.560  0.526   1.00 34.98  ? 271 ILE A CB  1 
ATOM   212 C CG1 . ILE A 1 50  ? 3.429   -9.218  0.585   1.00 29.58  ? 271 ILE A CG1 1 
ATOM   213 C CG2 . ILE A 1 50  ? 5.106   -10.933 1.139   1.00 43.89  ? 271 ILE A CG2 1 
ATOM   214 C CD1 . ILE A 1 50  ? 2.658   -9.691  -0.636  1.00 29.66  ? 271 ILE A CD1 1 
ATOM   215 N N   . SER A 1 51  ? 8.034   -8.879  0.525   1.00 35.60  ? 272 SER A N   1 
ATOM   216 C CA  . SER A 1 51  ? 9.441   -9.257  0.693   1.00 42.43  ? 272 SER A CA  1 
ATOM   217 C C   . SER A 1 51  ? 10.083  -8.432  1.779   1.00 44.63  ? 272 SER A C   1 
ATOM   218 O O   . SER A 1 51  ? 10.699  -8.979  2.684   1.00 60.11  ? 272 SER A O   1 
ATOM   219 C CB  . SER A 1 51  ? 10.266  -9.069  -0.583  1.00 43.26  ? 272 SER A CB  1 
ATOM   220 O OG  . SER A 1 51  ? 9.482   -9.220  -1.746  1.00 60.53  ? 272 SER A OG  1 
ATOM   221 N N   . LEU A 1 52  ? 9.966   -7.111  1.678   1.00 43.13  ? 273 LEU A N   1 
ATOM   222 C CA  . LEU A 1 52  ? 10.521  -6.239  2.706   1.00 37.77  ? 273 LEU A CA  1 
ATOM   223 C C   . LEU A 1 52  ? 10.000  -6.637  4.086   1.00 45.50  ? 273 LEU A C   1 
ATOM   224 O O   . LEU A 1 52  ? 10.740  -6.599  5.065   1.00 55.12  ? 273 LEU A O   1 
ATOM   225 C CB  . LEU A 1 52  ? 10.207  -4.760  2.428   1.00 43.27  ? 273 LEU A CB  1 
ATOM   226 C CG  . LEU A 1 52  ? 11.109  -3.851  1.566   1.00 38.32  ? 273 LEU A CG  1 
ATOM   227 C CD1 . LEU A 1 52  ? 12.460  -4.456  1.263   1.00 39.08  ? 273 LEU A CD1 1 
ATOM   228 C CD2 . LEU A 1 52  ? 10.435  -3.394  0.294   1.00 44.83  ? 273 LEU A CD2 1 
ATOM   229 N N   . ALA A 1 53  ? 8.729   -7.028  4.170   1.00 45.41  ? 274 ALA A N   1 
ATOM   230 C CA  . ALA A 1 53  ? 8.163   -7.465  5.450   1.00 43.04  ? 274 ALA A CA  1 
ATOM   231 C C   . ALA A 1 53  ? 8.774   -8.786  5.904   1.00 49.99  ? 274 ALA A C   1 
ATOM   232 O O   . ALA A 1 53  ? 8.917   -9.032  7.102   1.00 43.11  ? 274 ALA A O   1 
ATOM   233 C CB  . ALA A 1 53  ? 6.647   -7.583  5.380   1.00 40.36  ? 274 ALA A CB  1 
ATOM   234 N N   . GLY A 1 54  ? 9.143   -9.629  4.943   1.00 44.59  ? 275 GLY A N   1 
ATOM   235 C CA  . GLY A 1 54  ? 9.622   -10.964 5.249   1.00 42.50  ? 275 GLY A CA  1 
ATOM   236 C C   . GLY A 1 54  ? 8.576   -12.024 4.911   1.00 55.97  ? 275 GLY A C   1 
ATOM   237 O O   . GLY A 1 54  ? 8.888   -13.200 4.756   1.00 59.35  ? 275 GLY A O   1 
ATOM   238 N N   . GLY A 1 55  ? 7.322   -11.617 4.800   1.00 46.78  ? 276 GLY A N   1 
ATOM   239 C CA  . GLY A 1 55  ? 6.301   -12.512 4.304   1.00 44.05  ? 276 GLY A CA  1 
ATOM   240 C C   . GLY A 1 55  ? 4.931   -11.918 4.516   1.00 47.82  ? 276 GLY A C   1 
ATOM   241 O O   . GLY A 1 55  ? 4.800   -10.891 5.188   1.00 44.11  ? 276 GLY A O   1 
ATOM   242 N N   . LEU A 1 56  ? 3.907   -12.550 3.949   1.00 30.30  ? 277 LEU A N   1 
ATOM   243 C CA  . LEU A 1 56  ? 2.547   -12.093 4.196   1.00 46.49  ? 277 LEU A CA  1 
ATOM   244 C C   . LEU A 1 56  ? 2.241   -11.971 5.690   1.00 48.47  ? 277 LEU A C   1 
ATOM   245 O O   . LEU A 1 56  ? 1.706   -10.963 6.138   1.00 37.60  ? 277 LEU A O   1 
ATOM   246 C CB  . LEU A 1 56  ? 1.520   -13.001 3.541   1.00 44.56  ? 277 LEU A CB  1 
ATOM   247 C CG  . LEU A 1 56  ? 0.113   -12.415 3.614   1.00 45.22  ? 277 LEU A CG  1 
ATOM   248 C CD1 . LEU A 1 56  ? 0.166   -10.941 3.300   1.00 49.16  ? 277 LEU A CD1 1 
ATOM   249 C CD2 . LEU A 1 56  ? -0.793  -13.112 2.641   1.00 36.20  ? 277 LEU A CD2 1 
ATOM   250 N N   . LYS A 1 57  ? 2.583   -13.003 6.455   1.00 41.48  ? 278 LYS A N   1 
ATOM   251 C CA  . LYS A 1 57  ? 2.289   -12.978 7.875   1.00 52.45  ? 278 LYS A CA  1 
ATOM   252 C C   . LYS A 1 57  ? 2.988   -11.786 8.515   1.00 53.98  ? 278 LYS A C   1 
ATOM   253 O O   . LYS A 1 57  ? 2.341   -10.993 9.208   1.00 51.65  ? 278 LYS A O   1 
ATOM   254 C CB  . LYS A 1 57  ? 2.670   -14.289 8.578   1.00 46.70  ? 278 LYS A CB  1 
ATOM   255 N N   . GLU A 1 58  ? 4.293   -11.644 8.289   1.00 47.02  ? 279 GLU A N   1 
ATOM   256 C CA  . GLU A 1 58  ? 5.008   -10.568 8.983   1.00 52.38  ? 279 GLU A CA  1 
ATOM   257 C C   . GLU A 1 58  ? 4.451   -9.205  8.599   1.00 41.90  ? 279 GLU A C   1 
ATOM   258 O O   . GLU A 1 58  ? 4.281   -8.339  9.454   1.00 52.38  ? 279 GLU A O   1 
ATOM   259 C CB  . GLU A 1 58  ? 6.547   -10.641 8.877   1.00 43.95  ? 279 GLU A CB  1 
ATOM   260 C CG  . GLU A 1 58  ? 7.110   -11.642 7.890   1.00 64.24  ? 279 GLU A CG  1 
ATOM   261 C CD  . GLU A 1 58  ? 6.721   -13.075 8.216   1.00 60.65  ? 279 GLU A CD  1 
ATOM   262 O OE1 . GLU A 1 58  ? 7.132   -13.595 9.285   1.00 64.55  ? 279 GLU A OE1 1 
ATOM   263 O OE2 . GLU A 1 58  ? 6.001   -13.668 7.389   1.00 51.60  ? 279 GLU A OE2 1 
ATOM   264 N N   . LEU A 1 59  ? 4.115   -9.042  7.328   1.00 39.98  ? 280 LEU A N   1 
ATOM   265 C CA  . LEU A 1 59  ? 3.517   -7.801  6.851   1.00 43.70  ? 280 LEU A CA  1 
ATOM   266 C C   . LEU A 1 59  ? 2.210   -7.555  7.609   1.00 48.29  ? 280 LEU A C   1 
ATOM   267 O O   . LEU A 1 59  ? 1.903   -6.422  8.028   1.00 37.40  ? 280 LEU A O   1 
ATOM   268 C CB  . LEU A 1 59  ? 3.234   -7.882  5.345   1.00 35.21  ? 280 LEU A CB  1 
ATOM   269 C CG  . LEU A 1 59  ? 3.274   -6.634  4.462   1.00 39.13  ? 280 LEU A CG  1 
ATOM   270 C CD1 . LEU A 1 59  ? 2.410   -6.815  3.254   1.00 36.86  ? 280 LEU A CD1 1 
ATOM   271 C CD2 . LEU A 1 59  ? 2.858   -5.373  5.192   1.00 35.86  ? 280 LEU A CD2 1 
ATOM   272 N N   . ALA A 1 60  ? 1.434   -8.628  7.757   1.00 44.35  ? 281 ALA A N   1 
ATOM   273 C CA  . ALA A 1 60  ? 0.142   -8.574  8.421   1.00 40.39  ? 281 ALA A CA  1 
ATOM   274 C C   . ALA A 1 60  ? 0.247   -8.219  9.913   1.00 44.84  ? 281 ALA A C   1 
ATOM   275 O O   . ALA A 1 60  ? -0.698  -7.696  10.491  1.00 50.97  ? 281 ALA A O   1 
ATOM   276 C CB  . ALA A 1 60  ? -0.599  -9.893  8.217   1.00 46.94  ? 281 ALA A CB  1 
ATOM   277 N N   . MET A 1 61  ? 1.400   -8.485  10.525  1.00 43.43  ? 282 MET A N   1 
ATOM   278 C CA  . MET A 1 61  ? 1.666   -8.094  11.917  1.00 42.72  ? 282 MET A CA  1 
ATOM   279 C C   . MET A 1 61  ? 2.247   -6.682  12.108  1.00 50.85  ? 282 MET A C   1 
ATOM   280 O O   . MET A 1 61  ? 2.523   -6.287  13.234  1.00 49.67  ? 282 MET A O   1 
ATOM   281 C CB  . MET A 1 61  ? 2.655   -9.061  12.598  1.00 53.92  ? 282 MET A CB  1 
ATOM   282 C CG  . MET A 1 61  ? 2.128   -10.453 12.950  1.00 55.15  ? 282 MET A CG  1 
ATOM   283 S SD  . MET A 1 61  ? 0.327   -10.611 12.871  1.00 78.74  ? 282 MET A SD  1 
ATOM   284 C CE  . MET A 1 61  ? -0.242  -9.964  14.448  1.00 43.03  ? 282 MET A CE  1 
ATOM   285 N N   . LEU A 1 62  ? 2.488   -5.931  11.039  1.00 57.01  ? 283 LEU A N   1 
ATOM   286 C CA  . LEU A 1 62  ? 3.188   -4.654  11.207  1.00 48.46  ? 283 LEU A CA  1 
ATOM   287 C C   . LEU A 1 62  ? 2.232   -3.507  11.495  1.00 44.65  ? 283 LEU A C   1 
ATOM   288 O O   . LEU A 1 62  ? 1.177   -3.402  10.858  1.00 44.76  ? 283 LEU A O   1 
ATOM   289 C CB  . LEU A 1 62  ? 4.024   -4.315  9.978   1.00 49.77  ? 283 LEU A CB  1 
ATOM   290 C CG  . LEU A 1 62  ? 5.240   -5.150  9.604   1.00 48.54  ? 283 LEU A CG  1 
ATOM   291 C CD1 . LEU A 1 62  ? 5.771   -4.688  8.248   1.00 38.45  ? 283 LEU A CD1 1 
ATOM   292 C CD2 . LEU A 1 62  ? 6.295   -5.040  10.658  1.00 48.39  ? 283 LEU A CD2 1 
ATOM   293 N N   . PRO A 1 63  ? 2.612   -2.634  12.440  1.00 40.67  ? 284 PRO A N   1 
ATOM   294 C CA  . PRO A 1 63  ? 1.802   -1.492  12.867  1.00 45.22  ? 284 PRO A CA  1 
ATOM   295 C C   . PRO A 1 63  ? 1.254   -0.737  11.663  1.00 64.94  ? 284 PRO A C   1 
ATOM   296 O O   . PRO A 1 63  ? 0.036   -0.697  11.516  1.00 74.55  ? 284 PRO A O   1 
ATOM   297 C CB  . PRO A 1 63  ? 2.796   -0.626  13.643  1.00 45.28  ? 284 PRO A CB  1 
ATOM   298 C CG  . PRO A 1 63  ? 3.792   -1.586  14.174  1.00 38.69  ? 284 PRO A CG  1 
ATOM   299 C CD  . PRO A 1 63  ? 3.931   -2.644  13.099  1.00 54.67  ? 284 PRO A CD  1 
ATOM   300 N N   . SER A 1 64  ? 2.128   -0.193  10.817  1.00 48.06  ? 285 SER A N   1 
ATOM   301 C CA  . SER A 1 64  ? 1.714   0.609   9.669   1.00 58.77  ? 285 SER A CA  1 
ATOM   302 C C   . SER A 1 64  ? 2.583   1.856   9.537   1.00 52.32  ? 285 SER A C   1 
ATOM   303 O O   . SER A 1 64  ? 2.974   2.237   8.445   1.00 47.92  ? 285 SER A O   1 
ATOM   304 C CB  . SER A 1 64  ? 0.249   1.016   9.770   1.00 48.21  ? 285 SER A CB  1 
ATOM   305 O OG  . SER A 1 64  ? 0.033   2.269   9.144   1.00 60.60  ? 285 SER A OG  1 
ATOM   306 N N   . SER A 1 65  ? 2.847   2.505   10.658  1.00 46.81  ? 286 SER A N   1 
ATOM   307 C CA  . SER A 1 65  ? 3.936   3.460   10.711  1.00 55.32  ? 286 SER A CA  1 
ATOM   308 C C   . SER A 1 65  ? 5.165   2.724   10.212  1.00 45.72  ? 286 SER A C   1 
ATOM   309 O O   . SER A 1 65  ? 6.045   3.305   9.582   1.00 53.17  ? 286 SER A O   1 
ATOM   310 C CB  . SER A 1 65  ? 4.167   3.945   12.152  1.00 53.32  ? 286 SER A CB  1 
ATOM   311 O OG  . SER A 1 65  ? 4.535   2.878   13.024  1.00 50.41  ? 286 SER A OG  1 
ATOM   312 N N   . THR A 1 66  ? 5.224   1.432   10.513  1.00 47.23  ? 287 THR A N   1 
ATOM   313 C CA  . THR A 1 66  ? 6.342   0.608   10.080  1.00 47.60  ? 287 THR A CA  1 
ATOM   314 C C   . THR A 1 66  ? 6.166   0.340   8.598   1.00 51.29  ? 287 THR A C   1 
ATOM   315 O O   . THR A 1 66  ? 7.114   0.446   7.815   1.00 48.18  ? 287 THR A O   1 
ATOM   316 C CB  . THR A 1 66  ? 6.446   -0.718  10.862  1.00 47.13  ? 287 THR A CB  1 
ATOM   317 O OG1 . THR A 1 66  ? 6.664   -0.434  12.251  1.00 45.35  ? 287 THR A OG1 1 
ATOM   318 C CG2 . THR A 1 66  ? 7.606   -1.538  10.344  1.00 39.90  ? 287 THR A CG2 1 
ATOM   319 N N   . ILE A 1 67  ? 4.938   0.032   8.199   1.00 44.65  ? 288 ILE A N   1 
ATOM   320 C CA  . ILE A 1 67  ? 4.666   -0.115  6.782   1.00 45.86  ? 288 ILE A CA  1 
ATOM   321 C C   . ILE A 1 67  ? 5.105   1.147   6.002   1.00 53.24  ? 288 ILE A C   1 
ATOM   322 O O   . ILE A 1 67  ? 5.673   1.044   4.911   1.00 39.16  ? 288 ILE A O   1 
ATOM   323 C CB  . ILE A 1 67  ? 3.195   -0.439  6.530   1.00 45.60  ? 288 ILE A CB  1 
ATOM   324 C CG1 . ILE A 1 67  ? 2.847   -1.818  7.130   1.00 64.29  ? 288 ILE A CG1 1 
ATOM   325 C CG2 . ILE A 1 67  ? 2.903   -0.418  5.050   1.00 36.20  ? 288 ILE A CG2 1 
ATOM   326 C CD1 . ILE A 1 67  ? 1.429   -2.327  6.817   1.00 51.31  ? 288 ILE A CD1 1 
ATOM   327 N N   . GLN A 1 68  ? 4.865   2.318   6.595   1.00 47.56  ? 289 GLN A N   1 
ATOM   328 C CA  . GLN A 1 68  ? 5.083   3.600   5.940   1.00 49.55  ? 289 GLN A CA  1 
ATOM   329 C C   . GLN A 1 68  ? 6.560   3.762   5.601   1.00 50.54  ? 289 GLN A C   1 
ATOM   330 O O   . GLN A 1 68  ? 6.908   4.458   4.647   1.00 47.51  ? 289 GLN A O   1 
ATOM   331 C CB  . GLN A 1 68  ? 4.561   4.756   6.822   1.00 57.32  ? 289 GLN A CB  1 
ATOM   332 C CG  . GLN A 1 68  ? 4.557   6.153   6.150   1.00 61.49  ? 289 GLN A CG  1 
ATOM   333 C CD  . GLN A 1 68  ? 3.700   7.218   6.886   1.00 65.24  ? 289 GLN A CD  1 
ATOM   334 O OE1 . GLN A 1 68  ? 2.806   6.896   7.675   1.00 62.21  ? 289 GLN A OE1 1 
ATOM   335 N NE2 . GLN A 1 68  ? 3.967   8.490   6.599   1.00 58.48  ? 289 GLN A NE2 1 
ATOM   336 N N   . VAL A 1 69  ? 7.412   3.073   6.363   1.00 45.19  ? 290 VAL A N   1 
ATOM   337 C CA  . VAL A 1 69  ? 8.866   3.166   6.209   1.00 44.18  ? 290 VAL A CA  1 
ATOM   338 C C   . VAL A 1 69  ? 9.545   1.913   5.678   1.00 50.14  ? 290 VAL A C   1 
ATOM   339 O O   . VAL A 1 69  ? 10.772  1.843   5.657   1.00 54.16  ? 290 VAL A O   1 
ATOM   340 C CB  . VAL A 1 69  ? 9.585   3.508   7.554   1.00 58.43  ? 290 VAL A CB  1 
ATOM   341 C CG1 . VAL A 1 69  ? 9.379   4.965   7.938   1.00 50.50  ? 290 VAL A CG1 1 
ATOM   342 C CG2 . VAL A 1 69  ? 9.133   2.569   8.678   1.00 54.70  ? 290 VAL A CG2 1 
ATOM   343 N N   . LEU A 1 70  ? 8.772   0.923   5.257   1.00 48.19  ? 291 LEU A N   1 
ATOM   344 C CA  . LEU A 1 70  ? 9.368   -0.333  4.813   1.00 47.75  ? 291 LEU A CA  1 
ATOM   345 C C   . LEU A 1 70  ? 10.420  -0.217  3.709   1.00 47.04  ? 291 LEU A C   1 
ATOM   346 O O   . LEU A 1 70  ? 11.503  -0.791  3.820   1.00 48.56  ? 291 LEU A O   1 
ATOM   347 C CB  . LEU A 1 70  ? 8.294   -1.342  4.410   1.00 57.06  ? 291 LEU A CB  1 
ATOM   348 C CG  . LEU A 1 70  ? 7.947   -2.307  5.541   1.00 53.94  ? 291 LEU A CG  1 
ATOM   349 C CD1 . LEU A 1 70  ? 6.913   -3.338  5.063   1.00 45.74  ? 291 LEU A CD1 1 
ATOM   350 C CD2 . LEU A 1 70  ? 9.227   -2.959  6.057   1.00 38.50  ? 291 LEU A CD2 1 
ATOM   351 N N   . GLY A 1 71  ? 10.116  0.508   2.639   1.00 44.71  ? 292 GLY A N   1 
ATOM   352 C CA  . GLY A 1 71  ? 11.106  0.667   1.584   1.00 59.08  ? 292 GLY A CA  1 
ATOM   353 C C   . GLY A 1 71  ? 12.446  1.283   1.996   1.00 64.73  ? 292 GLY A C   1 
ATOM   354 O O   . GLY A 1 71  ? 13.497  0.642   1.908   1.00 63.86  ? 292 GLY A O   1 
ATOM   355 N N   . ALA A 1 72  ? 12.388  2.539   2.433   1.00 71.05  ? 293 ALA A N   1 
ATOM   356 C CA  . ALA A 1 72  ? 13.544  3.335   2.858   1.00 74.33  ? 293 ALA A CA  1 
ATOM   357 C C   . ALA A 1 72  ? 14.696  2.534   3.451   1.00 79.75  ? 293 ALA A C   1 
ATOM   358 O O   . ALA A 1 72  ? 15.780  3.080   3.692   1.00 80.95  ? 293 ALA A O   1 
ATOM   359 C CB  . ALA A 1 72  ? 13.102  4.400   3.844   1.00 63.49  ? 293 ALA A CB  1 
ATOM   360 N N   . HIS A 1 89  ? 11.048  8.143   3.875   1.00 61.92  ? 310 HIS A N   1 
ATOM   361 C CA  . HIS A 1 89  ? 10.168  7.630   2.824   1.00 68.34  ? 310 HIS A CA  1 
ATOM   362 C C   . HIS A 1 89  ? 10.510  6.207   2.416   1.00 72.24  ? 310 HIS A C   1 
ATOM   363 O O   . HIS A 1 89  ? 11.559  5.969   1.822   1.00 69.94  ? 310 HIS A O   1 
ATOM   364 C CB  . HIS A 1 89  ? 10.236  8.520   1.590   1.00 50.65  ? 310 HIS A CB  1 
ATOM   365 C CG  . HIS A 1 89  ? 10.170  9.977   1.909   1.00 69.68  ? 310 HIS A CG  1 
ATOM   366 N ND1 . HIS A 1 89  ? 9.220   10.506  2.750   1.00 78.59  ? 310 HIS A ND1 1 
ATOM   367 C CD2 . HIS A 1 89  ? 10.943  11.011  1.504   1.00 70.77  ? 310 HIS A CD2 1 
ATOM   368 C CE1 . HIS A 1 89  ? 9.408   11.812  2.853   1.00 78.01  ? 310 HIS A CE1 1 
ATOM   369 N NE2 . HIS A 1 89  ? 10.446  12.141  2.108   1.00 81.58  ? 310 HIS A NE2 1 
ATOM   370 N N   . GLY A 1 90  ? 9.623   5.266   2.732   1.00 53.63  ? 311 GLY A N   1 
ATOM   371 C CA  . GLY A 1 90  ? 9.780   3.905   2.259   1.00 52.33  ? 311 GLY A CA  1 
ATOM   372 C C   . GLY A 1 90  ? 9.199   3.781   0.870   1.00 45.18  ? 311 GLY A C   1 
ATOM   373 O O   . GLY A 1 90  ? 8.632   4.741   0.349   1.00 48.37  ? 311 GLY A O   1 
ATOM   374 N N   . VAL A 1 91  ? 9.306   2.589   0.290   1.00 50.01  ? 312 VAL A N   1 
ATOM   375 C CA  . VAL A 1 91  ? 8.925   2.336   -1.103  1.00 36.11  ? 312 VAL A CA  1 
ATOM   376 C C   . VAL A 1 91  ? 7.514   2.736   -1.497  1.00 35.95  ? 312 VAL A C   1 
ATOM   377 O O   . VAL A 1 91  ? 7.181   2.770   -2.676  1.00 44.18  ? 312 VAL A O   1 
ATOM   378 C CB  . VAL A 1 91  ? 9.112   0.850   -1.474  1.00 52.22  ? 312 VAL A CB  1 
ATOM   379 C CG1 . VAL A 1 91  ? 10.577  0.479   -1.502  1.00 48.58  ? 312 VAL A CG1 1 
ATOM   380 C CG2 . VAL A 1 91  ? 8.335   -0.039  -0.506  1.00 38.44  ? 312 VAL A CG2 1 
ATOM   381 N N   . ILE A 1 92  ? 6.659   3.021   -0.539  1.00 36.84  ? 313 ILE A N   1 
ATOM   382 C CA  . ILE A 1 92  ? 5.309   3.392   -0.934  1.00 40.32  ? 313 ILE A CA  1 
ATOM   383 C C   . ILE A 1 92  ? 5.232   4.832   -1.409  1.00 42.10  ? 313 ILE A C   1 
ATOM   384 O O   . ILE A 1 92  ? 4.268   5.223   -2.068  1.00 36.81  ? 313 ILE A O   1 
ATOM   385 C CB  . ILE A 1 92  ? 4.245   3.130   0.157   1.00 45.21  ? 313 ILE A CB  1 
ATOM   386 C CG1 . ILE A 1 92  ? 4.693   3.693   1.512   1.00 54.61  ? 313 ILE A CG1 1 
ATOM   387 C CG2 . ILE A 1 92  ? 3.981   1.654   0.242   1.00 44.95  ? 313 ILE A CG2 1 
ATOM   388 C CD1 . ILE A 1 92  ? 3.545   4.033   2.436   1.00 42.44  ? 313 ILE A CD1 1 
ATOM   389 N N   . TYR A 1 93  ? 6.242   5.634   -1.088  1.00 45.00  ? 314 TYR A N   1 
ATOM   390 C CA  . TYR A 1 93  ? 6.279   6.979   -1.664  1.00 48.12  ? 314 TYR A CA  1 
ATOM   391 C C   . TYR A 1 93  ? 6.190   6.934   -3.214  1.00 41.65  ? 314 TYR A C   1 
ATOM   392 O O   . TYR A 1 93  ? 5.565   7.797   -3.838  1.00 39.65  ? 314 TYR A O   1 
ATOM   393 C CB  . TYR A 1 93  ? 7.437   7.798   -1.074  1.00 48.23  ? 314 TYR A CB  1 
ATOM   394 C CG  . TYR A 1 93  ? 7.122   8.167   0.368   1.00 49.54  ? 314 TYR A CG  1 
ATOM   395 C CD1 . TYR A 1 93  ? 7.203   7.223   1.373   1.00 51.38  ? 314 TYR A CD1 1 
ATOM   396 C CD2 . TYR A 1 93  ? 6.672   9.428   0.699   1.00 54.74  ? 314 TYR A CD2 1 
ATOM   397 C CE1 . TYR A 1 93  ? 6.885   7.528   2.681   1.00 56.89  ? 314 TYR A CE1 1 
ATOM   398 C CE2 . TYR A 1 93  ? 6.349   9.761   1.999   1.00 53.27  ? 314 TYR A CE2 1 
ATOM   399 C CZ  . TYR A 1 93  ? 6.454   8.804   2.996   1.00 69.63  ? 314 TYR A CZ  1 
ATOM   400 O OH  . TYR A 1 93  ? 6.140   9.122   4.304   1.00 67.56  ? 314 TYR A OH  1 
ATOM   401 N N   . GLN A 1 94  ? 6.700   5.859   -3.818  1.00 37.87  ? 315 GLN A N   1 
ATOM   402 C CA  . GLN A 1 94  ? 6.613   5.697   -5.268  1.00 39.44  ? 315 GLN A CA  1 
ATOM   403 C C   . GLN A 1 94  ? 5.179   5.633   -5.746  1.00 47.02  ? 315 GLN A C   1 
ATOM   404 O O   . GLN A 1 94  ? 4.910   5.623   -6.941  1.00 51.75  ? 315 GLN A O   1 
ATOM   405 C CB  . GLN A 1 94  ? 7.320   4.432   -5.723  1.00 46.81  ? 315 GLN A CB  1 
ATOM   406 C CG  . GLN A 1 94  ? 8.498   4.066   -4.889  1.00 50.14  ? 315 GLN A CG  1 
ATOM   407 C CD  . GLN A 1 94  ? 9.177   2.815   -5.384  1.00 74.63  ? 315 GLN A CD  1 
ATOM   408 O OE1 . GLN A 1 94  ? 9.616   1.977   -4.590  1.00 85.02  ? 315 GLN A OE1 1 
ATOM   409 N NE2 . GLN A 1 94  ? 9.271   2.673   -6.705  1.00 69.96  ? 315 GLN A NE2 1 
ATOM   410 N N   . TYR A 1 95  ? 4.258   5.549   -4.804  1.00 47.22  ? 316 TYR A N   1 
ATOM   411 C CA  . TYR A 1 95  ? 2.848   5.522   -5.128  1.00 44.67  ? 316 TYR A CA  1 
ATOM   412 C C   . TYR A 1 95  ? 2.429   6.827   -5.822  1.00 49.75  ? 316 TYR A C   1 
ATOM   413 O O   . TYR A 1 95  ? 2.707   7.930   -5.320  1.00 44.30  ? 316 TYR A O   1 
ATOM   414 C CB  . TYR A 1 95  ? 2.063   5.315   -3.850  1.00 35.44  ? 316 TYR A CB  1 
ATOM   415 C CG  . TYR A 1 95  ? 0.599   5.161   -4.056  1.00 45.95  ? 316 TYR A CG  1 
ATOM   416 C CD1 . TYR A 1 95  ? 0.097   4.069   -4.759  1.00 50.16  ? 316 TYR A CD1 1 
ATOM   417 C CD2 . TYR A 1 95  ? -0.294  6.077   -3.527  1.00 43.67  ? 316 TYR A CD2 1 
ATOM   418 C CE1 . TYR A 1 95  ? -1.243  3.898   -4.938  1.00 41.86  ? 316 TYR A CE1 1 
ATOM   419 C CE2 . TYR A 1 95  ? -1.648  5.916   -3.706  1.00 48.74  ? 316 TYR A CE2 1 
ATOM   420 C CZ  . TYR A 1 95  ? -2.112  4.820   -4.415  1.00 55.25  ? 316 TYR A CZ  1 
ATOM   421 O OH  . TYR A 1 95  ? -3.457  4.638   -4.609  1.00 64.41  ? 316 TYR A OH  1 
ATOM   422 N N   . PRO A 1 96  ? 1.755   6.702   -6.973  1.00 41.32  ? 317 PRO A N   1 
ATOM   423 C CA  . PRO A 1 96  ? 1.498   7.829   -7.866  1.00 53.59  ? 317 PRO A CA  1 
ATOM   424 C C   . PRO A 1 96  ? 0.903   9.012   -7.143  1.00 56.54  ? 317 PRO A C   1 
ATOM   425 O O   . PRO A 1 96  ? 1.467   10.109  -7.239  1.00 61.95  ? 317 PRO A O   1 
ATOM   426 C CB  . PRO A 1 96  ? 0.506   7.258   -8.884  1.00 50.54  ? 317 PRO A CB  1 
ATOM   427 C CG  . PRO A 1 96  ? 0.849   5.841   -8.951  1.00 47.70  ? 317 PRO A CG  1 
ATOM   428 C CD  . PRO A 1 96  ? 1.225   5.448   -7.530  1.00 53.79  ? 317 PRO A CD  1 
ATOM   429 N N   . ALA A 1 97  ? -0.199  8.797   -6.431  1.00 52.84  ? 318 ALA A N   1 
ATOM   430 C CA  . ALA A 1 97  ? -0.856  9.884   -5.699  1.00 52.65  ? 318 ALA A CA  1 
ATOM   431 C C   . ALA A 1 97  ? 0.058   10.611  -4.725  1.00 41.46  ? 318 ALA A C   1 
ATOM   432 O O   . ALA A 1 97  ? -0.156  11.773  -4.420  1.00 55.13  ? 318 ALA A O   1 
ATOM   433 C CB  . ALA A 1 97  ? -2.079  9.382   -4.970  1.00 42.37  ? 318 ALA A CB  1 
ATOM   434 N N   . ILE A 1 98  ? 1.075   9.933   -4.235  1.00 36.95  ? 319 ILE A N   1 
ATOM   435 C CA  . ILE A 1 98  ? 2.001   10.568  -3.315  1.00 44.88  ? 319 ILE A CA  1 
ATOM   436 C C   . ILE A 1 98  ? 3.041   11.393  -4.111  1.00 58.79  ? 319 ILE A C   1 
ATOM   437 O O   . ILE A 1 98  ? 3.472   12.498  -3.719  1.00 47.40  ? 319 ILE A O   1 
ATOM   438 C CB  . ILE A 1 98  ? 2.741   9.516   -2.528  1.00 33.29  ? 319 ILE A CB  1 
ATOM   439 C CG1 . ILE A 1 98  ? 1.785   8.797   -1.569  1.00 42.27  ? 319 ILE A CG1 1 
ATOM   440 C CG2 . ILE A 1 98  ? 3.893   10.133  -1.815  1.00 31.39  ? 319 ILE A CG2 1 
ATOM   441 C CD1 . ILE A 1 98  ? 2.423   7.633   -0.812  1.00 42.15  ? 319 ILE A CD1 1 
ATOM   442 N N   . ASN A 1 99  ? 3.432   10.830  -5.244  1.00 46.59  ? 320 ASN A N   1 
ATOM   443 C CA  . ASN A 1 99  ? 4.551   11.334  -5.987  1.00 44.99  ? 320 ASN A CA  1 
ATOM   444 C C   . ASN A 1 99  ? 4.123   12.551  -6.798  1.00 50.18  ? 320 ASN A C   1 
ATOM   445 O O   . ASN A 1 99  ? 4.867   13.513  -6.917  1.00 45.06  ? 320 ASN A O   1 
ATOM   446 C CB  . ASN A 1 99  ? 5.101   10.215  -6.863  1.00 54.70  ? 320 ASN A CB  1 
ATOM   447 C CG  . ASN A 1 99  ? 6.230   10.669  -7.752  1.00 56.95  ? 320 ASN A CG  1 
ATOM   448 O OD1 . ASN A 1 99  ? 7.343   10.896  -7.287  1.00 48.04  ? 320 ASN A OD1 1 
ATOM   449 N ND2 . ASN A 1 99  ? 5.954   10.779  -9.049  1.00 45.02  ? 320 ASN A ND2 1 
ATOM   450 N N   . ARG A 1 100 ? 2.897   12.503  -7.315  1.00 46.42  ? 321 ARG A N   1 
ATOM   451 C CA  . ARG A 1 100 ? 2.311   13.605  -8.072  1.00 44.45  ? 321 ARG A CA  1 
ATOM   452 C C   . ARG A 1 100 ? 1.839   14.713  -7.137  1.00 51.51  ? 321 ARG A C   1 
ATOM   453 O O   . ARG A 1 100 ? 1.059   15.585  -7.512  1.00 54.01  ? 321 ARG A O   1 
ATOM   454 C CB  . ARG A 1 100 ? 1.127   13.094  -8.909  1.00 45.20  ? 321 ARG A CB  1 
ATOM   455 N N   . SER A 1 101 ? 2.314   14.676  -5.905  1.00 50.98  ? 322 SER A N   1 
ATOM   456 C CA  . SER A 1 101 ? 1.766   15.541  -4.877  1.00 50.83  ? 322 SER A CA  1 
ATOM   457 C C   . SER A 1 101 ? 2.872   16.340  -4.212  1.00 47.38  ? 322 SER A C   1 
ATOM   458 O O   . SER A 1 101 ? 4.008   15.854  -4.115  1.00 48.52  ? 322 SER A O   1 
ATOM   459 C CB  . SER A 1 101 ? 1.011   14.701  -3.818  1.00 50.65  ? 322 SER A CB  1 
ATOM   460 O OG  . SER A 1 101 ? -0.382  14.631  -4.092  1.00 46.76  ? 322 SER A OG  1 
ATOM   461 N N   . PRO A 1 102 ? 2.527   17.554  -3.734  1.00 38.33  ? 323 PRO A N   1 
ATOM   462 C CA  . PRO A 1 102 ? 3.372   18.470  -2.965  1.00 42.06  ? 323 PRO A CA  1 
ATOM   463 C C   . PRO A 1 102 ? 4.081   17.733  -1.877  1.00 45.19  ? 323 PRO A C   1 
ATOM   464 O O   . PRO A 1 102 ? 3.422   16.918  -1.218  1.00 48.06  ? 323 PRO A O   1 
ATOM   465 C CB  . PRO A 1 102 ? 2.358   19.385  -2.284  1.00 38.39  ? 323 PRO A CB  1 
ATOM   466 C CG  . PRO A 1 102 ? 1.166   19.348  -3.117  1.00 40.81  ? 323 PRO A CG  1 
ATOM   467 C CD  . PRO A 1 102 ? 1.187   18.117  -3.968  1.00 36.15  ? 323 PRO A CD  1 
ATOM   468 N N   . TRP A 1 103 ? 5.361   18.010  -1.648  1.00 35.34  ? 324 TRP A N   1 
ATOM   469 C CA  . TRP A 1 103 ? 5.934   17.627  -0.373  1.00 41.40  ? 324 TRP A CA  1 
ATOM   470 C C   . TRP A 1 103 ? 4.881   18.226  0.541   1.00 51.46  ? 324 TRP A C   1 
ATOM   471 O O   . TRP A 1 103 ? 4.072   19.004  0.071   1.00 61.74  ? 324 TRP A O   1 
ATOM   472 C CB  . TRP A 1 103 ? 7.268   18.311  -0.143  1.00 38.76  ? 324 TRP A CB  1 
ATOM   473 C CG  . TRP A 1 103 ? 7.085   19.721  0.315   1.00 55.50  ? 324 TRP A CG  1 
ATOM   474 C CD1 . TRP A 1 103 ? 6.861   20.829  -0.475  1.00 51.02  ? 324 TRP A CD1 1 
ATOM   475 C CD2 . TRP A 1 103 ? 7.066   20.184  1.667   1.00 59.62  ? 324 TRP A CD2 1 
ATOM   476 N NE1 . TRP A 1 103 ? 6.714   21.944  0.311   1.00 48.68  ? 324 TRP A NE1 1 
ATOM   477 C CE2 . TRP A 1 103 ? 6.848   21.582  1.628   1.00 57.22  ? 324 TRP A CE2 1 
ATOM   478 C CE3 . TRP A 1 103 ? 7.210   19.558  2.912   1.00 58.68  ? 324 TRP A CE3 1 
ATOM   479 C CZ2 . TRP A 1 103 ? 6.781   22.362  2.787   1.00 58.88  ? 324 TRP A CZ2 1 
ATOM   480 C CZ3 . TRP A 1 103 ? 7.144   20.338  4.066   1.00 59.92  ? 324 TRP A CZ3 1 
ATOM   481 C CH2 . TRP A 1 103 ? 6.928   21.722  3.991   1.00 54.88  ? 324 TRP A CH2 1 
ATOM   482 N N   . TRP A 1 104 ? 4.851   17.898  1.819   1.00 47.64  ? 325 TRP A N   1 
ATOM   483 C CA  . TRP A 1 104 ? 3.837   18.509  2.709   1.00 54.49  ? 325 TRP A CA  1 
ATOM   484 C C   . TRP A 1 104 ? 2.424   17.884  2.611   1.00 48.94  ? 325 TRP A C   1 
ATOM   485 O O   . TRP A 1 104 ? 1.680   17.879  3.584   1.00 46.87  ? 325 TRP A O   1 
ATOM   486 C CB  . TRP A 1 104 ? 3.805   20.071  2.664   1.00 38.63  ? 325 TRP A CB  1 
ATOM   487 C CG  . TRP A 1 104 ? 2.671   20.720  1.812   1.00 48.49  ? 325 TRP A CG  1 
ATOM   488 C CD1 . TRP A 1 104 ? 1.327   20.675  2.059   1.00 41.59  ? 325 TRP A CD1 1 
ATOM   489 C CD2 . TRP A 1 104 ? 2.825   21.544  0.622   1.00 40.52  ? 325 TRP A CD2 1 
ATOM   490 N NE1 . TRP A 1 104 ? 0.634   21.363  1.081   1.00 36.59  ? 325 TRP A NE1 1 
ATOM   491 C CE2 . TRP A 1 104 ? 1.522   21.906  0.201   1.00 43.67  ? 325 TRP A CE2 1 
ATOM   492 C CE3 . TRP A 1 104 ? 3.923   21.985  -0.122  1.00 42.95  ? 325 TRP A CE3 1 
ATOM   493 C CZ2 . TRP A 1 104 ? 1.299   22.696  -0.940  1.00 51.54  ? 325 TRP A CZ2 1 
ATOM   494 C CZ3 . TRP A 1 104 ? 3.693   22.767  -1.263  1.00 44.43  ? 325 TRP A CZ3 1 
ATOM   495 C CH2 . TRP A 1 104 ? 2.388   23.114  -1.655  1.00 42.49  ? 325 TRP A CH2 1 
ATOM   496 N N   . GLN A 1 105 ? 2.045   17.364  1.453   1.00 43.73  ? 326 GLN A N   1 
ATOM   497 C CA  . GLN A 1 105 ? 0.838   16.541  1.388   1.00 36.56  ? 326 GLN A CA  1 
ATOM   498 C C   . GLN A 1 105 ? 1.200   15.046  1.420   1.00 42.42  ? 326 GLN A C   1 
ATOM   499 O O   . GLN A 1 105 ? 0.336   14.185  1.554   1.00 51.77  ? 326 GLN A O   1 
ATOM   500 C CB  . GLN A 1 105 ? 0.052   16.827  0.114   1.00 46.24  ? 326 GLN A CB  1 
ATOM   501 C CG  . GLN A 1 105 ? -0.738  18.101  0.109   1.00 40.09  ? 326 GLN A CG  1 
ATOM   502 C CD  . GLN A 1 105 ? -1.573  18.199  -1.147  1.00 46.81  ? 326 GLN A CD  1 
ATOM   503 O OE1 . GLN A 1 105 ? -1.444  17.358  -2.048  1.00 41.29  ? 326 GLN A OE1 1 
ATOM   504 N NE2 . GLN A 1 105 ? -2.447  19.206  -1.214  1.00 43.95  ? 326 GLN A NE2 1 
ATOM   505 N N   . ARG A 1 106 ? 2.484   14.749  1.310   1.00 38.55  ? 327 ARG A N   1 
ATOM   506 C CA  . ARG A 1 106 ? 2.923   13.403  0.993   1.00 44.34  ? 327 ARG A CA  1 
ATOM   507 C C   . ARG A 1 106 ? 2.877   12.496  2.212   1.00 49.87  ? 327 ARG A C   1 
ATOM   508 O O   . ARG A 1 106 ? 2.317   11.410  2.147   1.00 49.90  ? 327 ARG A O   1 
ATOM   509 C CB  . ARG A 1 106 ? 4.328   13.420  0.354   1.00 45.82  ? 327 ARG A CB  1 
ATOM   510 C CG  . ARG A 1 106 ? 4.376   13.997  -1.075  1.00 42.78  ? 327 ARG A CG  1 
ATOM   511 C CD  . ARG A 1 106 ? 5.789   14.055  -1.646  1.00 34.20  ? 327 ARG A CD  1 
ATOM   512 N NE  . ARG A 1 106 ? 5.753   14.093  -3.106  1.00 47.62  ? 327 ARG A NE  1 
ATOM   513 C CZ  . ARG A 1 106 ? 6.812   13.953  -3.901  1.00 38.54  ? 327 ARG A CZ  1 
ATOM   514 N NH1 . ARG A 1 106 ? 8.017   13.750  -3.389  1.00 25.20  ? 327 ARG A NH1 1 
ATOM   515 N NH2 . ARG A 1 106 ? 6.657   13.986  -5.217  1.00 30.61  ? 327 ARG A NH2 1 
ATOM   516 N N   . GLY A 1 107 ? 3.469   12.947  3.317   1.00 49.62  ? 328 GLY A N   1 
ATOM   517 C CA  . GLY A 1 107 ? 3.519   12.167  4.542   1.00 39.43  ? 328 GLY A CA  1 
ATOM   518 C C   . GLY A 1 107 ? 2.131   11.772  5.017   1.00 50.34  ? 328 GLY A C   1 
ATOM   519 O O   . GLY A 1 107 ? 1.946   10.705  5.602   1.00 51.25  ? 328 GLY A O   1 
ATOM   520 N N   . LYS A 1 108 ? 1.160   12.639  4.757   1.00 43.59  ? 329 LYS A N   1 
ATOM   521 C CA  . LYS A 1 108 ? -0.202  12.414  5.182   1.00 39.66  ? 329 LYS A CA  1 
ATOM   522 C C   . LYS A 1 108 ? -0.755  11.371  4.260   1.00 45.90  ? 329 LYS A C   1 
ATOM   523 O O   . LYS A 1 108 ? -1.410  10.438  4.716   1.00 49.15  ? 329 LYS A O   1 
ATOM   524 C CB  . LYS A 1 108 ? -1.048  13.693  5.092   1.00 37.23  ? 329 LYS A CB  1 
ATOM   525 N N   . ILE A 1 109 ? -0.490  11.521  2.963   1.00 41.28  ? 330 ILE A N   1 
ATOM   526 C CA  . ILE A 1 109 ? -0.960  10.536  1.991   1.00 42.01  ? 330 ILE A CA  1 
ATOM   527 C C   . ILE A 1 109 ? -0.313  9.171   2.218   1.00 45.79  ? 330 ILE A C   1 
ATOM   528 O O   . ILE A 1 109 ? -0.963  8.130   2.069   1.00 38.81  ? 330 ILE A O   1 
ATOM   529 C CB  . ILE A 1 109 ? -0.781  10.985  0.531   1.00 44.31  ? 330 ILE A CB  1 
ATOM   530 C CG1 . ILE A 1 109 ? -1.656  12.208  0.251   1.00 48.90  ? 330 ILE A CG1 1 
ATOM   531 C CG2 . ILE A 1 109 ? -1.208  9.868   -0.398  1.00 39.19  ? 330 ILE A CG2 1 
ATOM   532 C CD1 . ILE A 1 109 ? -1.563  12.778  -1.170  1.00 36.01  ? 330 ILE A CD1 1 
ATOM   533 N N   . ALA A 1 110 ? 0.959   9.191   2.597   1.00 33.71  ? 331 ALA A N   1 
ATOM   534 C CA  . ALA A 1 110 ? 1.662   7.993   2.987   1.00 36.33  ? 331 ALA A CA  1 
ATOM   535 C C   . ALA A 1 110 ? 0.882   7.280   4.090   1.00 45.42  ? 331 ALA A C   1 
ATOM   536 O O   . ALA A 1 110 ? 0.496   6.127   3.926   1.00 49.26  ? 331 ALA A O   1 
ATOM   537 C CB  . ALA A 1 110 ? 3.056   8.326   3.441   1.00 36.60  ? 331 ALA A CB  1 
ATOM   538 N N   . ARG A 1 111 ? 0.645   7.986   5.193   1.00 43.94  ? 332 ARG A N   1 
ATOM   539 C CA  . ARG A 1 111 ? -0.055  7.449   6.360   1.00 44.08  ? 332 ARG A CA  1 
ATOM   540 C C   . ARG A 1 111 ? -1.351  6.768   5.968   1.00 35.64  ? 332 ARG A C   1 
ATOM   541 O O   . ARG A 1 111 ? -1.544  5.613   6.269   1.00 41.96  ? 332 ARG A O   1 
ATOM   542 C CB  . ARG A 1 111 ? -0.317  8.539   7.417   1.00 41.90  ? 332 ARG A CB  1 
ATOM   543 N N   . ALA A 1 112 ? -2.218  7.484   5.271   1.00 33.81  ? 333 ALA A N   1 
ATOM   544 C CA  . ALA A 1 112 ? -3.458  6.919   4.759   1.00 38.70  ? 333 ALA A CA  1 
ATOM   545 C C   . ALA A 1 112 ? -3.241  5.658   3.922   1.00 49.63  ? 333 ALA A C   1 
ATOM   546 O O   . ALA A 1 112 ? -4.018  4.701   4.020   1.00 56.51  ? 333 ALA A O   1 
ATOM   547 C CB  . ALA A 1 112 ? -4.250  7.954   3.973   1.00 29.86  ? 333 ALA A CB  1 
ATOM   548 N N   . LEU A 1 113 ? -2.191  5.648   3.104   1.00 44.97  ? 334 LEU A N   1 
ATOM   549 C CA  . LEU A 1 113 ? -1.926  4.492   2.260   1.00 45.31  ? 334 LEU A CA  1 
ATOM   550 C C   . LEU A 1 113 ? -1.464  3.328   3.123   1.00 44.14  ? 334 LEU A C   1 
ATOM   551 O O   . LEU A 1 113 ? -1.898  2.200   2.949   1.00 37.90  ? 334 LEU A O   1 
ATOM   552 C CB  . LEU A 1 113 ? -0.860  4.796   1.211   1.00 35.54  ? 334 LEU A CB  1 
ATOM   553 C CG  . LEU A 1 113 ? -0.526  3.574   0.347   1.00 36.46  ? 334 LEU A CG  1 
ATOM   554 C CD1 . LEU A 1 113 ? -1.626  3.299   -0.675  1.00 36.14  ? 334 LEU A CD1 1 
ATOM   555 C CD2 . LEU A 1 113 ? 0.829   3.719   -0.350  1.00 47.84  ? 334 LEU A CD2 1 
ATOM   556 N N   . ALA A 1 114 ? -0.561  3.613   4.045   1.00 32.48  ? 335 ALA A N   1 
ATOM   557 C CA  . ALA A 1 114 ? 0.008   2.557   4.827   1.00 37.20  ? 335 ALA A CA  1 
ATOM   558 C C   . ALA A 1 114 ? -1.139  1.835   5.591   1.00 58.04  ? 335 ALA A C   1 
ATOM   559 O O   . ALA A 1 114 ? -1.214  0.601   5.613   1.00 44.31  ? 335 ALA A O   1 
ATOM   560 C CB  . ALA A 1 114 ? 1.055   3.102   5.746   1.00 31.10  ? 335 ALA A CB  1 
ATOM   561 N N   . GLY A 1 115 ? -2.031  2.626   6.182   1.00 49.06  ? 336 GLY A N   1 
ATOM   562 C CA  . GLY A 1 115 ? -3.222  2.133   6.829   1.00 38.51  ? 336 GLY A CA  1 
ATOM   563 C C   . GLY A 1 115 ? -4.021  1.199   5.956   1.00 45.72  ? 336 GLY A C   1 
ATOM   564 O O   . GLY A 1 115 ? -4.352  0.087   6.378   1.00 48.61  ? 336 GLY A O   1 
ATOM   565 N N   . LYS A 1 116 ? -4.339  1.640   4.743   1.00 42.13  ? 337 LYS A N   1 
ATOM   566 C CA  . LYS A 1 116 ? -5.075  0.790   3.817   1.00 43.29  ? 337 LYS A CA  1 
ATOM   567 C C   . LYS A 1 116 ? -4.302  -0.484  3.524   1.00 41.71  ? 337 LYS A C   1 
ATOM   568 O O   . LYS A 1 116 ? -4.888  -1.536  3.303   1.00 48.52  ? 337 LYS A O   1 
ATOM   569 C CB  . LYS A 1 116 ? -5.398  1.526   2.518   1.00 47.56  ? 337 LYS A CB  1 
ATOM   570 C CG  . LYS A 1 116 ? -6.772  2.123   2.491   1.00 47.41  ? 337 LYS A CG  1 
ATOM   571 C CD  . LYS A 1 116 ? -7.016  2.898   3.768   1.00 62.44  ? 337 LYS A CD  1 
ATOM   572 C CE  . LYS A 1 116 ? -8.503  3.128   4.012   1.00 61.75  ? 337 LYS A CE  1 
ATOM   573 N NZ  . LYS A 1 116 ? -8.761  3.316   5.467   1.00 67.17  ? 337 LYS A NZ  1 
ATOM   574 N N   . LEU A 1 117 ? -2.983  -0.375  3.543   1.00 41.90  ? 338 LEU A N   1 
ATOM   575 C CA  . LEU A 1 117 ? -2.107  -1.495  3.239   1.00 48.12  ? 338 LEU A CA  1 
ATOM   576 C C   . LEU A 1 117 ? -2.152  -2.531  4.366   1.00 46.89  ? 338 LEU A C   1 
ATOM   577 O O   . LEU A 1 117 ? -2.132  -3.745  4.135   1.00 39.08  ? 338 LEU A O   1 
ATOM   578 C CB  . LEU A 1 117 ? -0.666  -0.996  3.039   1.00 35.93  ? 338 LEU A CB  1 
ATOM   579 C CG  . LEU A 1 117 ? -0.338  -0.392  1.671   1.00 43.19  ? 338 LEU A CG  1 
ATOM   580 C CD1 . LEU A 1 117 ? 1.141   0.059   1.611   1.00 34.15  ? 338 LEU A CD1 1 
ATOM   581 C CD2 . LEU A 1 117 ? -0.682  -1.382  0.562   1.00 39.51  ? 338 LEU A CD2 1 
ATOM   582 N N   . ALA A 1 118 ? -2.185  -2.009  5.586   1.00 43.59  ? 339 ALA A N   1 
ATOM   583 C CA  . ALA A 1 118 ? -2.213  -2.793  6.798   1.00 39.85  ? 339 ALA A CA  1 
ATOM   584 C C   . ALA A 1 118 ? -3.485  -3.638  6.828   1.00 43.45  ? 339 ALA A C   1 
ATOM   585 O O   . ALA A 1 118 ? -3.443  -4.828  7.090   1.00 39.56  ? 339 ALA A O   1 
ATOM   586 C CB  . ALA A 1 118 ? -2.143  -1.870  7.988   1.00 39.06  ? 339 ALA A CB  1 
ATOM   587 N N   . ILE A 1 119 ? -4.608  -3.002  6.535   1.00 38.21  ? 340 ILE A N   1 
ATOM   588 C CA  . ILE A 1 119 ? -5.879  -3.689  6.392   1.00 44.53  ? 340 ILE A CA  1 
ATOM   589 C C   . ILE A 1 119 ? -5.850  -4.687  5.229   1.00 49.57  ? 340 ILE A C   1 
ATOM   590 O O   . ILE A 1 119 ? -6.277  -5.839  5.365   1.00 45.67  ? 340 ILE A O   1 
ATOM   591 C CB  . ILE A 1 119 ? -7.002  -2.658  6.188   1.00 43.35  ? 340 ILE A CB  1 
ATOM   592 C CG1 . ILE A 1 119 ? -7.215  -1.871  7.485   1.00 44.73  ? 340 ILE A CG1 1 
ATOM   593 C CG2 . ILE A 1 119 ? -8.289  -3.316  5.728   1.00 27.93  ? 340 ILE A CG2 1 
ATOM   594 C CD1 . ILE A 1 119 ? -7.714  -0.457  7.263   1.00 50.57  ? 340 ILE A CD1 1 
ATOM   595 N N   . ALA A 1 120 ? -5.333  -4.243  4.090   1.00 51.66  ? 341 ALA A N   1 
ATOM   596 C CA  . ALA A 1 120 ? -5.254  -5.087  2.907   1.00 48.84  ? 341 ALA A CA  1 
ATOM   597 C C   . ALA A 1 120 ? -4.551  -6.425  3.196   1.00 36.93  ? 341 ALA A C   1 
ATOM   598 O O   . ALA A 1 120 ? -5.004  -7.477  2.817   1.00 40.11  ? 341 ALA A O   1 
ATOM   599 C CB  . ALA A 1 120 ? -4.552  -4.319  1.779   1.00 37.05  ? 341 ALA A CB  1 
ATOM   600 N N   . ALA A 1 121 ? -3.433  -6.365  3.886   1.00 40.16  ? 342 ALA A N   1 
ATOM   601 C CA  . ALA A 1 121 ? -2.616  -7.530  4.088   1.00 34.94  ? 342 ALA A CA  1 
ATOM   602 C C   . ALA A 1 121 ? -3.291  -8.459  5.083   1.00 44.54  ? 342 ALA A C   1 
ATOM   603 O O   . ALA A 1 121 ? -3.164  -9.681  5.020   1.00 35.25  ? 342 ALA A O   1 
ATOM   604 C CB  . ALA A 1 121 ? -1.286  -7.107  4.607   1.00 33.00  ? 342 ALA A CB  1 
ATOM   605 N N   . ARG A 1 122 ? -3.971  -7.841  6.037   1.00 45.48  ? 343 ARG A N   1 
ATOM   606 C CA  . ARG A 1 122 ? -4.679  -8.547  7.084   1.00 42.86  ? 343 ARG A CA  1 
ATOM   607 C C   . ARG A 1 122 ? -5.825  -9.374  6.524   1.00 34.53  ? 343 ARG A C   1 
ATOM   608 O O   . ARG A 1 122 ? -5.903  -10.556 6.782   1.00 41.54  ? 343 ARG A O   1 
ATOM   609 C CB  . ARG A 1 122 ? -5.154  -7.541  8.111   1.00 40.73  ? 343 ARG A CB  1 
ATOM   610 C CG  . ARG A 1 122 ? -3.980  -7.010  8.899   1.00 47.68  ? 343 ARG A CG  1 
ATOM   611 C CD  . ARG A 1 122 ? -4.410  -6.085  10.015  1.00 53.44  ? 343 ARG A CD  1 
ATOM   612 N NE  . ARG A 1 122 ? -3.226  -5.529  10.649  1.00 69.63  ? 343 ARG A NE  1 
ATOM   613 C CZ  . ARG A 1 122 ? -3.115  -4.269  11.057  1.00 73.75  ? 343 ARG A CZ  1 
ATOM   614 N NH1 . ARG A 1 122 ? -4.129  -3.411  10.899  1.00 68.29  ? 343 ARG A NH1 1 
ATOM   615 N NH2 . ARG A 1 122 ? -1.982  -3.863  11.618  1.00 69.91  ? 343 ARG A NH2 1 
ATOM   616 N N   . VAL A 1 123 ? -6.692  -8.759  5.739   1.00 30.35  ? 344 VAL A N   1 
ATOM   617 C CA  . VAL A 1 123 ? -7.700  -9.510  5.022   1.00 36.64  ? 344 VAL A CA  1 
ATOM   618 C C   . VAL A 1 123 ? -7.126  -10.590 4.119   1.00 40.75  ? 344 VAL A C   1 
ATOM   619 O O   . VAL A 1 123 ? -7.759  -11.610 3.899   1.00 45.31  ? 344 VAL A O   1 
ATOM   620 C CB  . VAL A 1 123 ? -8.559  -8.599  4.178   1.00 36.14  ? 344 VAL A CB  1 
ATOM   621 C CG1 . VAL A 1 123 ? -9.508  -9.429  3.318   1.00 33.42  ? 344 VAL A CG1 1 
ATOM   622 C CG2 . VAL A 1 123 ? -9.313  -7.616  5.076   1.00 30.97  ? 344 VAL A CG2 1 
ATOM   623 N N   . ASP A 1 124 ? -5.947  -10.351 3.565   1.00 43.44  ? 345 ASP A N   1 
ATOM   624 C CA  . ASP A 1 124 ? -5.353  -11.318 2.648   1.00 48.03  ? 345 ASP A CA  1 
ATOM   625 C C   . ASP A 1 124 ? -4.846  -12.523 3.420   1.00 30.92  ? 345 ASP A C   1 
ATOM   626 O O   . ASP A 1 124 ? -4.798  -13.626 2.901   1.00 37.06  ? 345 ASP A O   1 
ATOM   627 C CB  . ASP A 1 124 ? -4.190  -10.696 1.827   1.00 36.37  ? 345 ASP A CB  1 
ATOM   628 C CG  . ASP A 1 124 ? -4.679  -9.880  0.636   1.00 43.14  ? 345 ASP A CG  1 
ATOM   629 O OD1 . ASP A 1 124 ? -5.776  -10.177 0.120   1.00 40.29  ? 345 ASP A OD1 1 
ATOM   630 O OD2 . ASP A 1 124 ? -3.965  -8.927  0.237   1.00 41.42  ? 345 ASP A OD2 1 
ATOM   631 N N   . TYR A 1 125 ? -4.415  -12.293 4.644   1.00 28.47  ? 346 TYR A N   1 
ATOM   632 C CA  . TYR A 1 125 ? -3.759  -13.335 5.400   1.00 35.74  ? 346 TYR A CA  1 
ATOM   633 C C   . TYR A 1 125 ? -4.793  -14.175 6.174   1.00 51.25  ? 346 TYR A C   1 
ATOM   634 O O   . TYR A 1 125 ? -4.838  -15.406 6.046   1.00 46.64  ? 346 TYR A O   1 
ATOM   635 C CB  . TYR A 1 125 ? -2.753  -12.724 6.346   1.00 33.09  ? 346 TYR A CB  1 
ATOM   636 C CG  . TYR A 1 125 ? -1.986  -13.730 7.128   1.00 35.16  ? 346 TYR A CG  1 
ATOM   637 C CD1 . TYR A 1 125 ? -1.137  -14.604 6.498   1.00 39.01  ? 346 TYR A CD1 1 
ATOM   638 C CD2 . TYR A 1 125 ? -2.090  -13.793 8.507   1.00 41.97  ? 346 TYR A CD2 1 
ATOM   639 C CE1 . TYR A 1 125 ? -0.420  -15.534 7.206   1.00 49.48  ? 346 TYR A CE1 1 
ATOM   640 C CE2 . TYR A 1 125 ? -1.379  -14.731 9.236   1.00 45.71  ? 346 TYR A CE2 1 
ATOM   641 C CZ  . TYR A 1 125 ? -0.549  -15.609 8.571   1.00 47.98  ? 346 TYR A CZ  1 
ATOM   642 O OH  . TYR A 1 125 ? 0.189   -16.551 9.252   1.00 50.07  ? 346 TYR A OH  1 
ATOM   643 N N   . PHE A 1 126 ? -5.668  -13.468 6.888   1.00 40.18  ? 347 PHE A N   1 
ATOM   644 C CA  . PHE A 1 126 ? -6.551  -14.009 7.900   1.00 39.82  ? 347 PHE A CA  1 
ATOM   645 C C   . PHE A 1 126 ? -7.897  -14.388 7.361   1.00 50.79  ? 347 PHE A C   1 
ATOM   646 O O   . PHE A 1 126 ? -8.541  -15.312 7.866   1.00 48.42  ? 347 PHE A O   1 
ATOM   647 C CB  . PHE A 1 126 ? -6.814  -12.935 8.947   1.00 40.50  ? 347 PHE A CB  1 
ATOM   648 C CG  . PHE A 1 126 ? -5.707  -12.777 9.924   1.00 46.97  ? 347 PHE A CG  1 
ATOM   649 C CD1 . PHE A 1 126 ? -5.084  -11.543 10.094  1.00 37.12  ? 347 PHE A CD1 1 
ATOM   650 C CD2 . PHE A 1 126 ? -5.273  -13.872 10.657  1.00 35.41  ? 347 PHE A CD2 1 
ATOM   651 C CE1 . PHE A 1 126 ? -4.054  -11.400 10.994  1.00 36.50  ? 347 PHE A CE1 1 
ATOM   652 C CE2 . PHE A 1 126 ? -4.242  -13.751 11.550  1.00 44.78  ? 347 PHE A CE2 1 
ATOM   653 C CZ  . PHE A 1 126 ? -3.624  -12.506 11.725  1.00 58.13  ? 347 PHE A CZ  1 
ATOM   654 N N   . SER A 1 127 ? -8.356  -13.645 6.369   1.00 37.28  ? 348 SER A N   1 
ATOM   655 C CA  . SER A 1 127 ? -9.737  -13.785 5.963   1.00 40.32  ? 348 SER A CA  1 
ATOM   656 C C   . SER A 1 127 ? -9.879  -14.305 4.527   1.00 50.98  ? 348 SER A C   1 
ATOM   657 O O   . SER A 1 127 ? -10.817 -15.032 4.214   1.00 56.53  ? 348 SER A O   1 
ATOM   658 C CB  . SER A 1 127 ? -10.454 -12.435 6.127   1.00 43.88  ? 348 SER A CB  1 
ATOM   659 O OG  . SER A 1 127 ? -10.727 -11.847 4.860   1.00 53.97  ? 348 SER A OG  1 
ATOM   660 N N   . GLY A 1 128 ? -8.960  -13.912 3.647   1.00 49.71  ? 349 GLY A N   1 
ATOM   661 C CA  . GLY A 1 128 ? -8.996  -14.352 2.267   1.00 30.06  ? 349 GLY A CA  1 
ATOM   662 C C   . GLY A 1 128 ? -10.122 -13.744 1.459   1.00 36.14  ? 349 GLY A C   1 
ATOM   663 O O   . GLY A 1 128 ? -10.313 -14.105 0.303   1.00 43.64  ? 349 GLY A O   1 
ATOM   664 N N   . GLU A 1 129 ? -10.875 -12.820 2.040   1.00 36.48  ? 350 GLU A N   1 
ATOM   665 C CA  . GLU A 1 129 ? -11.933 -12.144 1.285   1.00 36.11  ? 350 GLU A CA  1 
ATOM   666 C C   . GLU A 1 129 ? -11.407 -11.011 0.385   1.00 57.76  ? 350 GLU A C   1 
ATOM   667 O O   . GLU A 1 129 ? -10.266 -10.566 0.503   1.00 44.47  ? 350 GLU A O   1 
ATOM   668 C CB  . GLU A 1 129 ? -13.005 -11.582 2.229   1.00 51.08  ? 350 GLU A CB  1 
ATOM   669 C CG  . GLU A 1 129 ? -14.345 -12.325 2.186   1.00 58.95  ? 350 GLU A CG  1 
ATOM   670 C CD  . GLU A 1 129 ? -14.694 -12.835 0.791   1.00 79.61  ? 350 GLU A CD  1 
ATOM   671 O OE1 . GLU A 1 129 ? -14.928 -14.063 0.685   1.00 75.66  ? 350 GLU A OE1 1 
ATOM   672 O OE2 . GLU A 1 129 ? -14.715 -12.031 -0.186  1.00 67.01  ? 350 GLU A OE2 1 
ATOM   673 N N   . TYR A 1 130 ? -12.263 -10.524 -0.500  1.00 56.07  ? 351 TYR A N   1 
ATOM   674 C CA  . TYR A 1 130 ? -11.849 -9.503  -1.432  1.00 44.32  ? 351 TYR A CA  1 
ATOM   675 C C   . TYR A 1 130 ? -12.601 -8.200  -1.286  1.00 55.59  ? 351 TYR A C   1 
ATOM   676 O O   . TYR A 1 130 ? -13.715 -8.062  -1.785  1.00 47.41  ? 351 TYR A O   1 
ATOM   677 C CB  . TYR A 1 130 ? -11.976 -9.983  -2.867  1.00 51.63  ? 351 TYR A CB  1 
ATOM   678 C CG  . TYR A 1 130 ? -11.440 -8.951  -3.818  1.00 54.69  ? 351 TYR A CG  1 
ATOM   679 C CD1 . TYR A 1 130 ? -10.082 -8.878  -4.093  1.00 53.95  ? 351 TYR A CD1 1 
ATOM   680 C CD2 . TYR A 1 130 ? -12.280 -8.014  -4.393  1.00 54.97  ? 351 TYR A CD2 1 
ATOM   681 C CE1 . TYR A 1 130 ? -9.580  -7.921  -4.944  1.00 53.88  ? 351 TYR A CE1 1 
ATOM   682 C CE2 . TYR A 1 130 ? -11.792 -7.048  -5.238  1.00 59.93  ? 351 TYR A CE2 1 
ATOM   683 C CZ  . TYR A 1 130 ? -10.442 -7.010  -5.519  1.00 56.84  ? 351 TYR A CZ  1 
ATOM   684 O OH  . TYR A 1 130 ? -9.965  -6.049  -6.377  1.00 54.11  ? 351 TYR A OH  1 
ATOM   685 N N   . ILE A 1 131 ? -11.936 -7.241  -0.649  1.00 58.82  ? 352 ILE A N   1 
ATOM   686 C CA  . ILE A 1 131 ? -12.455 -5.921  -0.326  1.00 59.76  ? 352 ILE A CA  1 
ATOM   687 C C   . ILE A 1 131 ? -12.191 -4.860  -1.384  1.00 57.49  ? 352 ILE A C   1 
ATOM   688 O O   . ILE A 1 131 ? -12.999 -3.953  -1.593  1.00 71.90  ? 352 ILE A O   1 
ATOM   689 C CB  . ILE A 1 131 ? -11.611 -5.337  0.783   1.00 66.06  ? 352 ILE A CB  1 
ATOM   690 C CG1 . ILE A 1 131 ? -12.062 -5.810  2.147   1.00 51.25  ? 352 ILE A CG1 1 
ATOM   691 C CG2 . ILE A 1 131 ? -11.590 -3.804  0.679   1.00 66.01  ? 352 ILE A CG2 1 
ATOM   692 C CD1 . ILE A 1 131 ? -11.031 -5.412  3.197   1.00 57.68  ? 352 ILE A CD1 1 
ATOM   693 N N   . ALA A 1 132 ? -11.026 -4.983  -2.011  1.00 60.02  ? 353 ALA A N   1 
ATOM   694 C CA  . ALA A 1 132 ? -10.277 -3.883  -2.657  1.00 55.43  ? 353 ALA A CA  1 
ATOM   695 C C   . ALA A 1 132 ? -10.845 -2.453  -2.758  1.00 58.72  ? 353 ALA A C   1 
ATOM   696 O O   . ALA A 1 132 ? -10.108 -1.510  -2.489  1.00 55.09  ? 353 ALA A O   1 
ATOM   697 C CB  . ALA A 1 132 ? -9.654  -4.329  -3.980  1.00 45.02  ? 353 ALA A CB  1 
ATOM   698 N N   . GLU A 1 133 ? -12.105 -2.262  -3.154  1.00 52.96  ? 354 GLU A N   1 
ATOM   699 C CA  . GLU A 1 133 ? -12.710 -0.919  -3.058  1.00 53.05  ? 354 GLU A CA  1 
ATOM   700 C C   . GLU A 1 133 ? -12.663 -0.239  -1.662  1.00 66.25  ? 354 GLU A C   1 
ATOM   701 O O   . GLU A 1 133 ? -13.595 0.450   -1.257  1.00 70.85  ? 354 GLU A O   1 
ATOM   702 C CB  . GLU A 1 133 ? -14.138 -0.903  -3.594  1.00 51.47  ? 354 GLU A CB  1 
ATOM   703 N N   . GLU A 1 134 ? -11.580 -0.431  -0.926  1.00 56.17  ? 355 GLU A N   1 
ATOM   704 C CA  . GLU A 1 134 ? -11.215 0.529   0.091   1.00 57.30  ? 355 GLU A CA  1 
ATOM   705 C C   . GLU A 1 134 ? -10.191 1.462   -0.564  1.00 64.43  ? 355 GLU A C   1 
ATOM   706 O O   . GLU A 1 134 ? -9.570  2.302   0.096   1.00 50.38  ? 355 GLU A O   1 
ATOM   707 C CB  . GLU A 1 134 ? -10.582 -0.190  1.246   1.00 61.68  ? 355 GLU A CB  1 
ATOM   708 C CG  . GLU A 1 134 ? -9.502  -1.115  0.802   1.00 52.56  ? 355 GLU A CG  1 
ATOM   709 C CD  . GLU A 1 134 ? -9.073  -2.014  1.923   1.00 67.08  ? 355 GLU A CD  1 
ATOM   710 O OE1 . GLU A 1 134 ? -9.480  -1.726  3.072   1.00 69.26  ? 355 GLU A OE1 1 
ATOM   711 O OE2 . GLU A 1 134 ? -8.345  -2.996  1.661   1.00 68.02  ? 355 GLU A OE2 1 
ATOM   712 N N   . LEU A 1 135 ? -9.997  1.242   -1.866  1.00 62.75  ? 356 LEU A N   1 
ATOM   713 C CA  . LEU A 1 135 ? -9.402  2.214   -2.767  1.00 58.41  ? 356 LEU A CA  1 
ATOM   714 C C   . LEU A 1 135 ? -10.345 3.405   -2.717  1.00 55.60  ? 356 LEU A C   1 
ATOM   715 O O   . LEU A 1 135 ? -9.914  4.552   -2.670  1.00 61.91  ? 356 LEU A O   1 
ATOM   716 C CB  . LEU A 1 135 ? -9.319  1.642   -4.194  1.00 49.34  ? 356 LEU A CB  1 
ATOM   717 N N   . LYS A 1 136 ? -11.644 3.115   -2.684  1.00 56.67  ? 357 LYS A N   1 
ATOM   718 C CA  . LYS A 1 136 ? -12.670 4.149   -2.582  1.00 58.13  ? 357 LYS A CA  1 
ATOM   719 C C   . LYS A 1 136 ? -12.521 4.948   -1.301  1.00 56.05  ? 357 LYS A C   1 
ATOM   720 O O   . LYS A 1 136 ? -12.463 6.173   -1.330  1.00 62.71  ? 357 LYS A O   1 
ATOM   721 C CB  . LYS A 1 136 ? -14.074 3.543   -2.649  1.00 63.91  ? 357 LYS A CB  1 
ATOM   722 N N   . LYS A 1 137 ? -12.470 4.257   -0.172  1.00 57.26  ? 358 LYS A N   1 
ATOM   723 C CA  . LYS A 1 137 ? -12.253 4.936   1.089   1.00 54.38  ? 358 LYS A CA  1 
ATOM   724 C C   . LYS A 1 137 ? -11.050 5.834   0.869   1.00 58.05  ? 358 LYS A C   1 
ATOM   725 O O   . LYS A 1 137 ? -11.043 7.018   1.192   1.00 66.77  ? 358 LYS A O   1 
ATOM   726 C CB  . LYS A 1 137 ? -11.930 3.929   2.202   1.00 55.40  ? 358 LYS A CB  1 
ATOM   727 C CG  . LYS A 1 137 ? -12.959 2.825   2.432   1.00 57.48  ? 358 LYS A CG  1 
ATOM   728 C CD  . LYS A 1 137 ? -12.886 2.337   3.883   1.00 57.02  ? 358 LYS A CD  1 
ATOM   729 C CE  . LYS A 1 137 ? -11.789 1.308   4.092   1.00 58.74  ? 358 LYS A CE  1 
ATOM   730 N NZ  . LYS A 1 137 ? -11.438 1.152   5.529   1.00 56.64  ? 358 LYS A NZ  1 
ATOM   731 N N   . GLU A 1 138 ? -10.043 5.235   0.260   1.00 59.78  ? 359 GLU A N   1 
ATOM   732 C CA  . GLU A 1 138 ? -8.705  5.777   0.185   1.00 55.33  ? 359 GLU A CA  1 
ATOM   733 C C   . GLU A 1 138 ? -8.581  6.999   -0.714  1.00 60.15  ? 359 GLU A C   1 
ATOM   734 O O   . GLU A 1 138 ? -8.010  8.025   -0.308  1.00 46.78  ? 359 GLU A O   1 
ATOM   735 C CB  . GLU A 1 138 ? -7.809  4.683   -0.331  1.00 55.56  ? 359 GLU A CB  1 
ATOM   736 C CG  . GLU A 1 138 ? -6.643  5.189   -1.085  1.00 64.40  ? 359 GLU A CG  1 
ATOM   737 C CD  . GLU A 1 138 ? -5.492  5.429   -0.180  1.00 60.35  ? 359 GLU A CD  1 
ATOM   738 O OE1 . GLU A 1 138 ? -4.474  4.726   -0.361  1.00 60.84  ? 359 GLU A OE1 1 
ATOM   739 O OE2 . GLU A 1 138 ? -5.628  6.284   0.728   1.00 57.24  ? 359 GLU A OE2 1 
ATOM   740 N N   . LEU A 1 139 ? -9.098  6.880   -1.934  1.00 55.76  ? 360 LEU A N   1 
ATOM   741 C CA  . LEU A 1 139 ? -9.168  8.018   -2.825  1.00 53.00  ? 360 LEU A CA  1 
ATOM   742 C C   . LEU A 1 139 ? -9.722  9.136   -1.987  1.00 53.41  ? 360 LEU A C   1 
ATOM   743 O O   . LEU A 1 139 ? -9.060  10.132  -1.750  1.00 59.10  ? 360 LEU A O   1 
ATOM   744 C CB  . LEU A 1 139 ? -10.134 7.743   -3.969  1.00 50.12  ? 360 LEU A CB  1 
ATOM   745 N N   . GLU A 1 140 ? -10.944 8.920   -1.512  1.00 55.20  ? 361 GLU A N   1 
ATOM   746 C CA  . GLU A 1 140 ? -11.709 9.898   -0.753  1.00 54.55  ? 361 GLU A CA  1 
ATOM   747 C C   . GLU A 1 140 ? -10.913 10.663  0.293   1.00 55.23  ? 361 GLU A C   1 
ATOM   748 O O   . GLU A 1 140 ? -11.080 11.874  0.424   1.00 55.90  ? 361 GLU A O   1 
ATOM   749 C CB  . GLU A 1 140 ? -12.900 9.218   -0.084  1.00 59.01  ? 361 GLU A CB  1 
ATOM   750 N N   . ALA A 1 141 ? -10.063 9.968   1.042   1.00 44.27  ? 362 ALA A N   1 
ATOM   751 C CA  . ALA A 1 141 ? -9.238  10.642  2.032   1.00 52.26  ? 362 ALA A CA  1 
ATOM   752 C C   . ALA A 1 141 ? -8.258  11.567  1.334   1.00 58.90  ? 362 ALA A C   1 
ATOM   753 O O   . ALA A 1 141 ? -8.079  12.718  1.735   1.00 57.39  ? 362 ALA A O   1 
ATOM   754 C CB  . ALA A 1 141 ? -8.489  9.634   2.889   1.00 52.48  ? 362 ALA A CB  1 
ATOM   755 N N   . ARG A 1 142 ? -7.611  11.040  0.298   1.00 57.95  ? 363 ARG A N   1 
ATOM   756 C CA  . ARG A 1 142 ? -6.635  11.797  -0.460  1.00 56.09  ? 363 ARG A CA  1 
ATOM   757 C C   . ARG A 1 142 ? -7.262  13.146  -0.787  1.00 53.89  ? 363 ARG A C   1 
ATOM   758 O O   . ARG A 1 142 ? -6.714  14.197  -0.467  1.00 61.27  ? 363 ARG A O   1 
ATOM   759 C CB  . ARG A 1 142 ? -6.232  11.031  -1.727  1.00 55.01  ? 363 ARG A CB  1 
ATOM   760 N N   . ILE A 1 143 ? -8.442  13.101  -1.385  1.00 51.08  ? 364 ILE A N   1 
ATOM   761 C CA  . ILE A 1 143 ? -9.185  14.301  -1.729  1.00 50.00  ? 364 ILE A CA  1 
ATOM   762 C C   . ILE A 1 143 ? -9.476  15.174  -0.507  1.00 63.49  ? 364 ILE A C   1 
ATOM   763 O O   . ILE A 1 143 ? -9.525  16.401  -0.610  1.00 72.41  ? 364 ILE A O   1 
ATOM   764 C CB  . ILE A 1 143 ? -10.496 13.951  -2.437  1.00 54.50  ? 364 ILE A CB  1 
ATOM   765 N N   . LYS A 1 144 ? -9.677  14.568  0.655   1.00 55.07  ? 365 LYS A N   1 
ATOM   766 C CA  . LYS A 1 144 ? -9.796  15.389  1.840   1.00 61.15  ? 365 LYS A CA  1 
ATOM   767 C C   . LYS A 1 144 ? -8.463  16.102  1.970   1.00 57.84  ? 365 LYS A C   1 
ATOM   768 O O   . LYS A 1 144 ? -8.386  17.302  1.760   1.00 67.69  ? 365 LYS A O   1 
ATOM   769 C CB  . LYS A 1 144 ? -10.119 14.558  3.083   1.00 61.34  ? 365 LYS A CB  1 
ATOM   770 N N   . GLU A 1 145 ? -7.415  15.329  2.253   1.00 65.61  ? 366 GLU A N   1 
ATOM   771 C CA  . GLU A 1 145 ? -6.057  15.827  2.497   1.00 64.60  ? 366 GLU A CA  1 
ATOM   772 C C   . GLU A 1 145 ? -5.587  16.920  1.527   1.00 70.81  ? 366 GLU A C   1 
ATOM   773 O O   . GLU A 1 145 ? -4.751  17.766  1.869   1.00 66.18  ? 366 GLU A O   1 
ATOM   774 C CB  . GLU A 1 145 ? -5.058  14.658  2.496   1.00 60.08  ? 366 GLU A CB  1 
ATOM   775 N N   . ILE A 1 146 ? -6.123  16.912  0.317   1.00 63.54  ? 367 ILE A N   1 
ATOM   776 C CA  . ILE A 1 146 ? -5.756  17.929  -0.642  1.00 61.47  ? 367 ILE A CA  1 
ATOM   777 C C   . ILE A 1 146 ? -6.287  19.299  -0.192  1.00 65.53  ? 367 ILE A C   1 
ATOM   778 O O   . ILE A 1 146 ? -6.538  20.178  -1.018  1.00 75.83  ? 367 ILE A O   1 
ATOM   779 C CB  . ILE A 1 146 ? -6.255  17.567  -2.060  1.00 51.43  ? 367 ILE A CB  1 
ATOM   780 N N   . LYS A 1 147 ? -6.461  19.473  1.117   1.00 71.03  ? 368 LYS A N   1 
ATOM   781 C CA  . LYS A 1 147 ? -6.750  20.792  1.694   1.00 76.58  ? 368 LYS A CA  1 
ATOM   782 C C   . LYS A 1 147 ? -5.443  21.476  2.091   1.00 82.63  ? 368 LYS A C   1 
ATOM   783 O O   . LYS A 1 147 ? -5.129  21.567  3.289   1.00 66.66  ? 368 LYS A O   1 
ATOM   784 C CB  . LYS A 1 147 ? -7.690  20.687  2.909   1.00 44.39  ? 368 LYS A CB  1 
ATOM   785 N N   . GLU A 1 148 ? -4.706  21.957  1.074   1.00 58.89  ? 369 GLU A N   1 
ATOM   786 C CA  . GLU A 1 148 ? -3.347  22.467  1.239   1.00 56.35  ? 369 GLU A CA  1 
ATOM   787 C C   . GLU A 1 148 ? -2.909  23.606  0.263   1.00 78.36  ? 369 GLU A C   1 
ATOM   788 O O   . GLU A 1 148 ? -3.474  23.776  -0.836  1.00 50.88  ? 369 GLU A O   1 
ATOM   789 C CB  . GLU A 1 148 ? -2.351  21.308  1.157   1.00 44.61  ? 369 GLU A CB  1 
ATOM   790 N N   . LYS A 1 149 ? -1.903  24.390  0.685   1.00 57.45  ? 370 LYS A N   1 
ATOM   791 C CA  . LYS A 1 149 ? -1.280  25.405  -0.176  1.00 60.91  ? 370 LYS A CA  1 
ATOM   792 C C   . LYS A 1 149 ? 0.189   25.654  0.162   1.00 62.09  ? 370 LYS A C   1 
ATOM   793 O O   . LYS A 1 149 ? 0.875   26.374  -0.565  1.00 63.48  ? 370 LYS A O   1 
ATOM   794 C CB  . LYS A 1 149 ? -2.057  26.739  -0.160  1.00 59.65  ? 370 LYS A CB  1 
ATOM   795 N N   . TYR A 1 150 ? 0.664   25.054  1.251   1.00 45.65  ? 371 TYR A N   1 
ATOM   796 C CA  . TYR A 1 150 ? 2.027   25.284  1.742   1.00 50.70  ? 371 TYR A CA  1 
ATOM   797 C C   . TYR A 1 150 ? 1.942   25.899  3.136   1.00 63.83  ? 371 TYR A C   1 
ATOM   798 O O   . TYR A 1 150 ? 1.481   27.031  3.306   1.00 58.91  ? 371 TYR A O   1 
ATOM   799 C CB  . TYR A 1 150 ? 2.878   26.143  0.783   1.00 34.61  ? 371 TYR A CB  1 
ATOM   800 N N   . PRO A 1 151 ? 2.354   25.124  4.149   1.00 68.55  ? 372 PRO A N   1 
ATOM   801 C CA  . PRO A 1 151 ? 2.183   25.442  5.573   1.00 71.20  ? 372 PRO A CA  1 
ATOM   802 C C   . PRO A 1 151 ? 2.962   26.695  5.947   1.00 62.11  ? 372 PRO A C   1 
ATOM   803 O O   . PRO A 1 151 ? 3.917   27.005  5.248   1.00 59.91  ? 372 PRO A O   1 
ATOM   804 C CB  . PRO A 1 151 ? 2.794   24.209  6.274   1.00 50.41  ? 372 PRO A CB  1 
ATOM   805 C CG  . PRO A 1 151 ? 3.718   23.619  5.251   1.00 49.06  ? 372 PRO A CG  1 
ATOM   806 C CD  . PRO A 1 151 ? 2.965   23.797  3.968   1.00 54.73  ? 372 PRO A CD  1 
ATOM   807 N N   . ARG A 1 152 ? 2.567   27.381  7.021   1.00 74.06  ? 373 ARG A N   1 
ATOM   808 C CA  . ARG A 1 152 ? 3.299   28.551  7.518   1.00 66.57  ? 373 ARG A CA  1 
ATOM   809 C C   . ARG A 1 152 ? 4.185   28.207  8.715   1.00 58.96  ? 373 ARG A C   1 
ATOM   810 O O   . ARG A 1 152 ? 5.377   28.523  8.735   1.00 65.83  ? 373 ARG A O   1 
ATOM   811 C CB  . ARG A 1 152 ? 2.332   29.682  7.886   1.00 52.95  ? 373 ARG A CB  1 
HETATM 812 I I   . IOD B 2 .   ? 8.555   -1.521  -6.488  1.00 72.61  ? 1   IOD A I   1 
HETATM 813 I I   . IOD C 2 .   ? 6.608   0.619   -7.149  1.00 154.68 ? 2   IOD A I   1 
HETATM 814 I I   . IOD D 2 .   ? 8.619   -8.055  -11.155 1.00 103.99 ? 3   IOD A I   1 
HETATM 815 I I   . IOD E 2 .   ? 10.610  -8.379  -14.594 1.00 143.62 ? 4   IOD A I   1 
HETATM 816 I I   . IOD F 2 .   ? 3.431   9.037   -10.985 1.00 124.98 ? 5   IOD A I   1 
HETATM 817 I I   . IOD G 2 .   ? 3.998   -15.239 1.699   1.00 63.57  ? 6   IOD A I   1 
HETATM 818 I I   . IOD H 2 .   ? 3.011   -16.328 4.818   1.00 120.68 ? 7   IOD A I   1 
HETATM 819 I I   . IOD I 2 .   ? -5.719  8.127   7.559   1.00 137.26 ? 8   IOD A I   1 
HETATM 820 I I   . IOD J 2 .   ? -8.274  6.329   4.852   1.00 169.84 ? 9   IOD A I   1 
HETATM 821 I I   . IOD K 2 .   ? -7.051  15.355  6.636   1.00 155.34 ? 10  IOD A I   1 
HETATM 822 I I   . IOD L 2 .   ? -2.440  12.585  -7.443  1.00 165.76 ? 11  IOD A I   1 
HETATM 823 I I   . IOD M 2 .   ? -9.230  -9.464  9.110   1.00 123.74 ? 12  IOD A I   1 
HETATM 824 O O   . HOH N 3 .   ? 1.176   1.737   -7.053  1.00 37.27  ? 13  HOH A O   1 
HETATM 825 O O   . HOH N 3 .   ? 12.713  -6.822  -2.714  1.00 49.65  ? 14  HOH A O   1 
HETATM 826 O O   . HOH N 3 .   ? 13.784  -7.100  -0.143  1.00 51.73  ? 15  HOH A O   1 
HETATM 827 O O   . HOH N 3 .   ? -1.156  2.151   -8.318  1.00 55.09  ? 16  HOH A O   1 
HETATM 828 O O   . HOH N 3 .   ? -4.974  15.981  -4.054  1.00 47.19  ? 17  HOH A O   1 
HETATM 829 O O   . HOH N 3 .   ? -5.978  -8.319  -7.261  1.00 46.91  ? 18  HOH A O   1 
HETATM 830 O O   . HOH N 3 .   ? 3.435   -2.159  -8.128  1.00 34.38  ? 19  HOH A O   1 
HETATM 831 O O   . HOH N 3 .   ? -17.311 -14.385 -0.065  1.00 59.38  ? 20  HOH A O   1 
HETATM 832 O O   . HOH N 3 .   ? 9.514   -8.544  -5.255  1.00 42.43  ? 21  HOH A O   1 
HETATM 833 O O   . HOH N 3 .   ? -13.141 -1.704  5.181   1.00 51.76  ? 22  HOH A O   1 
HETATM 834 O O   . HOH N 3 .   ? -11.497 -1.358  7.015   1.00 56.81  ? 23  HOH A O   1 
HETATM 835 O O   . HOH N 3 .   ? -3.401  1.133   10.622  1.00 53.59  ? 24  HOH A O   1 
HETATM 836 O O   . HOH N 3 .   ? -3.092  -0.290  -8.579  1.00 56.71  ? 25  HOH A O   1 
HETATM 837 O O   . HOH N 3 .   ? 9.719   -9.866  -16.800 1.00 60.36  ? 26  HOH A O   1 
HETATM 838 O O   . HOH N 3 .   ? 5.958   -7.095  -11.099 1.00 52.58  ? 27  HOH A O   1 
HETATM 839 O O   . HOH N 3 .   ? 16.122  -6.561  1.044   1.00 69.71  ? 28  HOH A O   1 
HETATM 840 O O   . HOH N 3 .   ? 12.961  8.700   6.163   1.00 65.04  ? 29  HOH A O   1 
HETATM 841 O O   . HOH N 3 .   ? -7.952  -12.099 0.317   1.00 39.40  ? 30  HOH A O   1 
HETATM 842 O O   . HOH N 3 .   ? 8.619   3.647   -9.286  1.00 59.32  ? 31  HOH A O   1 
HETATM 843 O O   . HOH N 3 .   ? 11.896  0.109   -5.634  1.00 58.39  ? 32  HOH A O   1 
HETATM 844 O O   . HOH N 3 .   ? -3.024  -17.795 -9.723  1.00 58.95  ? 33  HOH A O   1 
HETATM 845 O O   . HOH N 3 .   ? 7.759   6.100   -9.066  1.00 63.51  ? 34  HOH A O   1 
HETATM 846 O O   . HOH N 3 .   ? 6.386   -8.758  11.038  1.00 47.61  ? 35  HOH A O   1 
HETATM 847 O O   . HOH N 3 .   ? 10.482  -1.774  -4.871  1.00 52.89  ? 36  HOH A O   1 
HETATM 848 O O   . HOH N 3 .   ? 3.848   -7.992  -11.927 1.00 57.05  ? 37  HOH A O   1 
HETATM 849 O O   . HOH N 3 .   ? -6.245  -10.869 -7.789  1.00 53.72  ? 38  HOH A O   1 
HETATM 850 O O   . HOH N 3 .   ? -18.065 -12.363 1.196   1.00 73.09  ? 39  HOH A O   1 
HETATM 851 O O   . HOH N 3 .   ? -6.814  -7.334  11.871  1.00 43.37  ? 40  HOH A O   1 
HETATM 852 O O   . HOH N 3 .   ? 8.676   -7.700  9.255   1.00 44.48  ? 41  HOH A O   1 
HETATM 853 O O   . HOH N 3 .   ? -5.833  -6.524  -9.506  1.00 52.03  ? 42  HOH A O   1 
HETATM 854 O O   . HOH N 3 .   ? -6.262  -15.340 -1.502  1.00 40.89  ? 43  HOH A O   1 
HETATM 855 O O   . HOH N 3 .   ? 4.061   2.309   -7.688  1.00 43.09  ? 44  HOH A O   1 
HETATM 856 O O   . HOH N 3 .   ? -13.281 -2.591  -5.216  1.00 51.00  ? 45  HOH A O   1 
HETATM 857 O O   . HOH N 3 .   ? 4.174   15.594  4.190   1.00 49.43  ? 46  HOH A O   1 
HETATM 858 O O   . HOH N 3 .   ? -4.503  -8.267  12.667  1.00 57.68  ? 47  HOH A O   1 
HETATM 859 O O   . HOH N 3 .   ? 5.392   -18.678 -22.228 1.00 59.25  ? 48  HOH A O   1 
HETATM 860 O O   . HOH N 3 .   ? 5.071   31.121  10.414  1.00 64.21  ? 49  HOH A O   1 
HETATM 861 O O   . HOH N 3 .   ? 18.391  3.884   2.946   1.00 76.89  ? 50  HOH A O   1 
HETATM 862 O O   . HOH N 3 .   ? 11.630  10.783  6.699   1.00 63.28  ? 51  HOH A O   1 
HETATM 863 O O   . HOH N 3 .   ? 2.493   11.445  8.539   1.00 42.03  ? 52  HOH A O   1 
HETATM 864 O O   . HOH N 3 .   ? -4.230  18.874  6.728   1.00 69.62  ? 53  HOH A O   1 
HETATM 865 O O   . HOH N 3 .   ? -0.359  26.455  7.708   1.00 51.54  ? 54  HOH A O   1 
HETATM 866 O O   . HOH N 3 .   ? 5.454   7.149   -9.022  1.00 62.84  ? 55  HOH A O   1 
HETATM 867 O O   . HOH N 3 .   ? -10.180 6.122   -5.957  1.00 63.28  ? 56  HOH A O   1 
HETATM 868 O O   . HOH N 3 .   ? -11.508 4.589   -7.010  1.00 69.12  ? 57  HOH A O   1 
HETATM 869 O O   . HOH N 3 .   ? 9.534   1.464   -9.962  1.00 72.91  ? 58  HOH A O   1 
HETATM 870 O O   . HOH N 3 .   ? -3.432  20.232  4.066   1.00 65.36  ? 391 HOH A O   1 
HETATM 871 O O   . HOH N 3 .   ? -2.255  -0.426  12.205  1.00 45.21  ? 392 HOH A O   1 
HETATM 872 O O   . HOH N 3 .   ? -1.490  23.706  -1.980  1.00 59.63  ? 393 HOH A O   1 
HETATM 873 O O   . HOH N 3 .   ? -4.398  -14.772 0.395   1.00 39.72  ? 394 HOH A O   1 
HETATM 874 O O   . HOH N 3 .   ? -4.968  2.177   -5.074  1.00 44.37  ? 395 HOH A O   1 
HETATM 875 O O   . HOH N 3 .   ? 13.040  -2.424  5.281   1.00 42.58  ? 396 HOH A O   1 
HETATM 876 O O   . HOH N 3 .   ? -8.692  -6.102  9.127   1.00 45.94  ? 397 HOH A O   1 
HETATM 877 O O   . HOH N 3 .   ? 9.399   -18.998 -17.398 1.00 48.73  ? 398 HOH A O   1 
HETATM 878 O O   . HOH N 3 .   ? 8.461   -6.570  -6.787  1.00 52.55  ? 399 HOH A O   1 
HETATM 879 O O   . HOH N 3 .   ? -2.792  16.042  -4.456  1.00 36.90  ? 400 HOH A O   1 
HETATM 880 O O   . HOH N 3 .   ? -7.630  -4.649  10.532  1.00 44.22  ? 401 HOH A O   1 
HETATM 881 O O   . HOH N 3 .   ? 6.789   1.721   13.900  1.00 52.71  ? 402 HOH A O   1 
# 
